data_8YUN
#
_entry.id   8YUN
#
_cell.length_a   82.077
_cell.length_b   82.213
_cell.length_c   100.116
_cell.angle_alpha   89.990
_cell.angle_beta   90.307
_cell.angle_gamma   119.728
#
_symmetry.space_group_name_H-M   'P 1'
#
loop_
_entity.id
_entity.type
_entity.pdbx_description
1 polymer 'Hcp1 family type VI secretion system effector'
2 water water
#
_entity_poly.entity_id   1
_entity_poly.type   'polypeptide(L)'
_entity_poly.pdbx_seq_one_letter_code
;MAQDIFLKIDGINGESLDDSHKDEIEVLNWNWEIQQESTMHTGSGGGAGKASVKDLTFEHAIDRASPNLMKYALTGKHVD
QAVLVMRKAGGNPLEYLKLTMSDVIITRVRPSGSRDDTERSRETVSLSFAKVKQEYVVQNAQGGSGGAVTTSFDIKGNKE
A
;
_entity_poly.pdbx_strand_id   A,B,C,D,E,G,K,H,I,F,L,J
#
# COMPACT_ATOMS: atom_id res chain seq x y z
N ALA A 2 -25.94 7.22 -2.90
CA ALA A 2 -26.09 8.05 -4.09
C ALA A 2 -27.29 8.99 -3.95
N GLN A 3 -27.00 10.27 -3.72
CA GLN A 3 -28.03 11.27 -3.51
C GLN A 3 -28.70 11.64 -4.85
N ASP A 4 -29.69 12.52 -4.78
CA ASP A 4 -30.40 13.01 -5.95
C ASP A 4 -30.30 14.53 -6.01
N ILE A 5 -30.03 15.05 -7.21
CA ILE A 5 -29.91 16.48 -7.44
C ILE A 5 -30.92 16.89 -8.50
N PHE A 6 -31.68 17.94 -8.22
CA PHE A 6 -32.70 18.44 -9.13
C PHE A 6 -32.48 19.92 -9.41
N LEU A 7 -32.89 20.34 -10.61
CA LEU A 7 -32.83 21.73 -11.01
C LEU A 7 -34.15 22.10 -11.67
N LYS A 8 -34.82 23.11 -11.14
CA LYS A 8 -36.11 23.56 -11.64
C LYS A 8 -35.93 24.93 -12.28
N ILE A 9 -36.05 24.98 -13.61
CA ILE A 9 -35.88 26.21 -14.38
C ILE A 9 -37.24 26.59 -14.95
N ASP A 10 -37.62 27.85 -14.78
CA ASP A 10 -38.91 28.32 -15.27
C ASP A 10 -38.95 28.29 -16.79
N GLY A 11 -39.94 27.60 -17.35
CA GLY A 11 -40.13 27.51 -18.78
C GLY A 11 -39.32 26.43 -19.46
N ILE A 12 -38.45 25.73 -18.74
CA ILE A 12 -37.62 24.67 -19.31
C ILE A 12 -37.83 23.44 -18.43
N ASN A 13 -38.72 22.55 -18.84
CA ASN A 13 -39.01 21.35 -18.08
C ASN A 13 -38.09 20.21 -18.50
N GLY A 14 -37.80 19.35 -17.54
CA GLY A 14 -37.05 18.12 -17.78
C GLY A 14 -37.97 16.93 -17.95
N GLU A 15 -37.47 15.75 -17.58
CA GLU A 15 -38.28 14.54 -17.61
C GLU A 15 -38.07 13.70 -16.36
N SER A 16 -37.87 14.34 -15.21
CA SER A 16 -37.71 13.62 -13.96
C SER A 16 -39.02 12.96 -13.57
N LEU A 17 -38.95 11.70 -13.17
CA LEU A 17 -40.11 10.95 -12.72
C LEU A 17 -40.30 11.02 -11.21
N ASP A 18 -39.48 11.79 -10.50
CA ASP A 18 -39.63 11.92 -9.06
C ASP A 18 -40.97 12.57 -8.73
N ASP A 19 -41.63 12.05 -7.70
CA ASP A 19 -42.97 12.51 -7.35
C ASP A 19 -42.97 13.97 -6.93
N SER A 20 -42.02 14.37 -6.08
CA SER A 20 -41.97 15.73 -5.57
C SER A 20 -41.24 16.68 -6.50
N HIS A 21 -40.52 16.19 -7.50
CA HIS A 21 -39.74 17.00 -8.43
C HIS A 21 -39.99 16.55 -9.86
N LYS A 22 -41.26 16.36 -10.20
CA LYS A 22 -41.62 15.94 -11.55
C LYS A 22 -41.33 17.05 -12.55
N ASP A 23 -40.92 16.65 -13.76
CA ASP A 23 -40.66 17.57 -14.87
C ASP A 23 -39.54 18.56 -14.54
N GLU A 24 -38.59 18.16 -13.70
CA GLU A 24 -37.41 18.94 -13.41
C GLU A 24 -36.19 18.26 -14.02
N ILE A 25 -35.10 19.02 -14.11
CA ILE A 25 -33.86 18.50 -14.69
C ILE A 25 -33.10 17.74 -13.61
N GLU A 26 -32.78 16.48 -13.88
CA GLU A 26 -31.96 15.68 -12.97
C GLU A 26 -30.49 15.97 -13.26
N VAL A 27 -29.79 16.50 -12.26
CA VAL A 27 -28.41 16.96 -12.41
C VAL A 27 -27.47 15.87 -11.93
N LEU A 28 -26.55 15.45 -12.80
CA LEU A 28 -25.56 14.46 -12.40
C LEU A 28 -24.50 15.08 -11.50
N ASN A 29 -24.03 16.28 -11.84
CA ASN A 29 -23.05 16.99 -11.02
C ASN A 29 -23.11 18.47 -11.37
N TRP A 30 -22.62 19.29 -10.44
CA TRP A 30 -22.68 20.73 -10.62
C TRP A 30 -21.53 21.37 -9.85
N ASN A 31 -21.24 22.63 -10.19
CA ASN A 31 -20.21 23.39 -9.50
C ASN A 31 -20.51 24.88 -9.64
N TRP A 32 -19.93 25.66 -8.74
CA TRP A 32 -20.09 27.11 -8.72
C TRP A 32 -18.85 27.70 -8.04
N GLU A 33 -18.58 28.97 -8.33
CA GLU A 33 -17.40 29.61 -7.78
C GLU A 33 -17.63 31.11 -7.65
N ILE A 34 -17.08 31.70 -6.59
CA ILE A 34 -17.08 33.13 -6.37
C ILE A 34 -15.65 33.56 -6.05
N GLN A 35 -15.18 34.62 -6.69
CA GLN A 35 -13.82 35.11 -6.50
C GLN A 35 -13.84 36.62 -6.33
N GLN A 36 -12.81 37.13 -5.65
CA GLN A 36 -12.70 38.56 -5.39
C GLN A 36 -11.91 39.26 -6.50
N LYS A 50 -17.06 44.64 -6.83
CA LYS A 50 -16.28 44.10 -5.72
C LYS A 50 -15.72 42.73 -6.05
N ALA A 51 -16.59 41.72 -6.02
CA ALA A 51 -16.21 40.34 -6.28
C ALA A 51 -16.79 39.87 -7.61
N SER A 52 -16.18 38.82 -8.16
CA SER A 52 -16.62 38.23 -9.42
C SER A 52 -17.39 36.95 -9.14
N VAL A 53 -18.60 36.86 -9.66
CA VAL A 53 -19.46 35.71 -9.49
C VAL A 53 -19.43 34.91 -10.78
N LYS A 54 -18.89 33.69 -10.72
CA LYS A 54 -18.77 32.85 -11.90
C LYS A 54 -20.10 32.17 -12.19
N ASP A 55 -20.27 31.78 -13.45
CA ASP A 55 -21.50 31.11 -13.86
C ASP A 55 -21.60 29.73 -13.21
N LEU A 56 -22.82 29.36 -12.82
CA LEU A 56 -23.05 28.05 -12.22
C LEU A 56 -23.14 27.00 -13.31
N THR A 57 -22.29 25.98 -13.22
CA THR A 57 -22.20 24.92 -14.22
C THR A 57 -22.78 23.63 -13.63
N PHE A 58 -23.70 23.01 -14.36
CA PHE A 58 -24.27 21.72 -13.98
C PHE A 58 -24.26 20.80 -15.18
N GLU A 59 -24.19 19.50 -14.90
CA GLU A 59 -24.15 18.48 -15.93
C GLU A 59 -25.39 17.60 -15.84
N HIS A 60 -26.06 17.39 -16.96
CA HIS A 60 -27.23 16.54 -17.03
C HIS A 60 -27.21 15.78 -18.35
N ALA A 61 -27.88 14.62 -18.35
CA ALA A 61 -28.03 13.86 -19.58
C ALA A 61 -28.92 14.62 -20.57
N ILE A 62 -28.68 14.37 -21.86
CA ILE A 62 -29.48 15.01 -22.89
C ILE A 62 -30.92 14.52 -22.75
N ASP A 63 -31.85 15.46 -22.57
CA ASP A 63 -33.22 15.13 -22.22
C ASP A 63 -34.14 16.17 -22.85
N ARG A 64 -35.38 16.23 -22.37
CA ARG A 64 -36.39 17.14 -22.94
C ARG A 64 -35.95 18.60 -22.89
N ALA A 65 -35.20 18.97 -21.84
CA ALA A 65 -34.81 20.37 -21.67
C ALA A 65 -33.73 20.81 -22.64
N SER A 66 -33.02 19.88 -23.26
CA SER A 66 -31.87 20.23 -24.11
C SER A 66 -32.25 21.13 -25.28
N PRO A 67 -33.28 20.83 -26.08
CA PRO A 67 -33.60 21.74 -27.20
C PRO A 67 -33.92 23.16 -26.75
N ASN A 68 -34.61 23.33 -25.62
CA ASN A 68 -34.93 24.67 -25.14
C ASN A 68 -33.71 25.36 -24.53
N LEU A 69 -32.80 24.58 -23.92
CA LEU A 69 -31.59 25.17 -23.36
C LEU A 69 -30.72 25.77 -24.47
N MET A 70 -30.62 25.08 -25.61
CA MET A 70 -29.84 25.63 -26.72
C MET A 70 -30.47 26.91 -27.26
N LYS A 71 -31.80 26.92 -27.42
CA LYS A 71 -32.47 28.09 -27.97
C LYS A 71 -32.34 29.30 -27.03
N TYR A 72 -32.48 29.07 -25.73
CA TYR A 72 -32.31 30.15 -24.76
C TYR A 72 -30.86 30.63 -24.74
N ALA A 73 -29.90 29.72 -24.87
CA ALA A 73 -28.50 30.13 -24.94
C ALA A 73 -28.22 30.99 -26.16
N LEU A 74 -28.79 30.62 -27.30
CA LEU A 74 -28.57 31.40 -28.53
C LEU A 74 -29.33 32.72 -28.49
N THR A 75 -30.59 32.69 -28.06
CA THR A 75 -31.39 33.92 -28.02
C THR A 75 -30.97 34.82 -26.87
N GLY A 76 -30.48 34.26 -25.78
CA GLY A 76 -30.10 35.05 -24.63
C GLY A 76 -31.26 35.55 -23.79
N LYS A 77 -32.45 35.01 -23.99
CA LYS A 77 -33.61 35.44 -23.22
C LYS A 77 -33.46 35.06 -21.75
N HIS A 78 -34.02 35.91 -20.88
CA HIS A 78 -33.98 35.68 -19.45
C HIS A 78 -35.12 34.76 -19.01
N VAL A 79 -34.86 33.93 -18.02
CA VAL A 79 -35.90 33.15 -17.36
C VAL A 79 -36.02 33.66 -15.93
N ASP A 80 -37.22 33.49 -15.36
CA ASP A 80 -37.52 34.12 -14.08
C ASP A 80 -36.66 33.56 -12.94
N GLN A 81 -36.53 32.23 -12.88
CA GLN A 81 -35.89 31.63 -11.72
C GLN A 81 -35.33 30.26 -12.09
N ALA A 82 -34.33 29.84 -11.32
CA ALA A 82 -33.76 28.50 -11.43
C ALA A 82 -33.31 28.06 -10.05
N VAL A 83 -33.90 26.97 -9.55
CA VAL A 83 -33.68 26.50 -8.19
C VAL A 83 -32.97 25.16 -8.23
N LEU A 84 -31.82 25.09 -7.59
CA LEU A 84 -31.03 23.86 -7.50
C LEU A 84 -31.19 23.25 -6.12
N VAL A 85 -31.53 21.95 -6.08
CA VAL A 85 -31.85 21.26 -4.84
C VAL A 85 -31.08 19.95 -4.80
N MET A 86 -30.44 19.67 -3.67
CA MET A 86 -29.81 18.38 -3.40
C MET A 86 -30.54 17.70 -2.25
N ARG A 87 -30.83 16.42 -2.42
CA ARG A 87 -31.58 15.64 -1.44
C ARG A 87 -30.82 14.35 -1.13
N LYS A 88 -30.76 14.00 0.15
CA LYS A 88 -30.04 12.81 0.56
C LYS A 88 -30.79 11.55 0.14
N ALA A 89 -30.06 10.44 0.13
CA ALA A 89 -30.59 9.13 -0.22
C ALA A 89 -31.02 8.38 1.04
N GLY A 90 -31.36 7.10 0.88
CA GLY A 90 -31.75 6.29 2.00
C GLY A 90 -33.16 6.59 2.48
N GLY A 91 -33.40 6.27 3.74
CA GLY A 91 -34.70 6.47 4.36
C GLY A 91 -34.94 7.85 4.92
N ASN A 92 -34.02 8.78 4.71
CA ASN A 92 -34.14 10.16 5.20
C ASN A 92 -33.93 11.11 4.04
N PRO A 93 -34.93 11.26 3.17
CA PRO A 93 -34.80 12.15 1.98
C PRO A 93 -34.97 13.63 2.32
N LEU A 94 -33.92 14.22 2.88
CA LEU A 94 -33.92 15.62 3.29
C LEU A 94 -33.28 16.47 2.21
N GLU A 95 -33.98 17.52 1.80
CA GLU A 95 -33.44 18.51 0.86
C GLU A 95 -32.56 19.47 1.65
N TYR A 96 -31.29 19.13 1.77
CA TYR A 96 -30.37 19.83 2.66
C TYR A 96 -29.74 21.06 2.03
N LEU A 97 -29.87 21.26 0.72
CA LEU A 97 -29.29 22.42 0.05
C LEU A 97 -30.24 22.89 -1.05
N LYS A 98 -30.63 24.16 -0.98
CA LYS A 98 -31.48 24.78 -1.98
C LYS A 98 -30.82 26.08 -2.43
N LEU A 99 -30.43 26.13 -3.70
CA LEU A 99 -29.75 27.30 -4.27
C LEU A 99 -30.70 27.95 -5.27
N THR A 100 -31.28 29.09 -4.86
CA THR A 100 -32.26 29.80 -5.66
C THR A 100 -31.58 30.94 -6.41
N MET A 101 -31.81 31.01 -7.73
CA MET A 101 -31.20 32.00 -8.58
C MET A 101 -32.29 32.76 -9.34
N SER A 102 -32.24 34.08 -9.28
CA SER A 102 -33.23 34.93 -9.92
C SER A 102 -32.60 35.66 -11.11
N ASP A 103 -33.42 35.89 -12.14
CA ASP A 103 -32.97 36.52 -13.39
C ASP A 103 -31.84 35.71 -14.01
N VAL A 104 -32.17 34.48 -14.39
CA VAL A 104 -31.20 33.50 -14.85
C VAL A 104 -31.03 33.62 -16.36
N ILE A 105 -29.77 33.51 -16.81
CA ILE A 105 -29.42 33.54 -18.23
C ILE A 105 -28.69 32.25 -18.56
N ILE A 106 -29.07 31.62 -19.67
CA ILE A 106 -28.34 30.47 -20.19
C ILE A 106 -27.12 30.98 -20.94
N THR A 107 -25.92 30.64 -20.45
CA THR A 107 -24.68 31.17 -21.01
C THR A 107 -23.85 30.14 -21.77
N ARG A 108 -23.99 28.85 -21.47
CA ARG A 108 -23.16 27.84 -22.11
C ARG A 108 -23.93 26.52 -22.16
N VAL A 109 -23.92 25.88 -23.32
CA VAL A 109 -24.49 24.55 -23.50
C VAL A 109 -23.48 23.70 -24.27
N ARG A 110 -23.15 22.53 -23.73
CA ARG A 110 -22.15 21.65 -24.33
C ARG A 110 -22.70 20.23 -24.44
N PRO A 111 -23.52 19.96 -25.45
CA PRO A 111 -23.97 18.57 -25.67
C PRO A 111 -22.84 17.69 -26.19
N SER A 112 -22.93 16.41 -25.86
CA SER A 112 -21.95 15.44 -26.33
C SER A 112 -22.60 14.06 -26.31
N GLY A 113 -22.01 13.14 -27.08
CA GLY A 113 -22.52 11.79 -27.15
C GLY A 113 -21.46 10.84 -27.65
N SER A 114 -21.65 9.56 -27.33
CA SER A 114 -20.74 8.51 -27.75
C SER A 114 -21.52 7.22 -27.97
N ARG A 115 -20.98 6.36 -28.83
CA ARG A 115 -21.61 5.07 -29.08
C ARG A 115 -21.48 4.12 -27.89
N ARG A 120 -25.44 6.34 -23.54
CA ARG A 120 -25.54 7.45 -22.61
C ARG A 120 -24.85 8.70 -23.16
N SER A 121 -25.50 9.85 -22.98
CA SER A 121 -25.00 11.12 -23.49
C SER A 121 -25.34 12.22 -22.50
N ARG A 122 -24.34 13.01 -22.12
CA ARG A 122 -24.50 14.07 -21.13
C ARG A 122 -24.35 15.44 -21.79
N GLU A 123 -24.75 16.47 -21.04
CA GLU A 123 -24.71 17.84 -21.54
C GLU A 123 -24.37 18.77 -20.39
N THR A 124 -23.42 19.68 -20.64
CA THR A 124 -22.97 20.63 -19.64
C THR A 124 -23.57 22.00 -19.93
N VAL A 125 -24.24 22.58 -18.94
CA VAL A 125 -24.94 23.85 -19.10
C VAL A 125 -24.49 24.80 -17.99
N SER A 126 -24.29 26.07 -18.34
CA SER A 126 -23.90 27.12 -17.40
C SER A 126 -25.00 28.15 -17.28
N LEU A 127 -25.15 28.69 -16.06
CA LEU A 127 -26.21 29.64 -15.76
C LEU A 127 -25.62 30.93 -15.18
N SER A 128 -26.14 32.07 -15.61
CA SER A 128 -25.79 33.37 -15.07
C SER A 128 -27.04 34.02 -14.49
N PHE A 129 -26.91 34.60 -13.30
CA PHE A 129 -28.05 35.10 -12.56
C PHE A 129 -27.70 36.42 -11.88
N ALA A 130 -28.73 37.19 -11.57
CA ALA A 130 -28.57 38.49 -10.92
C ALA A 130 -28.71 38.42 -9.41
N LYS A 131 -29.46 37.46 -8.89
CA LYS A 131 -29.64 37.28 -7.45
C LYS A 131 -29.50 35.81 -7.11
N VAL A 132 -28.97 35.54 -5.91
CA VAL A 132 -28.71 34.18 -5.45
C VAL A 132 -29.16 34.05 -4.00
N LYS A 133 -29.77 32.92 -3.68
CA LYS A 133 -30.15 32.59 -2.31
C LYS A 133 -29.78 31.14 -2.04
N GLN A 134 -29.11 30.90 -0.91
CA GLN A 134 -28.70 29.56 -0.51
C GLN A 134 -29.34 29.22 0.83
N GLU A 135 -29.91 28.01 0.91
CA GLU A 135 -30.50 27.51 2.15
C GLU A 135 -29.90 26.14 2.45
N TYR A 136 -29.33 26.00 3.64
CA TYR A 136 -28.74 24.74 4.08
C TYR A 136 -29.49 24.23 5.30
N VAL A 137 -29.77 22.94 5.33
CA VAL A 137 -30.49 22.30 6.43
C VAL A 137 -29.57 21.28 7.08
N VAL A 138 -29.36 21.43 8.38
CA VAL A 138 -28.55 20.49 9.14
C VAL A 138 -29.39 19.25 9.42
N GLN A 139 -28.76 18.08 9.32
CA GLN A 139 -29.43 16.82 9.59
C GLN A 139 -29.01 16.29 10.96
N ASN A 140 -29.99 15.92 11.78
CA ASN A 140 -29.75 15.45 13.12
C ASN A 140 -29.45 13.95 13.11
N ALA A 141 -29.28 13.39 14.31
CA ALA A 141 -28.96 11.96 14.44
C ALA A 141 -30.10 11.07 13.98
N GLN A 142 -31.33 11.58 13.93
CA GLN A 142 -32.49 10.82 13.49
C GLN A 142 -32.74 10.92 12.00
N GLY A 143 -31.92 11.69 11.27
CA GLY A 143 -32.10 11.85 9.85
C GLY A 143 -33.08 12.94 9.45
N GLY A 144 -33.68 13.64 10.40
CA GLY A 144 -34.64 14.69 10.13
C GLY A 144 -33.98 16.03 9.92
N SER A 145 -34.81 17.07 9.98
CA SER A 145 -34.34 18.44 9.80
C SER A 145 -33.88 19.02 11.14
N GLY A 146 -32.74 19.72 11.09
CA GLY A 146 -32.22 20.38 12.27
C GLY A 146 -32.40 21.88 12.21
N GLY A 147 -31.34 22.60 11.87
CA GLY A 147 -31.38 24.05 11.74
C GLY A 147 -31.17 24.46 10.30
N ALA A 148 -31.89 25.49 9.88
CA ALA A 148 -31.81 26.02 8.52
C ALA A 148 -31.08 27.36 8.55
N VAL A 149 -30.06 27.49 7.69
CA VAL A 149 -29.28 28.71 7.58
C VAL A 149 -29.43 29.22 6.16
N THR A 150 -29.88 30.47 6.03
CA THR A 150 -30.18 31.06 4.72
C THR A 150 -29.49 32.42 4.61
N THR A 151 -28.85 32.66 3.47
CA THR A 151 -28.25 33.94 3.16
C THR A 151 -28.66 34.36 1.76
N SER A 152 -28.81 35.68 1.56
CA SER A 152 -29.24 36.24 0.30
C SER A 152 -28.32 37.39 -0.10
N PHE A 153 -28.21 37.60 -1.41
CA PHE A 153 -27.39 38.68 -1.94
C PHE A 153 -27.87 39.04 -3.33
N ASP A 154 -27.94 40.35 -3.61
CA ASP A 154 -28.33 40.86 -4.92
C ASP A 154 -27.04 41.22 -5.66
N ILE A 155 -26.64 40.37 -6.60
CA ILE A 155 -25.37 40.55 -7.29
C ILE A 155 -25.42 41.74 -8.23
N LYS A 156 -26.51 41.87 -9.00
CA LYS A 156 -26.60 42.93 -9.99
C LYS A 156 -26.60 44.31 -9.33
N GLY A 157 -27.43 44.49 -8.30
CA GLY A 157 -27.52 45.75 -7.59
C GLY A 157 -26.48 45.96 -6.52
N ASN A 158 -25.60 44.99 -6.30
CA ASN A 158 -24.54 45.08 -5.30
C ASN A 158 -25.09 45.34 -3.90
N ALA B 2 8.33 -8.90 -10.24
CA ALA B 2 7.28 -9.89 -10.00
C ALA B 2 7.22 -10.91 -11.14
N GLN B 3 7.50 -12.17 -10.81
CA GLN B 3 7.51 -13.24 -11.79
C GLN B 3 6.10 -13.78 -12.01
N ASP B 4 5.99 -14.76 -12.91
CA ASP B 4 4.74 -15.42 -13.21
C ASP B 4 4.87 -16.91 -12.95
N ILE B 5 3.85 -17.50 -12.31
CA ILE B 5 3.82 -18.91 -11.99
C ILE B 5 2.56 -19.51 -12.61
N PHE B 6 2.71 -20.65 -13.28
CA PHE B 6 1.60 -21.31 -13.94
C PHE B 6 1.53 -22.77 -13.49
N LEU B 7 0.32 -23.32 -13.52
CA LEU B 7 0.09 -24.73 -13.22
C LEU B 7 -0.83 -25.30 -14.28
N LYS B 8 -0.43 -26.42 -14.87
CA LYS B 8 -1.19 -27.08 -15.92
C LYS B 8 -1.66 -28.44 -15.40
N ILE B 9 -2.97 -28.55 -15.15
CA ILE B 9 -3.58 -29.78 -14.67
C ILE B 9 -4.47 -30.34 -15.77
N ASP B 10 -4.27 -31.61 -16.11
CA ASP B 10 -5.02 -32.24 -17.19
C ASP B 10 -6.49 -32.34 -16.82
N GLY B 11 -7.35 -31.71 -17.63
CA GLY B 11 -8.77 -31.75 -17.42
C GLY B 11 -9.32 -30.66 -16.51
N ILE B 12 -8.46 -29.88 -15.87
CA ILE B 12 -8.88 -28.80 -14.97
C ILE B 12 -8.23 -27.52 -15.49
N ASN B 13 -8.96 -26.78 -16.32
CA ASN B 13 -8.44 -25.57 -16.93
C ASN B 13 -8.69 -24.36 -16.05
N GLY B 14 -7.75 -23.43 -16.08
CA GLY B 14 -7.90 -22.14 -15.44
C GLY B 14 -8.44 -21.10 -16.40
N GLU B 15 -8.10 -19.84 -16.14
CA GLU B 15 -8.49 -18.74 -17.03
C GLU B 15 -7.32 -17.79 -17.23
N SER B 16 -6.12 -18.33 -17.39
CA SER B 16 -4.96 -17.51 -17.67
C SER B 16 -5.01 -17.00 -19.10
N LEU B 17 -4.74 -15.71 -19.28
CA LEU B 17 -4.75 -15.08 -20.60
C LEU B 17 -3.36 -15.03 -21.23
N ASP B 18 -2.36 -15.63 -20.59
CA ASP B 18 -1.02 -15.65 -21.16
C ASP B 18 -1.00 -16.42 -22.47
N ASP B 19 -0.26 -15.88 -23.45
CA ASP B 19 -0.26 -16.46 -24.78
C ASP B 19 0.30 -17.88 -24.78
N SER B 20 1.40 -18.10 -24.07
CA SER B 20 2.04 -19.41 -24.04
C SER B 20 1.49 -20.32 -22.96
N HIS B 21 0.64 -19.80 -22.07
CA HIS B 21 0.10 -20.58 -20.95
C HIS B 21 -1.38 -20.30 -20.78
N LYS B 22 -2.12 -20.27 -21.89
CA LYS B 22 -3.55 -19.98 -21.84
C LYS B 22 -4.31 -21.13 -21.20
N ASP B 23 -5.39 -20.77 -20.49
CA ASP B 23 -6.29 -21.72 -19.83
C ASP B 23 -5.61 -22.53 -18.74
N GLU B 24 -4.46 -22.06 -18.26
CA GLU B 24 -3.80 -22.68 -17.12
C GLU B 24 -4.14 -21.93 -15.84
N ILE B 25 -3.73 -22.50 -14.71
CA ILE B 25 -3.96 -21.89 -13.41
C ILE B 25 -2.80 -20.97 -13.08
N GLU B 26 -3.10 -19.70 -12.79
CA GLU B 26 -2.09 -18.76 -12.32
C GLU B 26 -1.91 -18.95 -10.82
N VAL B 27 -0.71 -19.34 -10.40
CA VAL B 27 -0.44 -19.68 -9.02
C VAL B 27 0.20 -18.47 -8.33
N LEU B 28 -0.48 -17.95 -7.31
CA LEU B 28 0.07 -16.82 -6.56
C LEU B 28 1.29 -17.24 -5.75
N ASN B 29 1.20 -18.38 -5.06
CA ASN B 29 2.33 -18.89 -4.28
C ASN B 29 2.16 -20.40 -4.12
N TRP B 30 3.28 -21.06 -3.83
CA TRP B 30 3.27 -22.51 -3.70
C TRP B 30 4.41 -22.93 -2.78
N ASN B 31 4.33 -24.15 -2.28
CA ASN B 31 5.38 -24.73 -1.45
C ASN B 31 5.33 -26.24 -1.57
N TRP B 32 6.47 -26.88 -1.25
CA TRP B 32 6.59 -28.33 -1.27
C TRP B 32 7.61 -28.72 -0.21
N GLU B 33 7.55 -29.98 0.22
CA GLU B 33 8.43 -30.44 1.29
C GLU B 33 8.68 -31.94 1.15
N ILE B 34 9.90 -32.36 1.48
CA ILE B 34 10.28 -33.76 1.52
C ILE B 34 10.99 -34.00 2.86
N GLN B 35 10.62 -35.09 3.53
CA GLN B 35 11.21 -35.44 4.82
C GLN B 35 11.58 -36.92 4.83
N GLN B 36 12.57 -37.25 5.66
CA GLN B 36 13.01 -38.63 5.82
C GLN B 36 12.18 -39.35 6.89
N LYS B 50 11.10 -45.19 2.73
CA LYS B 50 12.33 -44.47 3.06
C LYS B 50 12.01 -43.05 3.54
N ALA B 51 11.74 -42.16 2.58
CA ALA B 51 11.44 -40.77 2.85
C ALA B 51 9.95 -40.52 2.67
N SER B 52 9.48 -39.44 3.30
CA SER B 52 8.08 -39.03 3.20
C SER B 52 7.98 -37.82 2.27
N VAL B 53 7.14 -37.93 1.26
CA VAL B 53 6.91 -36.86 0.30
C VAL B 53 5.60 -36.18 0.65
N LYS B 54 5.68 -34.91 1.03
CA LYS B 54 4.48 -34.17 1.39
C LYS B 54 3.75 -33.66 0.15
N ASP B 55 2.48 -33.33 0.34
CA ASP B 55 1.67 -32.82 -0.76
C ASP B 55 2.16 -31.44 -1.19
N LEU B 56 2.06 -31.18 -2.48
CA LEU B 56 2.44 -29.87 -3.03
C LEU B 56 1.26 -28.92 -2.89
N THR B 57 1.45 -27.86 -2.11
CA THR B 57 0.39 -26.90 -1.83
C THR B 57 0.63 -25.62 -2.63
N PHE B 58 -0.40 -25.17 -3.34
CA PHE B 58 -0.34 -23.93 -4.10
C PHE B 58 -1.59 -23.10 -3.81
N GLU B 59 -1.46 -21.80 -3.97
CA GLU B 59 -2.55 -20.86 -3.72
C GLU B 59 -2.88 -20.11 -5.00
N HIS B 60 -4.17 -19.98 -5.29
CA HIS B 60 -4.63 -19.29 -6.48
C HIS B 60 -5.97 -18.65 -6.20
N ALA B 61 -6.32 -17.64 -6.98
CA ALA B 61 -7.62 -17.01 -6.87
C ALA B 61 -8.71 -17.97 -7.35
N ILE B 62 -9.91 -17.80 -6.78
CA ILE B 62 -11.05 -18.62 -7.19
C ILE B 62 -11.36 -18.31 -8.66
N ASP B 63 -11.23 -19.32 -9.51
CA ASP B 63 -11.35 -19.14 -10.95
C ASP B 63 -12.12 -20.32 -11.52
N ARG B 64 -12.04 -20.47 -12.85
CA ARG B 64 -12.78 -21.52 -13.54
C ARG B 64 -12.42 -22.91 -13.03
N ALA B 65 -11.19 -23.11 -12.58
CA ALA B 65 -10.74 -24.41 -12.12
C ALA B 65 -11.30 -24.79 -10.75
N SER B 66 -11.82 -23.82 -10.00
CA SER B 66 -12.25 -24.10 -8.63
C SER B 66 -13.36 -25.14 -8.54
N PRO B 67 -14.46 -25.05 -9.30
CA PRO B 67 -15.50 -26.09 -9.18
C PRO B 67 -15.00 -27.49 -9.49
N ASN B 68 -14.10 -27.63 -10.47
CA ASN B 68 -13.57 -28.94 -10.80
C ASN B 68 -12.59 -29.43 -9.75
N LEU B 69 -11.84 -28.52 -9.11
CA LEU B 69 -10.91 -28.91 -8.06
C LEU B 69 -11.64 -29.51 -6.87
N MET B 70 -12.77 -28.90 -6.49
CA MET B 70 -13.57 -29.47 -5.40
C MET B 70 -14.11 -30.85 -5.76
N LYS B 71 -14.60 -31.00 -6.99
CA LYS B 71 -15.15 -32.28 -7.41
C LYS B 71 -14.10 -33.38 -7.39
N TYR B 72 -12.90 -33.09 -7.91
CA TYR B 72 -11.83 -34.08 -7.90
C TYR B 72 -11.35 -34.36 -6.48
N ALA B 73 -11.37 -33.36 -5.61
CA ALA B 73 -11.01 -33.59 -4.21
C ALA B 73 -12.01 -34.52 -3.54
N LEU B 74 -13.30 -34.33 -3.81
CA LEU B 74 -14.33 -35.16 -3.18
C LEU B 74 -14.34 -36.56 -3.77
N THR B 75 -14.26 -36.67 -5.11
CA THR B 75 -14.28 -37.98 -5.74
C THR B 75 -12.94 -38.71 -5.61
N GLY B 76 -11.84 -37.96 -5.52
CA GLY B 76 -10.53 -38.57 -5.45
C GLY B 76 -10.01 -39.14 -6.76
N LYS B 77 -10.62 -38.77 -7.88
CA LYS B 77 -10.21 -39.31 -9.17
C LYS B 77 -8.82 -38.79 -9.55
N HIS B 78 -8.04 -39.65 -10.19
CA HIS B 78 -6.69 -39.30 -10.58
C HIS B 78 -6.68 -38.52 -11.90
N VAL B 79 -5.72 -37.62 -12.04
CA VAL B 79 -5.46 -36.93 -13.29
C VAL B 79 -4.09 -37.35 -13.78
N ASP B 80 -3.89 -37.26 -15.10
CA ASP B 80 -2.69 -37.81 -15.72
C ASP B 80 -1.43 -37.06 -15.28
N GLN B 81 -1.44 -35.73 -15.38
CA GLN B 81 -0.23 -34.98 -15.11
C GLN B 81 -0.58 -33.58 -14.59
N ALA B 82 0.34 -33.03 -13.80
CA ALA B 82 0.26 -31.65 -13.34
C ALA B 82 1.65 -31.05 -13.38
N VAL B 83 1.81 -29.95 -14.12
CA VAL B 83 3.11 -29.34 -14.35
C VAL B 83 3.09 -27.94 -13.76
N LEU B 84 4.03 -27.67 -12.85
CA LEU B 84 4.18 -26.36 -12.23
C LEU B 84 5.40 -25.67 -12.83
N VAL B 85 5.21 -24.45 -13.33
CA VAL B 85 6.25 -23.72 -14.04
C VAL B 85 6.40 -22.33 -13.42
N MET B 86 7.64 -21.94 -13.16
CA MET B 86 7.97 -20.57 -12.74
C MET B 86 8.78 -19.91 -13.85
N ARG B 87 8.37 -18.72 -14.24
CA ARG B 87 8.97 -18.01 -15.36
C ARG B 87 9.46 -16.64 -14.88
N LYS B 88 10.72 -16.33 -15.18
CA LYS B 88 11.27 -15.02 -14.84
C LYS B 88 10.65 -13.94 -15.70
N ALA B 89 10.44 -12.77 -15.10
CA ALA B 89 9.86 -11.63 -15.79
C ALA B 89 10.93 -10.58 -16.05
N GLY B 90 11.00 -10.11 -17.29
CA GLY B 90 11.97 -9.11 -17.68
C GLY B 90 12.23 -9.21 -19.17
N GLY B 91 13.51 -9.00 -19.54
CA GLY B 91 13.87 -9.05 -20.95
C GLY B 91 13.69 -10.42 -21.57
N ASN B 92 14.07 -11.47 -20.84
CA ASN B 92 13.94 -12.83 -21.32
C ASN B 92 12.96 -13.60 -20.44
N PRO B 93 11.76 -13.94 -20.95
CA PRO B 93 10.82 -14.71 -20.12
C PRO B 93 11.25 -16.18 -19.99
N LEU B 94 12.27 -16.43 -19.19
CA LEU B 94 12.83 -17.78 -19.07
C LEU B 94 12.05 -18.59 -18.04
N GLU B 95 11.56 -19.76 -18.46
CA GLU B 95 10.90 -20.70 -17.55
C GLU B 95 12.00 -21.49 -16.83
N TYR B 96 12.51 -20.91 -15.75
CA TYR B 96 13.70 -21.43 -15.09
C TYR B 96 13.40 -22.61 -14.17
N LEU B 97 12.14 -22.89 -13.85
CA LEU B 97 11.81 -24.03 -13.00
C LEU B 97 10.56 -24.71 -13.53
N LYS B 98 10.66 -26.03 -13.74
CA LYS B 98 9.55 -26.85 -14.20
C LYS B 98 9.42 -28.04 -13.26
N LEU B 99 8.23 -28.23 -12.69
CA LEU B 99 7.98 -29.32 -11.75
C LEU B 99 6.83 -30.16 -12.31
N THR B 100 7.16 -31.30 -12.88
CA THR B 100 6.17 -32.19 -13.51
C THR B 100 5.78 -33.29 -12.53
N MET B 101 4.48 -33.47 -12.34
CA MET B 101 3.95 -34.47 -11.42
C MET B 101 3.04 -35.42 -12.18
N SER B 102 3.26 -36.71 -12.01
CA SER B 102 2.47 -37.73 -12.70
C SER B 102 1.61 -38.48 -11.69
N ASP B 103 0.42 -38.89 -12.14
CA ASP B 103 -0.56 -39.58 -11.31
C ASP B 103 -0.92 -38.71 -10.10
N VAL B 104 -1.49 -37.54 -10.39
CA VAL B 104 -1.74 -36.50 -9.40
C VAL B 104 -3.13 -36.69 -8.79
N ILE B 105 -3.23 -36.44 -7.49
CA ILE B 105 -4.47 -36.54 -6.74
C ILE B 105 -4.74 -35.19 -6.07
N ILE B 106 -5.99 -34.76 -6.13
CA ILE B 106 -6.42 -33.55 -5.43
C ILE B 106 -6.76 -33.94 -4.00
N THR B 107 -5.96 -33.47 -3.04
CA THR B 107 -6.09 -33.88 -1.66
C THR B 107 -6.65 -32.81 -0.72
N ARG B 108 -6.60 -31.54 -1.11
CA ARG B 108 -7.09 -30.48 -0.24
C ARG B 108 -7.56 -29.30 -1.09
N VAL B 109 -8.71 -28.76 -0.73
CA VAL B 109 -9.24 -27.53 -1.33
C VAL B 109 -9.73 -26.64 -0.21
N ARG B 110 -9.24 -25.40 -0.15
CA ARG B 110 -9.58 -24.46 0.91
C ARG B 110 -10.00 -23.12 0.30
N PRO B 111 -11.23 -23.02 -0.19
CA PRO B 111 -11.72 -21.73 -0.69
C PRO B 111 -12.00 -20.77 0.45
N SER B 112 -11.86 -19.48 0.16
CA SER B 112 -12.15 -18.44 1.13
C SER B 112 -12.41 -17.14 0.39
N GLY B 113 -13.08 -16.22 1.07
CA GLY B 113 -13.39 -14.92 0.51
C GLY B 113 -13.74 -13.93 1.59
N SER B 114 -13.62 -12.65 1.25
CA SER B 114 -13.90 -11.58 2.20
C SER B 114 -14.46 -10.38 1.46
N ARG B 115 -15.21 -9.56 2.19
CA ARG B 115 -15.77 -8.34 1.63
C ARG B 115 -14.67 -7.33 1.29
N ASP B 116 -13.59 -7.30 2.07
CA ASP B 116 -12.53 -6.33 1.89
C ASP B 116 -11.61 -6.78 0.76
N ASP B 117 -11.58 -5.99 -0.32
CA ASP B 117 -10.73 -6.26 -1.48
C ASP B 117 -10.97 -7.65 -2.06
N SER B 121 -10.58 -12.87 -3.85
CA SER B 121 -10.66 -14.11 -3.08
C SER B 121 -9.59 -15.09 -3.52
N ARG B 122 -9.16 -15.95 -2.59
CA ARG B 122 -8.07 -16.88 -2.82
C ARG B 122 -8.51 -18.30 -2.44
N GLU B 123 -7.77 -19.28 -2.96
CA GLU B 123 -8.05 -20.69 -2.71
C GLU B 123 -6.73 -21.45 -2.60
N THR B 124 -6.66 -22.32 -1.59
CA THR B 124 -5.47 -23.12 -1.32
C THR B 124 -5.76 -24.58 -1.67
N VAL B 125 -4.90 -25.16 -2.51
CA VAL B 125 -5.07 -26.53 -3.01
C VAL B 125 -3.78 -27.30 -2.82
N SER B 126 -3.90 -28.57 -2.42
CA SER B 126 -2.76 -29.47 -2.27
C SER B 126 -2.86 -30.61 -3.26
N LEU B 127 -1.70 -31.08 -3.72
CA LEU B 127 -1.60 -32.13 -4.73
C LEU B 127 -0.74 -33.27 -4.22
N SER B 128 -1.20 -34.50 -4.45
CA SER B 128 -0.42 -35.71 -4.18
C SER B 128 -0.17 -36.42 -5.50
N PHE B 129 1.08 -36.85 -5.70
CA PHE B 129 1.49 -37.43 -6.98
C PHE B 129 2.44 -38.58 -6.74
N ALA B 130 2.48 -39.52 -7.69
CA ALA B 130 3.31 -40.70 -7.57
C ALA B 130 4.66 -40.57 -8.26
N LYS B 131 4.80 -39.68 -9.23
CA LYS B 131 6.05 -39.46 -9.94
C LYS B 131 6.32 -37.97 -10.02
N VAL B 132 7.57 -37.58 -9.79
CA VAL B 132 7.97 -36.18 -9.76
C VAL B 132 9.19 -35.99 -10.65
N LYS B 133 9.27 -34.83 -11.30
CA LYS B 133 10.38 -34.48 -12.17
C LYS B 133 10.60 -32.97 -12.10
N GLN B 134 11.82 -32.56 -11.75
CA GLN B 134 12.16 -31.15 -11.60
C GLN B 134 13.21 -30.77 -12.64
N GLU B 135 12.97 -29.66 -13.34
CA GLU B 135 13.90 -29.14 -14.33
C GLU B 135 14.22 -27.69 -13.97
N TYR B 136 15.51 -27.40 -13.82
CA TYR B 136 15.99 -26.06 -13.53
C TYR B 136 16.89 -25.56 -14.65
N VAL B 137 16.72 -24.30 -15.02
CA VAL B 137 17.50 -23.67 -16.08
C VAL B 137 18.27 -22.50 -15.47
N VAL B 138 19.58 -22.49 -15.65
CA VAL B 138 20.42 -21.41 -15.16
C VAL B 138 20.33 -20.23 -16.12
N GLN B 139 20.21 -19.02 -15.56
CA GLN B 139 20.17 -17.79 -16.34
C GLN B 139 21.54 -17.14 -16.28
N ASN B 140 22.11 -16.87 -17.45
CA ASN B 140 23.47 -16.34 -17.55
C ASN B 140 23.44 -14.83 -17.30
N ALA B 141 24.58 -14.17 -17.54
CA ALA B 141 24.69 -12.74 -17.29
C ALA B 141 23.77 -11.94 -18.21
N GLN B 142 23.72 -12.31 -19.49
CA GLN B 142 22.88 -11.58 -20.45
C GLN B 142 21.39 -11.78 -20.14
N GLY B 143 21.03 -12.92 -19.55
CA GLY B 143 19.65 -13.24 -19.26
C GLY B 143 19.09 -14.41 -20.01
N GLY B 144 19.87 -15.05 -20.88
CA GLY B 144 19.40 -16.19 -21.64
C GLY B 144 19.53 -17.49 -20.88
N SER B 145 19.18 -18.58 -21.56
CA SER B 145 19.28 -19.89 -20.96
C SER B 145 20.74 -20.32 -20.83
N GLY B 146 21.05 -21.01 -19.74
CA GLY B 146 22.39 -21.52 -19.53
C GLY B 146 22.45 -23.03 -19.58
N GLY B 147 22.51 -23.66 -18.42
CA GLY B 147 22.54 -25.12 -18.31
C GLY B 147 21.26 -25.62 -17.65
N ALA B 148 20.77 -26.76 -18.12
CA ALA B 148 19.55 -27.37 -17.63
C ALA B 148 19.88 -28.57 -16.77
N VAL B 149 19.33 -28.63 -15.56
CA VAL B 149 19.53 -29.73 -14.63
C VAL B 149 18.19 -30.38 -14.38
N THR B 150 18.13 -31.71 -14.58
CA THR B 150 16.88 -32.46 -14.47
C THR B 150 17.11 -33.72 -13.65
N THR B 151 16.22 -33.97 -12.70
CA THR B 151 16.19 -35.20 -11.92
C THR B 151 14.77 -35.74 -11.87
N SER B 152 14.67 -37.07 -11.81
CA SER B 152 13.38 -37.75 -11.79
C SER B 152 13.41 -38.84 -10.72
N PHE B 153 12.22 -39.17 -10.21
CA PHE B 153 12.10 -40.18 -9.17
C PHE B 153 10.68 -40.74 -9.17
N ASP B 154 10.57 -42.05 -9.02
CA ASP B 154 9.28 -42.73 -8.93
C ASP B 154 8.97 -42.93 -7.45
N ILE B 155 8.12 -42.05 -6.91
CA ILE B 155 7.83 -42.08 -5.48
C ILE B 155 7.07 -43.34 -5.10
N LYS B 156 6.01 -43.66 -5.86
CA LYS B 156 5.22 -44.85 -5.56
C LYS B 156 6.04 -46.13 -5.73
N GLY B 157 6.81 -46.21 -6.81
CA GLY B 157 7.62 -47.38 -7.08
C GLY B 157 8.94 -47.45 -6.34
N ASN B 158 9.26 -46.43 -5.55
CA ASN B 158 10.51 -46.37 -4.80
C ASN B 158 11.72 -46.51 -5.72
N LYS B 159 11.75 -45.64 -6.73
CA LYS B 159 12.81 -45.69 -7.73
C LYS B 159 13.11 -44.29 -8.28
N ALA C 2 -5.67 8.54 10.73
CA ALA C 2 -6.39 9.68 10.17
C ALA C 2 -6.58 10.78 11.20
N GLN C 3 -5.88 11.89 11.00
CA GLN C 3 -5.90 12.99 11.95
C GLN C 3 -7.17 13.82 11.78
N ASP C 4 -7.34 14.81 12.65
CA ASP C 4 -8.47 15.72 12.62
C ASP C 4 -7.99 17.15 12.46
N ILE C 5 -8.67 17.90 11.59
CA ILE C 5 -8.33 19.29 11.32
C ILE C 5 -9.58 20.14 11.55
N PHE C 6 -9.41 21.23 12.30
CA PHE C 6 -10.52 22.12 12.63
C PHE C 6 -10.16 23.55 12.26
N LEU C 7 -11.19 24.33 11.96
CA LEU C 7 -11.03 25.75 11.63
C LEU C 7 -12.11 26.54 12.37
N LYS C 8 -11.68 27.47 13.21
CA LYS C 8 -12.59 28.30 14.00
C LYS C 8 -12.58 29.71 13.43
N ILE C 9 -13.69 30.10 12.81
CA ILE C 9 -13.86 31.43 12.21
C ILE C 9 -14.92 32.16 13.01
N ASP C 10 -14.61 33.38 13.43
CA ASP C 10 -15.53 34.16 14.24
C ASP C 10 -16.76 34.55 13.44
N GLY C 11 -17.94 34.24 13.99
CA GLY C 11 -19.20 34.57 13.35
C GLY C 11 -19.69 33.58 12.32
N ILE C 12 -18.87 32.60 11.94
CA ILE C 12 -19.23 31.59 10.95
C ILE C 12 -18.96 30.23 11.59
N ASN C 13 -20.01 29.60 12.12
CA ASN C 13 -19.87 28.32 12.79
C ASN C 13 -20.10 27.17 11.83
N GLY C 14 -19.45 26.05 12.12
CA GLY C 14 -19.65 24.80 11.41
C GLY C 14 -20.63 23.91 12.13
N GLU C 15 -20.48 22.61 11.93
CA GLU C 15 -21.30 21.61 12.60
C GLU C 15 -20.44 20.46 13.10
N SER C 16 -19.28 20.77 13.68
CA SER C 16 -18.41 19.76 14.26
C SER C 16 -19.00 19.28 15.59
N LEU C 17 -19.05 17.97 15.77
CA LEU C 17 -19.55 17.36 16.99
C LEU C 17 -18.45 17.07 18.00
N ASP C 18 -17.21 17.45 17.70
CA ASP C 18 -16.11 17.23 18.63
C ASP C 18 -16.31 18.04 19.90
N ASP C 19 -16.01 17.42 21.04
CA ASP C 19 -16.21 18.09 22.32
C ASP C 19 -15.34 19.33 22.46
N SER C 20 -14.07 19.24 22.05
CA SER C 20 -13.15 20.36 22.21
C SER C 20 -13.26 21.40 21.11
N HIS C 21 -13.84 21.04 19.96
CA HIS C 21 -13.95 21.93 18.81
C HIS C 21 -15.35 21.91 18.24
N LYS C 22 -16.36 22.02 19.11
CA LYS C 22 -17.74 21.98 18.67
C LYS C 22 -18.11 23.26 17.93
N ASP C 23 -19.02 23.13 16.96
CA ASP C 23 -19.51 24.23 16.13
C ASP C 23 -18.41 24.86 15.29
N GLU C 24 -17.32 24.14 15.07
CA GLU C 24 -16.24 24.61 14.20
C GLU C 24 -16.32 23.89 12.85
N ILE C 25 -15.53 24.38 11.90
CA ILE C 25 -15.48 23.79 10.57
C ILE C 25 -14.48 22.65 10.56
N GLU C 26 -14.93 21.47 10.15
CA GLU C 26 -14.04 20.33 9.97
C GLU C 26 -13.43 20.40 8.58
N VAL C 27 -12.11 20.56 8.52
CA VAL C 27 -11.40 20.80 7.26
C VAL C 27 -10.84 19.47 6.76
N LEU C 28 -11.28 19.06 5.57
CA LEU C 28 -10.76 17.84 4.97
C LEU C 28 -9.30 18.00 4.58
N ASN C 29 -8.95 19.12 3.95
CA ASN C 29 -7.57 19.40 3.56
C ASN C 29 -7.41 20.89 3.35
N TRP C 30 -6.16 21.34 3.40
CA TRP C 30 -5.86 22.76 3.28
C TRP C 30 -4.46 22.94 2.72
N ASN C 31 -4.19 24.15 2.23
CA ASN C 31 -2.86 24.49 1.73
C ASN C 31 -2.64 25.98 1.88
N TRP C 32 -1.37 26.38 1.90
CA TRP C 32 -0.97 27.77 2.01
C TRP C 32 0.36 27.93 1.31
N GLU C 33 0.67 29.16 0.89
CA GLU C 33 1.90 29.41 0.17
C GLU C 33 2.40 30.82 0.44
N ILE C 34 3.72 30.96 0.55
CA ILE C 34 4.39 32.25 0.68
C ILE C 34 5.48 32.31 -0.39
N GLN C 35 5.53 33.41 -1.14
CA GLN C 35 6.51 33.59 -2.19
C GLN C 35 7.13 34.98 -2.10
N GLN C 36 8.35 35.10 -2.61
CA GLN C 36 9.08 36.36 -2.60
C GLN C 36 8.86 37.14 -3.89
N LYS C 50 7.63 43.39 0.09
CA LYS C 50 8.72 42.43 0.06
C LYS C 50 8.28 41.11 -0.54
N ALA C 51 7.64 40.27 0.27
CA ALA C 51 7.17 38.97 -0.15
C ALA C 51 5.67 39.01 -0.41
N SER C 52 5.18 37.99 -1.11
CA SER C 52 3.77 37.86 -1.45
C SER C 52 3.18 36.69 -0.67
N VAL C 53 2.11 36.97 0.08
CA VAL C 53 1.42 35.95 0.86
C VAL C 53 0.16 35.56 0.12
N LYS C 54 0.05 34.28 -0.24
CA LYS C 54 -1.12 33.79 -0.93
C LYS C 54 -2.22 33.44 0.05
N ASP C 55 -3.45 33.44 -0.44
CA ASP C 55 -4.60 33.14 0.40
C ASP C 55 -4.56 31.69 0.86
N LEU C 56 -4.96 31.46 2.11
CA LEU C 56 -5.01 30.12 2.65
C LEU C 56 -6.28 29.43 2.16
N THR C 57 -6.11 28.31 1.46
CA THR C 57 -7.20 27.57 0.87
C THR C 57 -7.44 26.29 1.65
N PHE C 58 -8.70 26.06 2.04
CA PHE C 58 -9.09 24.84 2.73
C PHE C 58 -10.35 24.28 2.08
N GLU C 59 -10.50 22.97 2.15
CA GLU C 59 -11.65 22.27 1.57
C GLU C 59 -12.45 21.61 2.69
N HIS C 60 -13.77 21.80 2.65
CA HIS C 60 -14.67 21.20 3.63
C HIS C 60 -15.97 20.81 2.93
N ALA C 61 -16.66 19.85 3.51
CA ALA C 61 -17.98 19.47 3.01
C ALA C 61 -18.96 20.62 3.23
N ILE C 62 -19.97 20.68 2.34
CA ILE C 62 -21.00 21.71 2.47
C ILE C 62 -21.73 21.50 3.77
N ASP C 63 -21.75 22.53 4.62
CA ASP C 63 -22.25 22.39 5.98
C ASP C 63 -22.91 23.70 6.40
N ARG C 64 -23.11 23.86 7.71
CA ARG C 64 -23.81 25.04 8.23
C ARG C 64 -23.09 26.33 7.85
N ALA C 65 -21.76 26.29 7.69
CA ALA C 65 -20.99 27.48 7.39
C ALA C 65 -21.11 27.92 5.93
N SER C 66 -21.59 27.04 5.05
CA SER C 66 -21.60 27.36 3.62
C SER C 66 -22.42 28.59 3.28
N PRO C 67 -23.67 28.75 3.74
CA PRO C 67 -24.41 29.98 3.40
C PRO C 67 -23.74 31.24 3.88
N ASN C 68 -23.12 31.21 5.07
CA ASN C 68 -22.44 32.41 5.58
C ASN C 68 -21.14 32.68 4.83
N LEU C 69 -20.43 31.63 4.40
CA LEU C 69 -19.19 31.82 3.66
C LEU C 69 -19.45 32.53 2.33
N MET C 70 -20.52 32.16 1.64
CA MET C 70 -20.87 32.83 0.39
C MET C 70 -21.22 34.30 0.63
N LYS C 71 -22.00 34.58 1.68
CA LYS C 71 -22.40 35.94 1.96
C LYS C 71 -21.21 36.82 2.29
N TYR C 72 -20.28 36.30 3.11
CA TYR C 72 -19.08 37.06 3.43
C TYR C 72 -18.18 37.23 2.21
N ALA C 73 -18.12 36.22 1.35
CA ALA C 73 -17.33 36.34 0.12
C ALA C 73 -17.90 37.42 -0.78
N LEU C 74 -19.22 37.49 -0.91
CA LEU C 74 -19.84 38.49 -1.78
C LEU C 74 -19.74 39.89 -1.16
N THR C 75 -20.03 40.01 0.13
CA THR C 75 -19.97 41.31 0.79
C THR C 75 -18.55 41.75 1.07
N GLY C 76 -17.63 40.81 1.27
CA GLY C 76 -16.26 41.17 1.60
C GLY C 76 -16.04 41.65 3.01
N LYS C 77 -16.99 41.40 3.91
CA LYS C 77 -16.86 41.86 5.29
C LYS C 77 -15.73 41.13 5.99
N HIS C 78 -15.04 41.85 6.88
CA HIS C 78 -13.94 41.28 7.64
C HIS C 78 -14.45 40.54 8.87
N VAL C 79 -13.75 39.47 9.22
CA VAL C 79 -13.98 38.77 10.48
C VAL C 79 -12.74 38.97 11.35
N ASP C 80 -12.93 38.90 12.66
CA ASP C 80 -11.86 39.24 13.59
C ASP C 80 -10.70 38.25 13.49
N GLN C 81 -10.99 36.95 13.49
CA GLN C 81 -9.92 35.97 13.60
C GLN C 81 -10.38 34.63 13.07
N ALA C 82 -9.43 33.89 12.49
CA ALA C 82 -9.65 32.52 12.05
C ALA C 82 -8.45 31.68 12.51
N VAL C 83 -8.74 30.56 13.17
CA VAL C 83 -7.71 29.70 13.76
C VAL C 83 -7.84 28.31 13.15
N LEU C 84 -6.74 27.83 12.57
CA LEU C 84 -6.67 26.50 11.98
C LEU C 84 -5.86 25.59 12.90
N VAL C 85 -6.42 24.44 13.24
CA VAL C 85 -5.82 23.52 14.20
C VAL C 85 -5.78 22.13 13.60
N MET C 86 -4.63 21.47 13.70
CA MET C 86 -4.48 20.06 13.34
C MET C 86 -4.13 19.26 14.59
N ARG C 87 -4.84 18.16 14.80
CA ARG C 87 -4.67 17.33 15.99
C ARG C 87 -4.33 15.90 15.58
N LYS C 88 -3.38 15.30 16.30
CA LYS C 88 -2.99 13.92 16.04
C LYS C 88 -4.12 12.97 16.39
N ALA C 89 -4.11 11.80 15.74
CA ALA C 89 -5.11 10.77 15.99
C ALA C 89 -4.60 9.82 17.08
N GLY C 90 -5.30 8.70 17.26
CA GLY C 90 -4.89 7.71 18.24
C GLY C 90 -5.17 8.17 19.67
N GLY C 91 -4.38 7.61 20.59
CA GLY C 91 -4.50 7.90 22.00
C GLY C 91 -3.75 9.11 22.49
N ASN C 92 -3.15 9.89 21.58
CA ASN C 92 -2.39 11.09 21.93
C ASN C 92 -2.95 12.26 21.12
N PRO C 93 -4.09 12.81 21.54
CA PRO C 93 -4.74 13.90 20.77
C PRO C 93 -4.07 15.26 21.00
N LEU C 94 -2.88 15.41 20.42
CA LEU C 94 -2.10 16.63 20.55
C LEU C 94 -2.37 17.55 19.36
N GLU C 95 -2.73 18.80 19.66
CA GLU C 95 -2.91 19.82 18.63
C GLU C 95 -1.53 20.37 18.28
N TYR C 96 -0.86 19.65 17.37
CA TYR C 96 0.55 19.94 17.09
C TYR C 96 0.74 21.18 16.22
N LEU C 97 -0.28 21.63 15.51
CA LEU C 97 -0.18 22.82 14.67
C LEU C 97 -1.39 23.71 14.88
N LYS C 98 -1.14 24.99 15.15
CA LYS C 98 -2.18 25.99 15.30
C LYS C 98 -1.78 27.22 14.50
N LEU C 99 -2.60 27.56 13.51
CA LEU C 99 -2.34 28.70 12.63
C LEU C 99 -3.42 29.74 12.86
N THR C 100 -3.05 30.85 13.51
CA THR C 100 -3.98 31.92 13.84
C THR C 100 -3.87 33.04 12.81
N MET C 101 -5.00 33.46 12.27
CA MET C 101 -5.06 34.50 11.25
C MET C 101 -5.97 35.62 11.74
N SER C 102 -5.46 36.84 11.72
CA SER C 102 -6.19 38.01 12.19
C SER C 102 -6.59 38.89 11.01
N ASP C 103 -7.76 39.51 11.12
CA ASP C 103 -8.33 40.35 10.07
C ASP C 103 -8.49 39.55 8.78
N VAL C 104 -9.32 38.52 8.86
CA VAL C 104 -9.51 37.56 7.78
C VAL C 104 -10.61 38.03 6.84
N ILE C 105 -10.38 37.85 5.54
CA ILE C 105 -11.35 38.18 4.50
C ILE C 105 -11.64 36.92 3.70
N ILE C 106 -12.92 36.65 3.46
CA ILE C 106 -13.33 35.56 2.60
C ILE C 106 -13.16 36.00 1.15
N THR C 107 -12.29 35.33 0.41
CA THR C 107 -11.94 35.74 -0.95
C THR C 107 -12.44 34.80 -2.03
N ARG C 108 -12.63 33.52 -1.72
CA ARG C 108 -13.05 32.56 -2.73
C ARG C 108 -13.86 31.44 -2.07
N VAL C 109 -14.98 31.09 -2.69
CA VAL C 109 -15.79 29.94 -2.30
C VAL C 109 -16.19 29.19 -3.55
N ARG C 110 -16.00 27.87 -3.54
CA ARG C 110 -16.30 27.02 -4.69
C ARG C 110 -17.12 25.82 -4.24
N PRO C 111 -18.43 25.97 -4.14
CA PRO C 111 -19.28 24.80 -3.86
C PRO C 111 -19.33 23.86 -5.05
N SER C 112 -19.54 22.58 -4.77
CA SER C 112 -19.67 21.57 -5.81
C SER C 112 -20.48 20.40 -5.25
N GLY C 113 -21.02 19.60 -6.17
CA GLY C 113 -21.79 18.43 -5.76
C GLY C 113 -22.01 17.46 -6.89
N SER C 114 -22.16 16.18 -6.54
CA SER C 114 -22.46 15.13 -7.50
C SER C 114 -23.40 14.12 -6.83
N ARG C 115 -24.21 13.46 -7.65
CA ARG C 115 -25.15 12.47 -7.14
C ARG C 115 -24.53 11.10 -6.95
N ASP C 116 -23.25 10.94 -7.28
CA ASP C 116 -22.51 9.70 -7.06
C ASP C 116 -21.55 9.95 -5.90
N ASP C 117 -22.05 9.77 -4.67
CA ASP C 117 -21.30 10.06 -3.45
C ASP C 117 -20.74 11.48 -3.47
N SER C 121 -20.63 15.93 -1.04
CA SER C 121 -20.46 17.28 -1.58
C SER C 121 -19.41 18.05 -0.78
N ARG C 122 -18.47 18.66 -1.48
CA ARG C 122 -17.38 19.41 -0.86
C ARG C 122 -17.41 20.86 -1.33
N GLU C 123 -16.61 21.68 -0.65
CA GLU C 123 -16.55 23.11 -0.94
C GLU C 123 -15.14 23.61 -0.64
N THR C 124 -14.60 24.42 -1.54
CA THR C 124 -13.26 24.96 -1.42
C THR C 124 -13.33 26.46 -1.12
N VAL C 125 -12.69 26.88 -0.04
CA VAL C 125 -12.74 28.26 0.43
C VAL C 125 -11.33 28.78 0.62
N SER C 126 -11.11 30.05 0.25
CA SER C 126 -9.82 30.70 0.40
C SER C 126 -9.95 31.87 1.37
N LEU C 127 -8.94 32.04 2.22
CA LEU C 127 -8.94 33.07 3.25
C LEU C 127 -7.74 34.00 3.07
N SER C 128 -7.99 35.30 3.15
CA SER C 128 -6.94 36.31 3.15
C SER C 128 -6.94 37.03 4.49
N PHE C 129 -5.74 37.24 5.05
CA PHE C 129 -5.61 37.78 6.39
C PHE C 129 -4.45 38.78 6.43
N ALA C 130 -4.51 39.66 7.43
CA ALA C 130 -3.50 40.70 7.60
C ALA C 130 -2.43 40.32 8.62
N LYS C 131 -2.72 39.43 9.55
CA LYS C 131 -1.76 38.95 10.53
C LYS C 131 -1.85 37.44 10.63
N VAL C 132 -0.70 36.79 10.86
CA VAL C 132 -0.61 35.35 10.92
C VAL C 132 0.32 34.95 12.05
N LYS C 133 -0.09 33.94 12.83
CA LYS C 133 0.75 33.36 13.87
C LYS C 133 0.68 31.85 13.76
N GLN C 134 1.85 31.20 13.75
CA GLN C 134 1.95 29.75 13.64
C GLN C 134 2.58 29.18 14.90
N GLU C 135 1.97 28.14 15.46
CA GLU C 135 2.48 27.46 16.64
C GLU C 135 2.60 25.98 16.36
N TYR C 136 3.76 25.41 16.63
CA TYR C 136 4.01 23.98 16.43
C TYR C 136 4.46 23.35 17.74
N VAL C 137 3.99 22.13 17.99
CA VAL C 137 4.32 21.39 19.20
C VAL C 137 5.01 20.09 18.79
N VAL C 138 6.18 19.84 19.37
CA VAL C 138 6.92 18.61 19.11
C VAL C 138 6.35 17.50 19.98
N GLN C 139 6.15 16.33 19.38
CA GLN C 139 5.63 15.16 20.10
C GLN C 139 6.78 14.22 20.42
N ASN C 140 6.86 13.81 21.69
CA ASN C 140 7.94 12.95 22.15
C ASN C 140 7.58 11.48 21.92
N ALA C 141 8.40 10.58 22.46
CA ALA C 141 8.15 9.15 22.29
C ALA C 141 6.88 8.71 22.99
N GLN C 142 6.57 9.31 24.15
CA GLN C 142 5.36 8.95 24.87
C GLN C 142 4.09 9.51 24.23
N GLY C 143 4.22 10.36 23.23
CA GLY C 143 3.07 10.95 22.57
C GLY C 143 2.59 12.25 23.16
N GLY C 144 3.24 12.75 24.21
CA GLY C 144 2.85 13.99 24.84
C GLY C 144 3.49 15.20 24.18
N SER C 145 3.39 16.34 24.87
CA SER C 145 3.94 17.58 24.36
C SER C 145 5.44 17.67 24.65
N GLY C 146 6.17 18.23 23.69
CA GLY C 146 7.60 18.46 23.87
C GLY C 146 7.92 19.93 23.97
N GLY C 147 8.42 20.51 22.88
CA GLY C 147 8.74 21.93 22.81
C GLY C 147 7.80 22.63 21.84
N ALA C 148 7.43 23.87 22.17
CA ALA C 148 6.52 24.66 21.37
C ALA C 148 7.29 25.81 20.72
N VAL C 149 7.14 25.95 19.40
CA VAL C 149 7.78 27.00 18.63
C VAL C 149 6.69 27.87 18.02
N THR C 150 6.79 29.19 18.27
CA THR C 150 5.78 30.13 17.81
C THR C 150 6.45 31.31 17.12
N THR C 151 5.96 31.66 15.93
CA THR C 151 6.40 32.83 15.20
C THR C 151 5.18 33.63 14.76
N SER C 152 5.32 34.95 14.75
CA SER C 152 4.24 35.85 14.37
C SER C 152 4.77 36.92 13.44
N PHE C 153 3.87 37.45 12.61
CA PHE C 153 4.25 38.46 11.63
C PHE C 153 3.04 39.30 11.27
N ASP C 154 3.26 40.59 11.08
CA ASP C 154 2.20 41.52 10.65
C ASP C 154 2.36 41.72 9.15
N ILE C 155 1.55 40.97 8.38
CA ILE C 155 1.67 41.01 6.92
C ILE C 155 1.31 42.40 6.40
N LYS C 156 0.19 42.96 6.86
CA LYS C 156 -0.23 44.26 6.37
C LYS C 156 0.75 45.35 6.79
N GLY C 157 1.16 45.36 8.05
CA GLY C 157 2.08 46.36 8.54
C GLY C 157 3.55 46.13 8.20
N ASN C 158 3.85 45.12 7.38
CA ASN C 158 5.22 44.67 7.12
C ASN C 158 6.02 44.47 8.42
N ALA D 2 -17.84 4.45 19.59
CA ALA D 2 -17.59 3.57 20.73
C ALA D 2 -18.87 3.34 21.53
N GLN D 3 -19.40 2.12 21.44
CA GLN D 3 -20.66 1.79 22.10
C GLN D 3 -20.43 1.57 23.59
N ASP D 4 -21.50 1.18 24.29
CA ASP D 4 -21.48 0.90 25.72
C ASP D 4 -22.01 -0.50 25.96
N ILE D 5 -21.30 -1.26 26.80
CA ILE D 5 -21.67 -2.63 27.14
C ILE D 5 -21.83 -2.72 28.66
N PHE D 6 -22.94 -3.30 29.10
CA PHE D 6 -23.23 -3.44 30.52
C PHE D 6 -23.53 -4.90 30.84
N LEU D 7 -23.19 -5.29 32.06
CA LEU D 7 -23.50 -6.62 32.58
C LEU D 7 -24.08 -6.47 33.98
N LYS D 8 -25.29 -6.98 34.18
CA LYS D 8 -25.98 -6.91 35.46
C LYS D 8 -26.05 -8.29 36.08
N ILE D 9 -25.38 -8.47 37.21
CA ILE D 9 -25.32 -9.75 37.91
C ILE D 9 -25.97 -9.58 39.27
N ASP D 10 -26.88 -10.50 39.61
CA ASP D 10 -27.57 -10.43 40.89
C ASP D 10 -26.60 -10.69 42.03
N GLY D 11 -26.58 -9.77 42.99
CA GLY D 11 -25.72 -9.89 44.15
C GLY D 11 -24.30 -9.43 43.95
N ILE D 12 -23.91 -9.04 42.73
CA ILE D 12 -22.56 -8.59 42.43
C ILE D 12 -22.70 -7.29 41.65
N ASN D 13 -22.58 -6.16 42.34
CA ASN D 13 -22.74 -4.86 41.74
C ASN D 13 -21.41 -4.30 41.25
N GLY D 14 -21.48 -3.51 40.19
CA GLY D 14 -20.35 -2.76 39.69
C GLY D 14 -20.34 -1.35 40.21
N GLU D 15 -19.73 -0.45 39.44
CA GLU D 15 -19.66 0.97 39.77
C GLU D 15 -19.94 1.82 38.54
N SER D 16 -20.84 1.36 37.68
CA SER D 16 -21.24 2.14 36.52
C SER D 16 -22.05 3.35 36.95
N LEU D 17 -21.70 4.51 36.40
CA LEU D 17 -22.41 5.75 36.70
C LEU D 17 -23.51 6.05 35.69
N ASP D 18 -23.77 5.16 34.75
CA ASP D 18 -24.84 5.37 33.78
C ASP D 18 -26.19 5.42 34.48
N ASP D 19 -27.04 6.34 34.02
CA ASP D 19 -28.33 6.55 34.69
C ASP D 19 -29.22 5.32 34.58
N SER D 20 -29.30 4.72 33.40
CA SER D 20 -30.15 3.56 33.19
C SER D 20 -29.51 2.25 33.61
N HIS D 21 -28.20 2.22 33.84
CA HIS D 21 -27.50 0.99 34.21
C HIS D 21 -26.55 1.27 35.37
N LYS D 22 -27.05 1.96 36.39
CA LYS D 22 -26.23 2.27 37.55
C LYS D 22 -25.91 1.02 38.35
N ASP D 23 -24.71 1.01 38.93
CA ASP D 23 -24.24 -0.09 39.78
C ASP D 23 -24.17 -1.41 39.01
N GLU D 24 -23.89 -1.33 37.71
CA GLU D 24 -23.66 -2.51 36.89
C GLU D 24 -22.19 -2.56 36.47
N ILE D 25 -21.80 -3.68 35.88
CA ILE D 25 -20.43 -3.89 35.44
C ILE D 25 -20.29 -3.38 34.01
N GLU D 26 -19.37 -2.44 33.80
CA GLU D 26 -19.07 -1.96 32.46
C GLU D 26 -18.10 -2.92 31.80
N VAL D 27 -18.53 -3.52 30.69
CA VAL D 27 -17.77 -4.56 30.01
C VAL D 27 -17.00 -3.91 28.86
N LEU D 28 -15.68 -4.09 28.86
CA LEU D 28 -14.86 -3.59 27.75
C LEU D 28 -15.03 -4.45 26.51
N ASN D 29 -15.05 -5.77 26.67
CA ASN D 29 -15.26 -6.70 25.57
C ASN D 29 -15.71 -8.03 26.13
N TRP D 30 -16.32 -8.84 25.27
CA TRP D 30 -16.85 -10.14 25.69
C TRP D 30 -16.91 -11.06 24.49
N ASN D 31 -17.02 -12.37 24.78
CA ASN D 31 -17.17 -13.37 23.73
C ASN D 31 -17.91 -14.57 24.27
N TRP D 32 -18.51 -15.33 23.36
CA TRP D 32 -19.26 -16.54 23.69
C TRP D 32 -19.17 -17.49 22.52
N GLU D 33 -19.35 -18.78 22.78
CA GLU D 33 -19.20 -19.78 21.73
C GLU D 33 -20.08 -20.99 22.03
N ILE D 34 -20.68 -21.53 20.98
CA ILE D 34 -21.44 -22.78 21.05
C ILE D 34 -20.93 -23.71 19.97
N GLN D 35 -20.67 -24.97 20.32
CA GLN D 35 -20.15 -25.95 19.38
C GLN D 35 -20.95 -27.24 19.51
N GLN D 36 -20.98 -28.00 18.42
CA GLN D 36 -21.70 -29.27 18.39
C GLN D 36 -20.82 -30.41 18.87
N LYS D 50 -26.25 -32.90 23.46
CA LYS D 50 -26.16 -32.68 22.02
C LYS D 50 -24.99 -31.76 21.67
N ALA D 51 -25.15 -30.47 21.95
CA ALA D 51 -24.15 -29.48 21.65
C ALA D 51 -23.47 -29.00 22.93
N SER D 52 -22.23 -28.52 22.78
CA SER D 52 -21.45 -28.03 23.89
C SER D 52 -21.54 -26.50 23.94
N VAL D 53 -21.94 -25.97 25.09
CA VAL D 53 -22.09 -24.54 25.29
C VAL D 53 -20.90 -24.07 26.12
N LYS D 54 -20.05 -23.24 25.52
CA LYS D 54 -18.88 -22.73 26.22
C LYS D 54 -19.29 -21.60 27.18
N ASP D 55 -18.42 -21.36 28.16
CA ASP D 55 -18.67 -20.29 29.12
C ASP D 55 -18.57 -18.93 28.43
N LEU D 56 -19.42 -18.00 28.85
CA LEU D 56 -19.40 -16.64 28.33
C LEU D 56 -18.30 -15.86 29.04
N THR D 57 -17.35 -15.34 28.28
CA THR D 57 -16.20 -14.64 28.82
C THR D 57 -16.33 -13.15 28.53
N PHE D 58 -16.11 -12.33 29.56
CA PHE D 58 -16.13 -10.87 29.42
C PHE D 58 -14.94 -10.29 30.17
N GLU D 59 -14.47 -9.13 29.69
CA GLU D 59 -13.36 -8.42 30.30
C GLU D 59 -13.84 -7.08 30.82
N HIS D 60 -13.45 -6.77 32.06
CA HIS D 60 -13.78 -5.49 32.67
C HIS D 60 -12.62 -5.05 33.54
N ALA D 61 -12.56 -3.74 33.79
CA ALA D 61 -11.54 -3.20 34.68
C ALA D 61 -11.81 -3.63 36.11
N ILE D 62 -10.74 -3.70 36.91
CA ILE D 62 -10.89 -4.04 38.32
C ILE D 62 -11.75 -2.97 38.98
N ASP D 63 -12.84 -3.40 39.60
CA ASP D 63 -13.82 -2.46 40.14
C ASP D 63 -14.45 -3.08 41.39
N ARG D 64 -15.59 -2.51 41.82
CA ARG D 64 -16.24 -2.96 43.04
C ARG D 64 -16.64 -4.43 42.97
N ALA D 65 -16.96 -4.92 41.78
CA ALA D 65 -17.41 -6.30 41.61
C ALA D 65 -16.28 -7.32 41.74
N SER D 66 -15.02 -6.88 41.63
CA SER D 66 -13.90 -7.83 41.60
C SER D 66 -13.78 -8.67 42.86
N PRO D 67 -13.82 -8.12 44.08
CA PRO D 67 -13.71 -8.99 45.26
C PRO D 67 -14.81 -10.03 45.35
N ASN D 68 -16.04 -9.68 44.96
CA ASN D 68 -17.14 -10.64 45.01
C ASN D 68 -17.02 -11.69 43.92
N LEU D 69 -16.52 -11.30 42.74
CA LEU D 69 -16.34 -12.27 41.66
C LEU D 69 -15.33 -13.35 42.05
N MET D 70 -14.24 -12.96 42.72
CA MET D 70 -13.28 -13.95 43.19
C MET D 70 -13.90 -14.88 44.22
N LYS D 71 -14.69 -14.32 45.14
CA LYS D 71 -15.33 -15.13 46.18
C LYS D 71 -16.28 -16.16 45.57
N TYR D 72 -17.10 -15.72 44.61
CA TYR D 72 -18.07 -16.63 44.00
C TYR D 72 -17.37 -17.70 43.17
N ALA D 73 -16.27 -17.34 42.50
CA ALA D 73 -15.52 -18.33 41.73
C ALA D 73 -14.95 -19.41 42.64
N LEU D 74 -14.41 -19.01 43.79
CA LEU D 74 -13.85 -19.97 44.73
C LEU D 74 -14.93 -20.82 45.37
N THR D 75 -16.00 -20.19 45.85
CA THR D 75 -17.07 -20.92 46.52
C THR D 75 -17.95 -21.68 45.54
N GLY D 76 -18.10 -21.18 44.31
CA GLY D 76 -18.97 -21.81 43.35
C GLY D 76 -20.44 -21.57 43.57
N LYS D 77 -20.80 -20.55 44.35
CA LYS D 77 -22.19 -20.27 44.63
C LYS D 77 -22.90 -19.77 43.38
N HIS D 78 -24.17 -20.15 43.24
CA HIS D 78 -24.97 -19.77 42.08
C HIS D 78 -25.62 -18.42 42.33
N VAL D 79 -25.71 -17.61 41.26
CA VAL D 79 -26.46 -16.37 41.28
C VAL D 79 -27.68 -16.54 40.38
N ASP D 80 -28.74 -15.80 40.68
CA ASP D 80 -30.02 -16.02 40.03
C ASP D 80 -29.96 -15.70 38.54
N GLN D 81 -29.35 -14.57 38.18
CA GLN D 81 -29.43 -14.12 36.80
C GLN D 81 -28.29 -13.15 36.51
N ALA D 82 -27.80 -13.21 35.27
CA ALA D 82 -26.81 -12.27 34.75
C ALA D 82 -27.26 -11.84 33.36
N VAL D 83 -27.41 -10.53 33.15
CA VAL D 83 -27.94 -9.98 31.91
C VAL D 83 -26.87 -9.11 31.27
N LEU D 84 -26.55 -9.42 30.00
CA LEU D 84 -25.59 -8.65 29.23
C LEU D 84 -26.32 -7.81 28.19
N VAL D 85 -26.02 -6.52 28.15
CA VAL D 85 -26.70 -5.57 27.28
C VAL D 85 -25.66 -4.74 26.54
N MET D 86 -25.85 -4.59 25.23
CA MET D 86 -25.04 -3.68 24.41
C MET D 86 -25.93 -2.56 23.90
N ARG D 87 -25.45 -1.33 24.01
CA ARG D 87 -26.20 -0.15 23.58
C ARG D 87 -25.36 0.66 22.60
N LYS D 88 -25.99 1.10 21.52
CA LYS D 88 -25.32 1.92 20.52
C LYS D 88 -25.05 3.32 21.05
N ALA D 89 -23.98 3.93 20.56
CA ALA D 89 -23.57 5.26 20.98
C ALA D 89 -24.26 6.31 20.10
N GLY D 90 -23.82 7.56 20.22
CA GLY D 90 -24.39 8.63 19.44
C GLY D 90 -25.71 9.12 20.01
N GLY D 91 -26.50 9.75 19.13
CA GLY D 91 -27.79 10.29 19.50
C GLY D 91 -28.93 9.30 19.54
N ASN D 92 -28.65 8.02 19.27
CA ASN D 92 -29.68 6.98 19.25
C ASN D 92 -29.23 5.85 20.16
N PRO D 93 -29.36 6.01 21.48
CA PRO D 93 -28.94 4.96 22.43
C PRO D 93 -29.94 3.81 22.50
N LEU D 94 -29.81 2.89 21.55
CA LEU D 94 -30.68 1.72 21.46
C LEU D 94 -29.96 0.49 21.99
N GLU D 95 -30.61 -0.22 22.91
CA GLU D 95 -30.08 -1.47 23.45
C GLU D 95 -30.45 -2.58 22.46
N TYR D 96 -29.58 -2.79 21.47
CA TYR D 96 -29.88 -3.68 20.36
C TYR D 96 -29.57 -5.15 20.66
N LEU D 97 -28.95 -5.46 21.79
CA LEU D 97 -28.65 -6.85 22.12
C LEU D 97 -28.75 -7.03 23.63
N LYS D 98 -29.60 -7.95 24.06
CA LYS D 98 -29.76 -8.29 25.47
C LYS D 98 -29.58 -9.79 25.61
N LEU D 99 -28.59 -10.20 26.41
CA LEU D 99 -28.27 -11.61 26.62
C LEU D 99 -28.56 -11.94 28.08
N THR D 100 -29.63 -12.70 28.32
CA THR D 100 -30.07 -13.04 29.67
C THR D 100 -29.67 -14.47 29.98
N MET D 101 -28.98 -14.66 31.10
CA MET D 101 -28.47 -15.95 31.53
C MET D 101 -29.02 -16.28 32.91
N SER D 102 -29.57 -17.49 33.06
CA SER D 102 -30.16 -17.93 34.31
C SER D 102 -29.32 -19.06 34.91
N ASP D 103 -29.29 -19.11 36.24
CA ASP D 103 -28.47 -20.05 37.00
C ASP D 103 -26.99 -19.89 36.62
N VAL D 104 -26.47 -18.71 36.89
CA VAL D 104 -25.13 -18.30 36.47
C VAL D 104 -24.12 -18.72 37.52
N ILE D 105 -23.01 -19.30 37.06
CA ILE D 105 -21.91 -19.74 37.92
C ILE D 105 -20.65 -19.01 37.49
N ILE D 106 -19.93 -18.44 38.44
CA ILE D 106 -18.64 -17.83 38.17
C ILE D 106 -17.60 -18.94 38.07
N THR D 107 -16.99 -19.09 36.89
CA THR D 107 -16.09 -20.19 36.63
C THR D 107 -14.63 -19.80 36.47
N ARG D 108 -14.35 -18.54 36.12
CA ARG D 108 -12.98 -18.13 35.89
C ARG D 108 -12.85 -16.63 36.13
N VAL D 109 -11.81 -16.23 36.85
CA VAL D 109 -11.47 -14.82 37.05
C VAL D 109 -9.97 -14.67 36.87
N ARG D 110 -9.55 -13.67 36.08
CA ARG D 110 -8.15 -13.45 35.77
C ARG D 110 -7.79 -11.99 35.98
N PRO D 111 -7.58 -11.56 37.22
CA PRO D 111 -7.12 -10.19 37.46
C PRO D 111 -5.69 -9.99 36.98
N SER D 112 -5.39 -8.77 36.55
CA SER D 112 -4.05 -8.42 36.11
C SER D 112 -3.87 -6.91 36.24
N GLY D 113 -2.62 -6.49 36.39
CA GLY D 113 -2.31 -5.08 36.51
C GLY D 113 -0.88 -4.82 36.10
N SER D 114 -0.63 -3.60 35.63
CA SER D 114 0.70 -3.20 35.20
C SER D 114 0.97 -1.77 35.62
N ARG D 115 2.26 -1.47 35.85
CA ARG D 115 2.64 -0.11 36.23
C ARG D 115 2.38 0.88 35.11
N ASP D 116 2.51 0.45 33.86
CA ASP D 116 2.31 1.32 32.70
C ASP D 116 0.90 1.17 32.17
N ASP D 117 0.23 2.29 31.92
CA ASP D 117 -1.12 2.27 31.37
C ASP D 117 -1.14 1.64 29.98
N ARG D 120 -3.76 1.63 35.11
CA ARG D 120 -4.99 1.00 34.63
C ARG D 120 -4.87 -0.52 34.70
N SER D 121 -5.96 -1.19 35.09
CA SER D 121 -5.97 -2.64 35.26
C SER D 121 -7.25 -3.20 34.66
N ARG D 122 -7.19 -4.48 34.28
CA ARG D 122 -8.31 -5.18 33.67
C ARG D 122 -8.47 -6.55 34.31
N GLU D 123 -9.63 -7.15 34.09
CA GLU D 123 -9.94 -8.46 34.67
C GLU D 123 -10.83 -9.22 33.69
N THR D 124 -10.53 -10.50 33.51
CA THR D 124 -11.29 -11.37 32.61
C THR D 124 -12.06 -12.39 33.44
N VAL D 125 -13.38 -12.46 33.21
CA VAL D 125 -14.27 -13.31 33.98
C VAL D 125 -15.11 -14.15 33.01
N SER D 126 -15.30 -15.43 33.35
CA SER D 126 -16.10 -16.35 32.56
C SER D 126 -17.33 -16.77 33.36
N LEU D 127 -18.46 -16.94 32.66
CA LEU D 127 -19.73 -17.28 33.28
C LEU D 127 -20.30 -18.55 32.69
N SER D 128 -20.85 -19.40 33.55
CA SER D 128 -21.55 -20.62 33.15
C SER D 128 -22.99 -20.53 33.62
N PHE D 129 -23.93 -20.89 32.73
CA PHE D 129 -25.35 -20.72 33.00
C PHE D 129 -26.13 -21.92 32.48
N ALA D 130 -27.31 -22.13 33.05
CA ALA D 130 -28.17 -23.25 32.68
C ALA D 130 -29.21 -22.89 31.63
N LYS D 131 -29.63 -21.63 31.57
CA LYS D 131 -30.57 -21.19 30.56
C LYS D 131 -30.09 -19.87 29.96
N VAL D 132 -30.38 -19.68 28.67
CA VAL D 132 -29.90 -18.52 27.93
C VAL D 132 -31.05 -17.94 27.11
N LYS D 133 -31.12 -16.60 27.08
CA LYS D 133 -32.12 -15.89 26.30
C LYS D 133 -31.44 -14.73 25.59
N GLN D 134 -31.65 -14.62 24.28
CA GLN D 134 -31.05 -13.58 23.47
C GLN D 134 -32.14 -12.75 22.81
N GLU D 135 -31.98 -11.43 22.87
CA GLU D 135 -32.92 -10.50 22.24
C GLU D 135 -32.13 -9.52 21.40
N TYR D 136 -32.49 -9.42 20.12
CA TYR D 136 -31.85 -8.50 19.19
C TYR D 136 -32.89 -7.52 18.65
N VAL D 137 -32.51 -6.25 18.55
CA VAL D 137 -33.39 -5.19 18.08
C VAL D 137 -32.78 -4.59 16.83
N VAL D 138 -33.55 -4.55 15.75
CA VAL D 138 -33.11 -3.95 14.50
C VAL D 138 -33.28 -2.44 14.61
N GLN D 139 -32.32 -1.69 14.08
CA GLN D 139 -32.35 -0.24 14.09
C GLN D 139 -32.70 0.27 12.69
N ASN D 140 -33.68 1.15 12.62
CA ASN D 140 -34.15 1.70 11.35
C ASN D 140 -33.28 2.90 10.94
N ALA D 141 -33.66 3.53 9.84
CA ALA D 141 -32.91 4.68 9.33
C ALA D 141 -33.01 5.89 10.25
N GLN D 142 -34.02 5.94 11.12
CA GLN D 142 -34.18 7.04 12.06
C GLN D 142 -33.47 6.82 13.38
N GLY D 143 -32.79 5.69 13.56
CA GLY D 143 -32.10 5.37 14.79
C GLY D 143 -32.95 4.75 15.87
N GLY D 144 -34.24 4.52 15.61
CA GLY D 144 -35.13 3.93 16.58
C GLY D 144 -35.14 2.41 16.51
N SER D 145 -36.17 1.83 17.11
CA SER D 145 -36.33 0.39 17.14
C SER D 145 -37.11 -0.10 15.93
N GLY D 146 -36.66 -1.22 15.37
CA GLY D 146 -37.36 -1.84 14.27
C GLY D 146 -38.12 -3.07 14.73
N GLY D 147 -37.55 -4.25 14.48
CA GLY D 147 -38.14 -5.50 14.94
C GLY D 147 -37.26 -6.15 15.99
N ALA D 148 -37.90 -6.84 16.94
CA ALA D 148 -37.21 -7.52 18.02
C ALA D 148 -37.34 -9.03 17.81
N VAL D 149 -36.20 -9.71 17.78
CA VAL D 149 -36.15 -11.15 17.60
C VAL D 149 -35.60 -11.77 18.87
N THR D 150 -36.34 -12.74 19.43
CA THR D 150 -35.98 -13.34 20.71
C THR D 150 -36.05 -14.86 20.60
N THR D 151 -35.03 -15.53 21.13
CA THR D 151 -35.01 -16.99 21.22
C THR D 151 -34.54 -17.40 22.61
N SER D 152 -35.05 -18.53 23.07
CA SER D 152 -34.73 -19.04 24.40
C SER D 152 -34.41 -20.53 24.32
N PHE D 153 -33.63 -21.01 25.29
CA PHE D 153 -33.24 -22.41 25.31
C PHE D 153 -32.84 -22.79 26.73
N ASP D 154 -33.28 -23.98 27.16
CA ASP D 154 -32.91 -24.55 28.45
C ASP D 154 -31.74 -25.49 28.21
N ILE D 155 -30.52 -25.01 28.49
CA ILE D 155 -29.33 -25.81 28.24
C ILE D 155 -29.26 -26.99 29.20
N LYS D 156 -29.48 -26.74 30.49
CA LYS D 156 -29.41 -27.82 31.47
C LYS D 156 -30.52 -28.85 31.26
N GLY D 157 -31.74 -28.38 31.00
CA GLY D 157 -32.86 -29.26 30.75
C GLY D 157 -32.96 -29.82 29.35
N ASN D 158 -32.06 -29.41 28.45
CA ASN D 158 -32.04 -29.89 27.08
C ASN D 158 -33.38 -29.61 26.36
N ALA E 2 15.96 2.52 1.15
CA ALA E 2 15.55 3.90 1.36
C ALA E 2 16.65 4.68 2.06
N GLN E 3 17.20 5.68 1.38
CA GLN E 3 18.27 6.48 1.91
C GLN E 3 17.72 7.56 2.86
N ASP E 4 18.65 8.27 3.51
CA ASP E 4 18.32 9.34 4.44
C ASP E 4 18.89 10.65 3.91
N ILE E 5 18.07 11.70 3.92
CA ILE E 5 18.45 13.02 3.43
C ILE E 5 18.28 14.01 4.57
N PHE E 6 19.30 14.82 4.82
CA PHE E 6 19.29 15.79 5.89
C PHE E 6 19.60 17.18 5.35
N LEU E 7 19.09 18.20 6.04
CA LEU E 7 19.37 19.59 5.71
C LEU E 7 19.62 20.34 7.00
N LYS E 8 20.81 20.93 7.11
CA LYS E 8 21.22 21.68 8.29
C LYS E 8 21.23 23.16 7.94
N ILE E 9 20.33 23.92 8.55
CA ILE E 9 20.20 25.36 8.31
C ILE E 9 20.55 26.09 9.61
N ASP E 10 21.42 27.08 9.52
CA ASP E 10 21.87 27.82 10.70
C ASP E 10 20.71 28.62 11.27
N GLY E 11 20.40 28.37 12.55
CA GLY E 11 19.35 29.09 13.24
C GLY E 11 17.96 28.51 13.08
N ILE E 12 17.79 27.51 12.24
CA ILE E 12 16.48 26.88 11.99
C ILE E 12 16.68 25.38 12.20
N ASN E 13 16.40 24.90 13.40
CA ASN E 13 16.59 23.51 13.74
C ASN E 13 15.35 22.69 13.42
N GLY E 14 15.57 21.43 13.05
CA GLY E 14 14.53 20.46 12.85
C GLY E 14 14.31 19.62 14.09
N GLU E 15 13.84 18.39 13.88
CA GLU E 15 13.64 17.44 14.97
C GLU E 15 14.14 16.05 14.56
N SER E 16 15.26 16.02 13.83
CA SER E 16 15.84 14.74 13.45
C SER E 16 16.45 14.06 14.67
N LEU E 17 16.17 12.77 14.83
CA LEU E 17 16.71 11.98 15.93
C LEU E 17 17.96 11.22 15.55
N ASP E 18 18.48 11.43 14.34
CA ASP E 18 19.72 10.77 13.93
C ASP E 18 20.87 11.26 14.79
N ASP E 19 21.75 10.32 15.17
CA ASP E 19 22.87 10.66 16.05
C ASP E 19 23.82 11.64 15.39
N SER E 20 24.15 11.42 14.11
CA SER E 20 25.08 12.28 13.41
C SER E 20 24.45 13.56 12.89
N HIS E 21 23.13 13.62 12.81
CA HIS E 21 22.41 14.79 12.27
C HIS E 21 21.26 15.17 13.18
N LYS E 22 21.54 15.26 14.49
CA LYS E 22 20.54 15.64 15.46
C LYS E 22 20.07 17.08 15.24
N ASP E 23 18.78 17.31 15.45
CA ASP E 23 18.17 18.64 15.37
C ASP E 23 18.33 19.25 13.98
N GLU E 24 18.29 18.42 12.94
CA GLU E 24 18.33 18.86 11.56
C GLU E 24 17.01 18.56 10.88
N ILE E 25 16.83 19.12 9.69
CA ILE E 25 15.60 18.93 8.93
C ILE E 25 15.75 17.66 8.08
N GLU E 26 14.86 16.70 8.31
CA GLU E 26 14.83 15.49 7.48
C GLU E 26 14.06 15.80 6.20
N VAL E 27 14.73 15.63 5.06
CA VAL E 27 14.18 16.01 3.76
C VAL E 27 13.62 14.76 3.09
N LEU E 28 12.33 14.79 2.75
CA LEU E 28 11.73 13.68 2.02
C LEU E 28 12.19 13.65 0.58
N ASN E 29 12.23 14.80 -0.08
CA ASN E 29 12.71 14.91 -1.45
C ASN E 29 13.12 16.34 -1.72
N TRP E 30 13.97 16.51 -2.73
CA TRP E 30 14.49 17.83 -3.07
C TRP E 30 14.82 17.87 -4.56
N ASN E 31 14.91 19.09 -5.09
CA ASN E 31 15.30 19.27 -6.48
C ASN E 31 15.98 20.64 -6.62
N TRP E 32 16.78 20.76 -7.68
CA TRP E 32 17.49 21.99 -7.98
C TRP E 32 17.68 22.07 -9.48
N GLU E 33 17.84 23.28 -10.00
CA GLU E 33 17.95 23.46 -11.44
C GLU E 33 18.87 24.63 -11.75
N ILE E 34 19.64 24.49 -12.84
CA ILE E 34 20.50 25.53 -13.37
C ILE E 34 20.23 25.64 -14.87
N GLN E 35 20.05 26.87 -15.36
CA GLN E 35 19.81 27.10 -16.77
C GLN E 35 20.66 28.25 -17.26
N GLN E 36 20.95 28.25 -18.55
CA GLN E 36 21.77 29.29 -19.17
C GLN E 36 20.90 30.45 -19.66
N LYS E 50 25.38 35.49 -16.51
CA LYS E 50 25.59 34.48 -17.53
C LYS E 50 24.48 33.43 -17.49
N ALA E 51 24.50 32.61 -16.45
CA ALA E 51 23.51 31.55 -16.27
C ALA E 51 22.52 31.94 -15.17
N SER E 52 21.39 31.25 -15.17
CA SER E 52 20.33 31.47 -14.19
C SER E 52 20.30 30.29 -13.23
N VAL E 53 20.44 30.56 -11.94
CA VAL E 53 20.45 29.53 -10.91
C VAL E 53 19.11 29.60 -10.19
N LYS E 54 18.31 28.54 -10.33
CA LYS E 54 17.01 28.49 -9.70
C LYS E 54 17.15 28.17 -8.21
N ASP E 55 16.09 28.46 -7.47
CA ASP E 55 16.07 28.15 -6.04
C ASP E 55 16.05 26.65 -5.82
N LEU E 56 16.72 26.22 -4.75
CA LEU E 56 16.71 24.81 -4.37
C LEU E 56 15.45 24.52 -3.57
N THR E 57 14.63 23.61 -4.07
CA THR E 57 13.35 23.27 -3.45
C THR E 57 13.46 21.90 -2.78
N PHE E 58 13.08 21.84 -1.51
CA PHE E 58 13.05 20.59 -0.76
C PHE E 58 11.71 20.46 -0.05
N GLU E 59 11.27 19.22 0.13
CA GLU E 59 10.01 18.91 0.79
C GLU E 59 10.28 18.17 2.09
N HIS E 60 9.64 18.63 3.17
CA HIS E 60 9.82 18.04 4.48
C HIS E 60 8.50 18.07 5.23
N ALA E 61 8.39 17.21 6.23
CA ALA E 61 7.21 17.20 7.08
C ALA E 61 7.16 18.46 7.93
N ILE E 62 5.94 18.89 8.26
CA ILE E 62 5.74 20.05 9.13
C ILE E 62 6.31 19.70 10.50
N ASP E 63 7.37 20.39 10.89
CA ASP E 63 8.14 20.02 12.07
C ASP E 63 8.53 21.29 12.82
N ARG E 64 9.48 21.16 13.74
CA ARG E 64 9.91 22.28 14.56
C ARG E 64 10.42 23.45 13.72
N ALA E 65 10.99 23.17 12.55
CA ALA E 65 11.54 24.23 11.71
C ALA E 65 10.46 25.04 11.00
N SER E 66 9.25 24.51 10.89
CA SER E 66 8.21 25.16 10.09
C SER E 66 7.88 26.58 10.56
N PRO E 67 7.65 26.85 11.85
CA PRO E 67 7.36 28.24 12.24
C PRO E 67 8.47 29.22 11.90
N ASN E 68 9.74 28.80 12.03
CA ASN E 68 10.84 29.70 11.71
C ASN E 68 11.05 29.87 10.21
N LEU E 69 10.77 28.83 9.43
CA LEU E 69 10.86 28.96 7.97
C LEU E 69 9.87 29.98 7.46
N MET E 70 8.65 30.00 8.01
CA MET E 70 7.67 31.01 7.63
C MET E 70 8.14 32.40 8.01
N LYS E 71 8.72 32.56 9.22
CA LYS E 71 9.17 33.87 9.65
C LYS E 71 10.30 34.39 8.78
N TYR E 72 11.28 33.54 8.46
CA TYR E 72 12.38 33.97 7.60
C TYR E 72 11.90 34.25 6.18
N ALA E 73 10.87 33.53 5.71
CA ALA E 73 10.30 33.82 4.40
C ALA E 73 9.67 35.21 4.37
N LEU E 74 8.94 35.55 5.43
CA LEU E 74 8.26 36.85 5.47
C LEU E 74 9.25 37.98 5.70
N THR E 75 10.19 37.80 6.63
CA THR E 75 11.16 38.84 6.92
C THR E 75 12.25 38.93 5.85
N GLY E 76 12.56 37.81 5.19
CA GLY E 76 13.63 37.80 4.21
C GLY E 76 15.01 37.88 4.79
N LYS E 77 15.17 37.56 6.08
CA LYS E 77 16.48 37.63 6.72
C LYS E 77 17.40 36.55 6.18
N HIS E 78 18.68 36.88 6.07
CA HIS E 78 19.67 35.93 5.56
C HIS E 78 20.19 35.04 6.67
N VAL E 79 20.44 33.78 6.33
CA VAL E 79 21.11 32.85 7.23
C VAL E 79 22.49 32.56 6.67
N ASP E 80 23.39 32.14 7.57
CA ASP E 80 24.79 32.00 7.20
C ASP E 80 25.01 30.87 6.20
N GLN E 81 24.47 29.68 6.49
CA GLN E 81 24.78 28.52 5.67
C GLN E 81 23.68 27.48 5.80
N ALA E 82 23.46 26.77 4.70
CA ALA E 82 22.55 25.61 4.66
C ALA E 82 23.24 24.49 3.91
N VAL E 83 23.29 23.31 4.53
CA VAL E 83 24.00 22.17 3.98
C VAL E 83 23.02 21.02 3.78
N LEU E 84 22.97 20.49 2.55
CA LEU E 84 22.12 19.37 2.21
C LEU E 84 22.98 18.12 2.04
N VAL E 85 22.59 17.04 2.71
CA VAL E 85 23.38 15.81 2.75
C VAL E 85 22.48 14.64 2.38
N MET E 86 22.94 13.81 1.45
CA MET E 86 22.32 12.52 1.13
C MET E 86 23.26 11.40 1.56
N ARG E 87 22.72 10.45 2.32
CA ARG E 87 23.52 9.38 2.92
C ARG E 87 22.96 8.04 2.51
N LYS E 88 23.84 7.14 2.08
CA LYS E 88 23.43 5.80 1.66
C LYS E 88 22.91 5.01 2.85
N ALA E 89 21.94 4.14 2.57
CA ALA E 89 21.37 3.26 3.58
C ALA E 89 22.21 1.99 3.68
N GLY E 90 21.69 0.99 4.39
CA GLY E 90 22.40 -0.26 4.55
C GLY E 90 23.48 -0.19 5.62
N GLY E 91 24.47 -1.06 5.46
CA GLY E 91 25.54 -1.18 6.42
C GLY E 91 26.68 -0.18 6.27
N ASN E 92 26.61 0.71 5.28
CA ASN E 92 27.66 1.70 5.05
C ASN E 92 27.01 3.08 4.97
N PRO E 93 26.85 3.78 6.11
CA PRO E 93 26.24 5.11 6.07
C PRO E 93 27.15 6.16 5.47
N LEU E 94 27.34 6.09 4.15
CA LEU E 94 28.23 7.01 3.45
C LEU E 94 27.46 8.23 2.98
N GLU E 95 27.93 9.41 3.37
CA GLU E 95 27.35 10.68 2.92
C GLU E 95 27.94 10.99 1.56
N TYR E 96 27.30 10.44 0.52
CA TYR E 96 27.85 10.48 -0.83
C TYR E 96 27.58 11.79 -1.57
N LEU E 97 26.70 12.64 -1.05
CA LEU E 97 26.45 13.94 -1.68
C LEU E 97 26.28 15.00 -0.60
N LYS E 98 27.01 16.10 -0.74
CA LYS E 98 26.96 17.20 0.21
C LYS E 98 26.89 18.50 -0.56
N LEU E 99 25.79 19.24 -0.40
CA LEU E 99 25.54 20.48 -1.13
C LEU E 99 25.51 21.62 -0.12
N THR E 100 26.58 22.42 -0.10
CA THR E 100 26.73 23.52 0.86
C THR E 100 26.35 24.83 0.18
N MET E 101 25.47 25.59 0.83
CA MET E 101 24.97 26.85 0.30
C MET E 101 25.27 27.96 1.31
N SER E 102 25.86 29.05 0.83
CA SER E 102 26.22 30.18 1.67
C SER E 102 25.35 31.37 1.34
N ASP E 103 25.03 32.17 2.36
CA ASP E 103 24.16 33.33 2.24
C ASP E 103 22.78 32.92 1.70
N VAL E 104 22.12 32.05 2.46
CA VAL E 104 20.87 31.43 2.05
C VAL E 104 19.70 32.32 2.41
N ILE E 105 18.71 32.38 1.52
CA ILE E 105 17.50 33.16 1.71
C ILE E 105 16.30 32.23 1.56
N ILE E 106 15.36 32.32 2.50
CA ILE E 106 14.12 31.56 2.42
C ILE E 106 13.18 32.31 1.47
N THR E 107 12.84 31.67 0.35
CA THR E 107 12.06 32.32 -0.70
C THR E 107 10.64 31.77 -0.84
N ARG E 108 10.40 30.53 -0.46
CA ARG E 108 9.08 29.93 -0.63
C ARG E 108 8.80 28.96 0.51
N VAL E 109 7.59 29.03 1.05
CA VAL E 109 7.09 28.09 2.04
C VAL E 109 5.67 27.70 1.65
N ARG E 110 5.41 26.40 1.51
CA ARG E 110 4.09 25.89 1.12
C ARG E 110 3.66 24.78 2.07
N PRO E 111 3.09 25.13 3.22
CA PRO E 111 2.53 24.10 4.11
C PRO E 111 1.22 23.55 3.55
N SER E 112 0.91 22.31 3.94
CA SER E 112 -0.32 21.66 3.51
C SER E 112 -0.65 20.55 4.49
N GLY E 113 -1.92 20.14 4.48
CA GLY E 113 -2.37 19.08 5.37
C GLY E 113 -3.67 18.49 4.91
N SER E 114 -3.98 17.30 5.45
CA SER E 114 -5.21 16.60 5.10
C SER E 114 -5.48 15.55 6.18
N ARG E 115 -6.76 15.18 6.30
CA ARG E 115 -7.18 14.13 7.21
C ARG E 115 -7.12 12.75 6.58
N ASP E 116 -6.96 12.66 5.26
CA ASP E 116 -7.03 11.37 4.57
C ASP E 116 -5.73 10.60 4.70
N ASP E 117 -4.63 11.16 4.20
CA ASP E 117 -3.34 10.50 4.32
C ASP E 117 -2.89 10.48 5.77
N THR E 118 -2.11 9.46 6.12
CA THR E 118 -1.71 9.23 7.50
C THR E 118 -0.84 10.38 8.01
N GLU E 119 -1.43 11.24 8.85
CA GLU E 119 -0.78 12.42 9.38
C GLU E 119 -0.14 13.25 8.26
N ARG E 120 -0.94 13.58 7.25
CA ARG E 120 -0.43 14.30 6.09
C ARG E 120 -0.09 15.73 6.52
N SER E 121 1.21 15.99 6.70
CA SER E 121 1.69 17.33 7.01
C SER E 121 3.04 17.48 6.32
N ARG E 122 3.03 18.03 5.10
CA ARG E 122 4.21 18.23 4.31
C ARG E 122 4.35 19.70 3.94
N GLU E 123 5.59 20.19 3.93
CA GLU E 123 5.88 21.58 3.64
C GLU E 123 6.95 21.65 2.56
N THR E 124 6.70 22.46 1.54
CA THR E 124 7.63 22.64 0.43
C THR E 124 8.32 23.99 0.59
N VAL E 125 9.65 23.97 0.62
CA VAL E 125 10.45 25.16 0.89
C VAL E 125 11.51 25.31 -0.19
N SER E 126 11.73 26.55 -0.62
CA SER E 126 12.72 26.88 -1.63
C SER E 126 13.79 27.80 -1.03
N LEU E 127 15.03 27.60 -1.44
CA LEU E 127 16.17 28.32 -0.90
C LEU E 127 16.92 29.04 -2.01
N SER E 128 17.29 30.30 -1.75
CA SER E 128 18.14 31.08 -2.64
C SER E 128 19.45 31.39 -1.92
N PHE E 129 20.56 31.17 -2.61
CA PHE E 129 21.88 31.29 -1.99
C PHE E 129 22.85 31.93 -2.98
N ALA E 130 23.88 32.56 -2.43
CA ALA E 130 24.88 33.27 -3.23
C ALA E 130 26.11 32.44 -3.56
N LYS E 131 26.41 31.41 -2.77
CA LYS E 131 27.55 30.54 -3.02
C LYS E 131 27.10 29.09 -2.88
N VAL E 132 27.64 28.23 -3.74
CA VAL E 132 27.26 26.82 -3.79
C VAL E 132 28.51 25.96 -3.87
N LYS E 133 28.49 24.83 -3.17
CA LYS E 133 29.60 23.88 -3.15
C LYS E 133 29.03 22.47 -3.08
N GLN E 134 29.41 21.64 -4.04
CA GLN E 134 28.94 20.26 -4.12
C GLN E 134 30.11 19.31 -3.94
N GLU E 135 29.92 18.29 -3.09
CA GLU E 135 30.90 17.24 -2.88
C GLU E 135 30.24 15.90 -3.11
N TYR E 136 30.84 15.09 -3.98
CA TYR E 136 30.36 13.75 -4.28
C TYR E 136 31.42 12.73 -3.90
N VAL E 137 30.99 11.61 -3.31
CA VAL E 137 31.88 10.55 -2.88
C VAL E 137 31.52 9.28 -3.64
N VAL E 138 32.51 8.68 -4.30
CA VAL E 138 32.31 7.44 -5.04
C VAL E 138 32.31 6.28 -4.05
N GLN E 139 31.41 5.31 -4.26
CA GLN E 139 31.36 4.10 -3.46
C GLN E 139 31.93 2.94 -4.28
N ASN E 140 32.84 2.19 -3.67
CA ASN E 140 33.55 1.13 -4.38
C ASN E 140 32.75 -0.17 -4.32
N ALA E 141 33.38 -1.26 -4.75
CA ALA E 141 32.70 -2.56 -4.79
C ALA E 141 32.33 -3.04 -3.39
N GLN E 142 33.25 -2.91 -2.44
CA GLN E 142 32.97 -3.36 -1.08
C GLN E 142 31.98 -2.46 -0.37
N GLY E 143 31.72 -1.27 -0.90
CA GLY E 143 30.82 -0.32 -0.27
C GLY E 143 31.51 0.82 0.46
N GLY E 144 32.83 0.83 0.50
CA GLY E 144 33.55 1.90 1.17
C GLY E 144 33.68 3.14 0.32
N SER E 145 34.23 4.19 0.94
CA SER E 145 34.42 5.45 0.24
C SER E 145 35.50 5.32 -0.83
N GLY E 146 35.28 5.97 -1.96
CA GLY E 146 36.26 5.97 -3.03
C GLY E 146 36.94 7.30 -3.22
N GLY E 147 36.61 8.02 -4.29
CA GLY E 147 37.19 9.31 -4.57
C GLY E 147 36.16 10.42 -4.38
N ALA E 148 36.63 11.56 -3.89
CA ALA E 148 35.78 12.71 -3.63
C ALA E 148 35.99 13.77 -4.69
N VAL E 149 34.90 14.25 -5.28
CA VAL E 149 34.92 15.29 -6.29
C VAL E 149 34.22 16.53 -5.72
N THR E 150 34.91 17.67 -5.79
CA THR E 150 34.42 18.90 -5.17
C THR E 150 34.47 20.04 -6.18
N THR E 151 33.41 20.86 -6.18
CA THR E 151 33.32 22.02 -7.04
C THR E 151 32.64 23.16 -6.30
N SER E 152 33.17 24.37 -6.45
CA SER E 152 32.63 25.55 -5.80
C SER E 152 32.44 26.65 -6.84
N PHE E 153 31.54 27.58 -6.53
CA PHE E 153 31.26 28.69 -7.42
C PHE E 153 30.59 29.81 -6.62
N ASP E 154 30.97 31.05 -6.91
CA ASP E 154 30.39 32.23 -6.29
C ASP E 154 29.34 32.78 -7.26
N ILE E 155 28.06 32.50 -6.97
CA ILE E 155 26.99 32.85 -7.90
C ILE E 155 26.82 34.36 -7.98
N LYS E 156 26.75 35.03 -6.82
CA LYS E 156 26.54 36.47 -6.82
C LYS E 156 27.75 37.21 -7.38
N GLY E 157 28.95 36.78 -7.02
CA GLY E 157 30.17 37.39 -7.50
C GLY E 157 30.59 36.98 -8.89
N ASN E 158 29.86 36.03 -9.51
CA ASN E 158 30.17 35.55 -10.85
C ASN E 158 31.58 35.00 -10.93
N LYS E 159 31.90 34.06 -10.04
CA LYS E 159 33.24 33.49 -9.97
C LYS E 159 33.19 32.04 -9.49
N ALA F 2 -14.29 -3.22 -3.20
CA ALA F 2 -14.90 -4.04 -2.16
C ALA F 2 -16.17 -4.72 -2.65
N GLN F 3 -16.11 -6.03 -2.81
CA GLN F 3 -17.23 -6.81 -3.32
C GLN F 3 -18.28 -7.00 -2.22
N ASP F 4 -19.37 -7.68 -2.58
CA ASP F 4 -20.44 -8.00 -1.65
C ASP F 4 -20.66 -9.50 -1.59
N ILE F 5 -20.85 -10.02 -0.39
CA ILE F 5 -21.08 -11.45 -0.16
C ILE F 5 -22.39 -11.61 0.59
N PHE F 6 -23.23 -12.52 0.12
CA PHE F 6 -24.53 -12.78 0.71
C PHE F 6 -24.69 -14.26 1.02
N LEU F 7 -25.50 -14.54 2.04
CA LEU F 7 -25.82 -15.91 2.43
C LEU F 7 -27.30 -16.00 2.72
N LYS F 8 -28.02 -16.82 1.96
CA LYS F 8 -29.45 -17.02 2.13
C LYS F 8 -29.70 -18.38 2.75
N ILE F 9 -30.21 -18.38 3.98
CA ILE F 9 -30.52 -19.61 4.71
C ILE F 9 -32.02 -19.67 4.91
N ASP F 10 -32.62 -20.82 4.58
CA ASP F 10 -34.06 -20.97 4.69
C ASP F 10 -34.51 -20.90 6.14
N GLY F 11 -35.46 -20.00 6.42
CA GLY F 11 -35.99 -19.83 7.75
C GLY F 11 -35.19 -18.94 8.67
N ILE F 12 -34.03 -18.45 8.23
CA ILE F 12 -33.17 -17.59 9.04
C ILE F 12 -32.85 -16.37 8.18
N ASN F 13 -33.63 -15.30 8.34
CA ASN F 13 -33.45 -14.10 7.54
C ASN F 13 -32.48 -13.14 8.22
N GLY F 14 -31.77 -12.38 7.38
CA GLY F 14 -30.89 -11.33 7.83
C GLY F 14 -31.57 -9.97 7.78
N GLU F 15 -30.77 -8.92 7.59
CA GLU F 15 -31.30 -7.57 7.46
C GLU F 15 -30.59 -6.84 6.33
N SER F 16 -30.31 -7.54 5.23
CA SER F 16 -29.69 -6.91 4.08
C SER F 16 -30.71 -6.02 3.35
N LEU F 17 -30.29 -4.82 3.01
CA LEU F 17 -31.13 -3.89 2.25
C LEU F 17 -30.88 -3.96 0.75
N ASP F 18 -30.04 -4.88 0.28
CA ASP F 18 -29.81 -5.03 -1.15
C ASP F 18 -31.10 -5.45 -1.83
N ASP F 19 -31.33 -4.90 -3.03
CA ASP F 19 -32.60 -5.11 -3.72
C ASP F 19 -32.78 -6.58 -4.11
N SER F 20 -31.76 -7.17 -4.73
CA SER F 20 -31.87 -8.56 -5.18
C SER F 20 -31.58 -9.57 -4.08
N HIS F 21 -30.99 -9.15 -2.97
CA HIS F 21 -30.65 -10.03 -1.85
C HIS F 21 -31.21 -9.48 -0.55
N LYS F 22 -32.48 -9.07 -0.58
CA LYS F 22 -33.12 -8.50 0.60
C LYS F 22 -33.33 -9.58 1.66
N ASP F 23 -33.21 -9.19 2.92
CA ASP F 23 -33.44 -10.05 4.08
C ASP F 23 -32.48 -11.24 4.12
N GLU F 24 -31.32 -11.13 3.49
CA GLU F 24 -30.30 -12.16 3.55
C GLU F 24 -29.19 -11.73 4.52
N ILE F 25 -28.35 -12.70 4.87
CA ILE F 25 -27.23 -12.44 5.76
C ILE F 25 -26.07 -11.86 4.96
N GLU F 26 -25.58 -10.69 5.37
CA GLU F 26 -24.42 -10.08 4.74
C GLU F 26 -23.16 -10.64 5.38
N VAL F 27 -22.34 -11.31 4.57
CA VAL F 27 -21.17 -12.04 5.06
C VAL F 27 -19.94 -11.16 4.90
N LEU F 28 -19.25 -10.89 6.01
CA LEU F 28 -18.00 -10.14 5.93
C LEU F 28 -16.88 -10.99 5.34
N ASN F 29 -16.78 -12.24 5.78
CA ASN F 29 -15.77 -13.16 5.27
C ASN F 29 -16.22 -14.58 5.56
N TRP F 30 -15.64 -15.53 4.82
CA TRP F 30 -16.00 -16.93 4.96
C TRP F 30 -14.83 -17.80 4.52
N ASN F 31 -14.88 -19.07 4.92
CA ASN F 31 -13.86 -20.03 4.51
C ASN F 31 -14.46 -21.43 4.54
N TRP F 32 -13.81 -22.34 3.80
CA TRP F 32 -14.24 -23.72 3.71
C TRP F 32 -13.01 -24.59 3.46
N GLU F 33 -13.12 -25.87 3.80
CA GLU F 33 -11.98 -26.77 3.64
C GLU F 33 -12.47 -28.18 3.32
N ILE F 34 -11.72 -28.86 2.45
CA ILE F 34 -11.91 -30.27 2.14
C ILE F 34 -10.57 -30.97 2.27
N GLN F 35 -10.55 -32.11 2.97
CA GLN F 35 -9.32 -32.86 3.17
C GLN F 35 -9.59 -34.33 2.97
N GLN F 36 -8.53 -35.07 2.64
CA GLN F 36 -8.63 -36.50 2.40
C GLN F 36 -8.26 -37.30 3.65
N LYS F 50 -14.32 -41.57 2.38
CA LYS F 50 -13.16 -41.22 1.56
C LYS F 50 -12.51 -39.94 2.06
N ALA F 51 -13.08 -38.80 1.69
CA ALA F 51 -12.57 -37.50 2.09
C ALA F 51 -13.39 -36.93 3.24
N SER F 52 -12.80 -35.95 3.93
CA SER F 52 -13.44 -35.28 5.06
C SER F 52 -13.82 -33.87 4.64
N VAL F 53 -15.10 -33.53 4.77
CA VAL F 53 -15.61 -32.21 4.43
C VAL F 53 -15.77 -31.42 5.71
N LYS F 54 -15.03 -30.33 5.84
CA LYS F 54 -15.12 -29.50 7.03
C LYS F 54 -16.29 -28.53 6.93
N ASP F 55 -16.74 -28.06 8.08
CA ASP F 55 -17.86 -27.13 8.13
C ASP F 55 -17.49 -25.81 7.47
N LEU F 56 -18.45 -25.23 6.75
CA LEU F 56 -18.24 -23.93 6.14
C LEU F 56 -18.44 -22.84 7.18
N THR F 57 -17.40 -22.05 7.42
CA THR F 57 -17.41 -21.01 8.45
C THR F 57 -17.53 -19.65 7.78
N PHE F 58 -18.47 -18.83 8.25
CA PHE F 58 -18.64 -17.47 7.76
C PHE F 58 -18.78 -16.52 8.94
N GLU F 59 -18.38 -15.27 8.73
CA GLU F 59 -18.44 -14.24 9.76
C GLU F 59 -19.37 -13.12 9.32
N HIS F 60 -20.27 -12.73 10.21
CA HIS F 60 -21.22 -11.66 9.94
C HIS F 60 -21.41 -10.84 11.20
N ALA F 61 -21.81 -9.59 11.02
CA ALA F 61 -22.14 -8.74 12.15
C ALA F 61 -23.40 -9.26 12.84
N ILE F 62 -23.48 -9.02 14.15
CA ILE F 62 -24.64 -9.47 14.92
C ILE F 62 -25.87 -8.74 14.40
N ASP F 63 -26.81 -9.51 13.84
CA ASP F 63 -27.97 -8.94 13.15
C ASP F 63 -29.20 -9.77 13.53
N ARG F 64 -30.27 -9.59 12.74
CA ARG F 64 -31.53 -10.26 13.00
C ARG F 64 -31.38 -11.78 13.02
N ALA F 65 -30.45 -12.32 12.23
CA ALA F 65 -30.29 -13.77 12.15
C ALA F 65 -29.63 -14.35 13.39
N SER F 66 -29.00 -13.52 14.22
CA SER F 66 -28.22 -14.03 15.35
C SER F 66 -29.07 -14.80 16.36
N PRO F 67 -30.23 -14.30 16.83
CA PRO F 67 -31.01 -15.10 17.79
C PRO F 67 -31.44 -16.45 17.24
N ASN F 68 -31.80 -16.52 15.95
CA ASN F 68 -32.21 -17.79 15.37
C ASN F 68 -31.03 -18.72 15.12
N LEU F 69 -29.87 -18.18 14.80
CA LEU F 69 -28.68 -19.00 14.60
C LEU F 69 -28.30 -19.73 15.88
N MET F 70 -28.37 -19.03 17.02
CA MET F 70 -28.09 -19.68 18.30
C MET F 70 -29.11 -20.77 18.60
N LYS F 71 -30.39 -20.51 18.33
CA LYS F 71 -31.43 -21.50 18.59
C LYS F 71 -31.21 -22.76 17.76
N TYR F 72 -30.89 -22.59 16.47
CA TYR F 72 -30.67 -23.76 15.61
C TYR F 72 -29.41 -24.51 16.01
N ALA F 73 -28.37 -23.79 16.44
CA ALA F 73 -27.15 -24.46 16.88
C ALA F 73 -27.41 -25.33 18.10
N LEU F 74 -28.18 -24.82 19.05
CA LEU F 74 -28.49 -25.60 20.26
C LEU F 74 -29.43 -26.76 19.94
N THR F 75 -30.50 -26.49 19.18
CA THR F 75 -31.47 -27.54 18.89
C THR F 75 -30.94 -28.53 17.86
N GLY F 76 -30.08 -28.09 16.95
CA GLY F 76 -29.56 -28.96 15.91
C GLY F 76 -30.53 -29.25 14.79
N LYS F 77 -31.61 -28.49 14.67
CA LYS F 77 -32.59 -28.71 13.61
C LYS F 77 -31.97 -28.45 12.25
N HIS F 78 -32.43 -29.21 11.26
CA HIS F 78 -31.96 -29.07 9.89
C HIS F 78 -32.73 -27.98 9.17
N VAL F 79 -32.05 -27.26 8.30
CA VAL F 79 -32.68 -26.33 7.38
C VAL F 79 -32.52 -26.88 5.97
N ASP F 80 -33.45 -26.51 5.09
CA ASP F 80 -33.50 -27.13 3.76
C ASP F 80 -32.28 -26.77 2.92
N GLN F 81 -31.93 -25.48 2.86
CA GLN F 81 -30.89 -25.06 1.93
C GLN F 81 -30.23 -23.78 2.43
N ALA F 82 -28.95 -23.64 2.12
CA ALA F 82 -28.20 -22.41 2.35
C ALA F 82 -27.36 -22.11 1.12
N VAL F 83 -27.47 -20.89 0.61
CA VAL F 83 -26.81 -20.50 -0.63
C VAL F 83 -25.88 -19.33 -0.33
N LEU F 84 -24.61 -19.49 -0.65
CA LEU F 84 -23.60 -18.45 -0.48
C LEU F 84 -23.27 -17.87 -1.84
N VAL F 85 -23.41 -16.54 -1.98
CA VAL F 85 -23.25 -15.86 -3.24
C VAL F 85 -22.22 -14.75 -3.07
N MET F 86 -21.26 -14.68 -3.99
CA MET F 86 -20.30 -13.58 -4.05
C MET F 86 -20.55 -12.78 -5.32
N ARG F 87 -20.74 -11.47 -5.18
CA ARG F 87 -21.00 -10.58 -6.29
C ARG F 87 -19.91 -9.52 -6.35
N LYS F 88 -19.42 -9.24 -7.56
CA LYS F 88 -18.38 -8.25 -7.75
C LYS F 88 -18.95 -6.84 -7.55
N ALA F 89 -18.03 -5.89 -7.36
CA ALA F 89 -18.34 -4.49 -7.15
C ALA F 89 -18.23 -3.74 -8.48
N GLY F 90 -18.32 -2.42 -8.42
CA GLY F 90 -18.22 -1.60 -9.61
C GLY F 90 -19.49 -1.63 -10.44
N GLY F 91 -19.33 -1.32 -11.72
CA GLY F 91 -20.43 -1.27 -12.67
C GLY F 91 -20.81 -2.59 -13.28
N ASN F 92 -20.20 -3.70 -12.85
CA ASN F 92 -20.47 -5.03 -13.38
C ASN F 92 -20.82 -5.95 -12.21
N PRO F 93 -22.04 -5.86 -11.69
CA PRO F 93 -22.43 -6.68 -10.52
C PRO F 93 -22.72 -8.12 -10.91
N LEU F 94 -21.65 -8.87 -11.17
CA LEU F 94 -21.77 -10.28 -11.57
C LEU F 94 -21.65 -11.18 -10.35
N GLU F 95 -22.61 -12.08 -10.18
CA GLU F 95 -22.56 -13.09 -9.13
C GLU F 95 -21.71 -14.23 -9.65
N TYR F 96 -20.39 -14.11 -9.46
CA TYR F 96 -19.43 -15.02 -10.07
C TYR F 96 -19.23 -16.30 -9.27
N LEU F 97 -19.73 -16.39 -8.04
CA LEU F 97 -19.60 -17.59 -7.24
C LEU F 97 -20.90 -17.85 -6.49
N LYS F 98 -21.40 -19.08 -6.59
CA LYS F 98 -22.62 -19.49 -5.91
C LYS F 98 -22.40 -20.88 -5.32
N LEU F 99 -22.39 -20.97 -4.00
CA LEU F 99 -22.17 -22.23 -3.29
C LEU F 99 -23.48 -22.64 -2.64
N THR F 100 -24.10 -23.69 -3.17
CA THR F 100 -25.39 -24.16 -2.70
C THR F 100 -25.21 -25.37 -1.80
N MET F 101 -25.78 -25.31 -0.60
CA MET F 101 -25.64 -26.35 0.41
C MET F 101 -27.03 -26.86 0.78
N SER F 102 -27.20 -28.18 0.72
CA SER F 102 -28.48 -28.81 1.03
C SER F 102 -28.38 -29.60 2.33
N ASP F 103 -29.47 -29.61 3.09
CA ASP F 103 -29.53 -30.27 4.40
C ASP F 103 -28.46 -29.71 5.33
N VAL F 104 -28.59 -28.42 5.63
CA VAL F 104 -27.58 -27.68 6.37
C VAL F 104 -27.87 -27.75 7.86
N ILE F 105 -26.81 -27.90 8.65
CA ILE F 105 -26.89 -27.95 10.11
C ILE F 105 -26.05 -26.81 10.67
N ILE F 106 -26.62 -26.04 11.59
CA ILE F 106 -25.87 -25.00 12.30
C ILE F 106 -25.05 -25.70 13.39
N THR F 107 -23.73 -25.64 13.26
CA THR F 107 -22.84 -26.36 14.16
C THR F 107 -22.06 -25.48 15.12
N ARG F 108 -21.85 -24.21 14.80
CA ARG F 108 -21.06 -23.34 15.64
C ARG F 108 -21.55 -21.91 15.52
N VAL F 109 -21.69 -21.24 16.66
CA VAL F 109 -22.01 -19.81 16.72
C VAL F 109 -21.10 -19.17 17.76
N ARG F 110 -20.36 -18.14 17.36
CA ARG F 110 -19.43 -17.45 18.25
C ARG F 110 -19.67 -15.94 18.19
N PRO F 111 -20.62 -15.43 18.97
CA PRO F 111 -20.81 -13.98 19.05
C PRO F 111 -19.69 -13.34 19.87
N SER F 112 -19.47 -12.05 19.59
CA SER F 112 -18.48 -11.28 20.33
C SER F 112 -18.81 -9.80 20.20
N GLY F 113 -18.26 -9.01 21.11
CA GLY F 113 -18.46 -7.58 21.09
C GLY F 113 -17.38 -6.86 21.86
N SER F 114 -17.24 -5.57 21.59
CA SER F 114 -16.22 -4.75 22.23
C SER F 114 -16.73 -3.33 22.36
N ARG F 115 -16.14 -2.60 23.33
CA ARG F 115 -16.57 -1.23 23.57
C ARG F 115 -16.11 -0.30 22.46
N ASP F 116 -14.90 -0.50 21.94
CA ASP F 116 -14.36 0.36 20.90
C ASP F 116 -14.71 -0.17 19.51
N ARG F 120 -20.17 -1.80 16.61
CA ARG F 120 -19.64 -2.81 15.71
C ARG F 120 -19.34 -4.11 16.47
N SER F 121 -20.09 -5.16 16.12
CA SER F 121 -19.91 -6.47 16.74
C SER F 121 -20.05 -7.53 15.66
N ARG F 122 -19.24 -8.58 15.75
CA ARG F 122 -19.19 -9.62 14.75
C ARG F 122 -19.59 -10.96 15.36
N GLU F 123 -19.94 -11.91 14.50
CA GLU F 123 -20.33 -13.24 14.92
C GLU F 123 -19.84 -14.25 13.90
N THR F 124 -19.30 -15.36 14.38
CA THR F 124 -18.74 -16.42 13.53
C THR F 124 -19.64 -17.65 13.61
N VAL F 125 -20.06 -18.15 12.45
CA VAL F 125 -20.99 -19.27 12.37
C VAL F 125 -20.43 -20.31 11.40
N SER F 126 -20.54 -21.57 11.77
CA SER F 126 -20.10 -22.69 10.94
C SER F 126 -21.30 -23.53 10.53
N LEU F 127 -21.28 -24.02 9.28
CA LEU F 127 -22.39 -24.76 8.71
C LEU F 127 -21.94 -26.13 8.23
N SER F 128 -22.72 -27.15 8.55
CA SER F 128 -22.50 -28.51 8.07
C SER F 128 -23.66 -28.91 7.17
N PHE F 129 -23.34 -29.52 6.02
CA PHE F 129 -24.35 -29.83 5.01
C PHE F 129 -24.05 -31.19 4.40
N ALA F 130 -25.09 -31.80 3.84
CA ALA F 130 -24.98 -33.13 3.24
C ALA F 130 -24.76 -33.10 1.74
N LYS F 131 -25.12 -32.02 1.06
CA LYS F 131 -24.90 -31.88 -0.37
C LYS F 131 -24.35 -30.50 -0.66
N VAL F 132 -23.47 -30.41 -1.65
CA VAL F 132 -22.79 -29.16 -2.00
C VAL F 132 -22.82 -28.99 -3.51
N LYS F 133 -23.02 -27.75 -3.96
CA LYS F 133 -23.01 -27.41 -5.38
C LYS F 133 -22.35 -26.05 -5.55
N GLN F 134 -21.33 -26.00 -6.40
CA GLN F 134 -20.58 -24.78 -6.65
C GLN F 134 -20.75 -24.38 -8.12
N GLU F 135 -21.03 -23.10 -8.34
CA GLU F 135 -21.18 -22.55 -9.69
C GLU F 135 -20.30 -21.32 -9.80
N TYR F 136 -19.34 -21.36 -10.73
CA TYR F 136 -18.44 -20.24 -10.97
C TYR F 136 -18.72 -19.66 -12.36
N VAL F 137 -18.66 -18.34 -12.46
CA VAL F 137 -18.91 -17.63 -13.70
C VAL F 137 -17.67 -16.83 -14.05
N VAL F 138 -17.13 -17.04 -15.25
CA VAL F 138 -15.97 -16.31 -15.72
C VAL F 138 -16.42 -14.95 -16.23
N GLN F 139 -15.61 -13.93 -15.99
CA GLN F 139 -15.91 -12.56 -16.43
C GLN F 139 -14.97 -12.18 -17.56
N ASN F 140 -15.53 -11.64 -18.64
CA ASN F 140 -14.76 -11.26 -19.81
C ASN F 140 -14.23 -9.83 -19.64
N ALA F 141 -13.64 -9.29 -20.70
CA ALA F 141 -13.07 -7.95 -20.65
C ALA F 141 -14.15 -6.88 -20.46
N GLN F 142 -15.34 -7.10 -21.02
CA GLN F 142 -16.42 -6.12 -20.88
C GLN F 142 -17.04 -6.15 -19.50
N GLY F 143 -16.67 -7.10 -18.64
CA GLY F 143 -17.26 -7.23 -17.32
C GLY F 143 -18.52 -8.05 -17.27
N GLY F 144 -18.94 -8.65 -18.38
CA GLY F 144 -20.14 -9.45 -18.42
C GLY F 144 -19.90 -10.90 -18.08
N SER F 145 -20.92 -11.71 -18.31
CA SER F 145 -20.84 -13.14 -18.03
C SER F 145 -20.14 -13.87 -19.16
N GLY F 146 -19.27 -14.81 -18.79
CA GLY F 146 -18.56 -15.62 -19.76
C GLY F 146 -19.06 -17.05 -19.80
N GLY F 147 -18.29 -17.96 -19.21
CA GLY F 147 -18.67 -19.36 -19.13
C GLY F 147 -18.94 -19.77 -17.69
N ALA F 148 -19.91 -20.66 -17.52
CA ALA F 148 -20.33 -21.13 -16.20
C ALA F 148 -19.84 -22.56 -16.00
N VAL F 149 -19.17 -22.80 -14.87
CA VAL F 149 -18.69 -24.12 -14.50
C VAL F 149 -19.40 -24.54 -13.22
N THR F 150 -20.05 -25.70 -13.25
CA THR F 150 -20.83 -26.19 -12.13
C THR F 150 -20.46 -27.64 -11.84
N THR F 151 -20.21 -27.94 -10.57
CA THR F 151 -19.96 -29.29 -10.10
C THR F 151 -20.81 -29.56 -8.87
N SER F 152 -21.27 -30.81 -8.74
CA SER F 152 -22.14 -31.21 -7.64
C SER F 152 -21.61 -32.51 -7.04
N PHE F 153 -21.93 -32.72 -5.77
CA PHE F 153 -21.50 -33.93 -5.07
C PHE F 153 -22.40 -34.18 -3.88
N ASP F 154 -22.75 -35.45 -3.67
CA ASP F 154 -23.56 -35.89 -2.54
C ASP F 154 -22.62 -36.37 -1.45
N ILE F 155 -22.38 -35.53 -0.45
CA ILE F 155 -21.43 -35.87 0.61
C ILE F 155 -21.96 -37.01 1.47
N LYS F 156 -23.21 -36.92 1.91
CA LYS F 156 -23.77 -37.98 2.75
C LYS F 156 -24.03 -39.25 1.95
N GLY F 157 -24.46 -39.11 0.70
CA GLY F 157 -24.69 -40.25 -0.15
C GLY F 157 -23.46 -40.85 -0.78
N ASN F 158 -22.28 -40.24 -0.54
CA ASN F 158 -21.01 -40.75 -1.07
C ASN F 158 -21.06 -40.89 -2.59
N LYS F 159 -21.59 -39.86 -3.24
CA LYS F 159 -21.73 -39.87 -4.70
C LYS F 159 -21.42 -38.51 -5.29
N ALA G 2 0.82 6.72 34.94
CA ALA G 2 1.44 5.48 35.36
C ALA G 2 1.32 5.28 36.86
N GLN G 3 0.60 4.23 37.25
CA GLN G 3 0.35 3.94 38.66
C GLN G 3 1.57 3.32 39.31
N ASP G 4 1.46 2.99 40.59
CA ASP G 4 2.52 2.35 41.36
C ASP G 4 2.00 1.04 41.94
N ILE G 5 2.80 -0.01 41.82
CA ILE G 5 2.45 -1.34 42.33
C ILE G 5 3.58 -1.79 43.26
N PHE G 6 3.20 -2.25 44.45
CA PHE G 6 4.15 -2.70 45.45
C PHE G 6 3.79 -4.08 45.95
N LEU G 7 4.80 -4.82 46.39
CA LEU G 7 4.60 -6.14 46.97
C LEU G 7 5.46 -6.25 48.23
N LYS G 8 4.83 -6.57 49.36
CA LYS G 8 5.51 -6.70 50.64
C LYS G 8 5.52 -8.18 51.02
N ILE G 9 6.71 -8.78 51.02
CA ILE G 9 6.89 -10.18 51.37
C ILE G 9 7.70 -10.26 52.66
N ASP G 10 7.19 -11.02 53.64
CA ASP G 10 7.86 -11.14 54.92
C ASP G 10 9.20 -11.84 54.76
N GLY G 11 10.26 -11.19 55.23
CA GLY G 11 11.60 -11.74 55.17
C GLY G 11 12.32 -11.54 53.85
N ILE G 12 11.66 -10.97 52.84
CA ILE G 12 12.26 -10.73 51.54
C ILE G 12 12.00 -9.26 51.21
N ASN G 13 12.97 -8.40 51.51
CA ASN G 13 12.82 -6.97 51.29
C ASN G 13 13.32 -6.58 49.91
N GLY G 14 12.70 -5.55 49.35
CA GLY G 14 13.11 -4.94 48.10
C GLY G 14 14.01 -3.74 48.33
N GLU G 15 13.99 -2.82 47.37
CA GLU G 15 14.75 -1.58 47.47
C GLU G 15 13.91 -0.40 47.00
N SER G 16 12.63 -0.41 47.34
CA SER G 16 11.76 0.71 46.99
C SER G 16 12.07 1.91 47.88
N LEU G 17 12.17 3.08 47.26
CA LEU G 17 12.44 4.31 47.98
C LEU G 17 11.17 5.06 48.37
N ASP G 18 10.00 4.49 48.09
CA ASP G 18 8.74 5.12 48.46
C ASP G 18 8.63 5.24 49.98
N ASP G 19 8.15 6.40 50.44
CA ASP G 19 8.10 6.65 51.88
C ASP G 19 7.16 5.69 52.60
N SER G 20 5.99 5.44 52.03
CA SER G 20 5.00 4.58 52.67
C SER G 20 5.19 3.11 52.35
N HIS G 21 6.06 2.77 51.39
CA HIS G 21 6.30 1.38 51.01
C HIS G 21 7.78 1.12 50.82
N LYS G 22 8.60 1.61 51.76
CA LYS G 22 10.04 1.42 51.64
C LYS G 22 10.43 -0.03 51.86
N ASP G 23 11.51 -0.43 51.19
CA ASP G 23 12.06 -1.78 51.26
C ASP G 23 11.07 -2.84 50.76
N GLU G 24 10.10 -2.44 49.94
CA GLU G 24 9.19 -3.36 49.32
C GLU G 24 9.59 -3.58 47.86
N ILE G 25 8.99 -4.59 47.25
CA ILE G 25 9.28 -4.92 45.85
C ILE G 25 8.36 -4.11 44.95
N GLU G 26 8.94 -3.30 44.08
CA GLU G 26 8.17 -2.58 43.08
C GLU G 26 7.85 -3.51 41.93
N VAL G 27 6.56 -3.75 41.70
CA VAL G 27 6.09 -4.71 40.71
C VAL G 27 5.77 -3.97 39.42
N LEU G 28 6.41 -4.38 38.33
CA LEU G 28 6.13 -3.78 37.03
C LEU G 28 4.77 -4.23 36.50
N ASN G 29 4.48 -5.54 36.61
CA ASN G 29 3.21 -6.08 36.18
C ASN G 29 2.97 -7.40 36.90
N TRP G 30 1.70 -7.78 36.98
CA TRP G 30 1.31 -8.99 37.68
C TRP G 30 0.03 -9.55 37.08
N ASN G 31 -0.20 -10.84 37.34
CA ASN G 31 -1.42 -11.50 36.90
C ASN G 31 -1.74 -12.64 37.84
N TRP G 32 -3.02 -13.03 37.84
CA TRP G 32 -3.51 -14.11 38.68
C TRP G 32 -4.69 -14.76 37.97
N GLU G 33 -4.95 -16.03 38.30
CA GLU G 33 -6.01 -16.75 37.62
C GLU G 33 -6.64 -17.77 38.58
N ILE G 34 -7.96 -17.91 38.48
CA ILE G 34 -8.72 -18.93 39.20
C ILE G 34 -9.62 -19.64 38.19
N GLN G 35 -9.59 -20.97 38.22
CA GLN G 35 -10.39 -21.77 37.30
C GLN G 35 -11.09 -22.88 38.06
N GLN G 36 -12.19 -23.36 37.48
CA GLN G 36 -12.98 -24.42 38.09
C GLN G 36 -12.58 -25.79 37.55
N LYS G 50 -12.60 -28.31 44.64
CA LYS G 50 -13.62 -27.63 43.84
C LYS G 50 -12.99 -26.86 42.68
N ALA G 51 -12.40 -25.72 42.98
CA ALA G 51 -11.79 -24.85 41.99
C ALA G 51 -10.26 -24.92 42.08
N SER G 52 -9.60 -24.66 40.96
CA SER G 52 -8.15 -24.65 40.88
C SER G 52 -7.67 -23.21 40.94
N VAL G 53 -6.80 -22.91 41.90
CA VAL G 53 -6.27 -21.57 42.10
C VAL G 53 -4.84 -21.54 41.59
N LYS G 54 -4.60 -20.75 40.54
CA LYS G 54 -3.28 -20.68 39.94
C LYS G 54 -2.37 -19.78 40.78
N ASP G 55 -1.07 -19.96 40.58
CA ASP G 55 -0.08 -19.15 41.28
C ASP G 55 -0.12 -17.71 40.79
N LEU G 56 0.01 -16.77 41.70
CA LEU G 56 0.09 -15.36 41.34
C LEU G 56 1.48 -15.06 40.80
N THR G 57 1.55 -14.52 39.59
CA THR G 57 2.80 -14.22 38.91
C THR G 57 2.98 -12.71 38.80
N PHE G 58 4.14 -12.22 39.25
CA PHE G 58 4.47 -10.82 39.15
C PHE G 58 5.86 -10.67 38.57
N GLU G 59 6.09 -9.56 37.86
CA GLU G 59 7.36 -9.28 37.21
C GLU G 59 7.97 -8.04 37.84
N HIS G 60 9.27 -8.12 38.16
CA HIS G 60 9.99 -7.00 38.75
C HIS G 60 11.43 -7.04 38.27
N ALA G 61 12.09 -5.89 38.34
CA ALA G 61 13.49 -5.81 37.99
C ALA G 61 14.34 -6.56 39.02
N ILE G 62 15.49 -7.06 38.58
CA ILE G 62 16.40 -7.75 39.49
C ILE G 62 16.90 -6.75 40.53
N ASP G 63 16.69 -7.06 41.80
CA ASP G 63 16.94 -6.11 42.87
C ASP G 63 17.41 -6.88 44.11
N ARG G 64 17.33 -6.22 45.27
CA ARG G 64 17.82 -6.83 46.51
C ARG G 64 17.07 -8.12 46.84
N ALA G 65 15.81 -8.23 46.42
CA ALA G 65 15.02 -9.41 46.75
C ALA G 65 15.37 -10.62 45.90
N SER G 66 16.06 -10.43 44.78
CA SER G 66 16.31 -11.54 43.85
C SER G 66 17.10 -12.68 44.48
N PRO G 67 18.24 -12.46 45.16
CA PRO G 67 18.94 -13.61 45.76
C PRO G 67 18.11 -14.38 46.77
N ASN G 68 17.28 -13.69 47.55
CA ASN G 68 16.44 -14.38 48.53
C ASN G 68 15.28 -15.11 47.86
N LEU G 69 14.73 -14.54 46.79
CA LEU G 69 13.66 -15.23 46.06
C LEU G 69 14.14 -16.55 45.48
N MET G 70 15.36 -16.58 44.93
CA MET G 70 15.90 -17.82 44.40
C MET G 70 16.12 -18.85 45.49
N LYS G 71 16.65 -18.42 46.65
CA LYS G 71 16.86 -19.35 47.75
C LYS G 71 15.56 -19.94 48.25
N TYR G 72 14.54 -19.10 48.42
CA TYR G 72 13.25 -19.59 48.90
C TYR G 72 12.60 -20.53 47.88
N ALA G 73 12.74 -20.22 46.59
CA ALA G 73 12.21 -21.11 45.56
C ALA G 73 12.90 -22.47 45.61
N LEU G 74 14.22 -22.48 45.81
CA LEU G 74 14.94 -23.74 45.87
C LEU G 74 14.63 -24.49 47.15
N THR G 75 14.65 -23.80 48.29
CA THR G 75 14.36 -24.45 49.57
C THR G 75 12.87 -24.75 49.75
N GLY G 76 12.00 -23.94 49.15
CA GLY G 76 10.58 -24.14 49.33
C GLY G 76 10.05 -23.74 50.68
N LYS G 77 10.79 -22.90 51.42
CA LYS G 77 10.36 -22.51 52.75
C LYS G 77 9.19 -21.54 52.69
N HIS G 78 8.27 -21.69 53.64
CA HIS G 78 7.08 -20.84 53.68
C HIS G 78 7.39 -19.49 54.31
N VAL G 79 6.75 -18.45 53.78
CA VAL G 79 6.78 -17.13 54.39
C VAL G 79 5.39 -16.82 54.92
N ASP G 80 5.32 -15.95 55.93
CA ASP G 80 4.07 -15.74 56.64
C ASP G 80 3.02 -15.07 55.75
N GLN G 81 3.38 -13.97 55.09
CA GLN G 81 2.38 -13.22 54.32
C GLN G 81 3.06 -12.48 53.18
N ALA G 82 2.28 -12.27 52.12
CA ALA G 82 2.66 -11.41 51.00
C ALA G 82 1.47 -10.55 50.64
N VAL G 83 1.68 -9.24 50.59
CA VAL G 83 0.61 -8.27 50.34
C VAL G 83 0.91 -7.53 49.05
N LEU G 84 -0.01 -7.61 48.09
CA LEU G 84 0.12 -6.91 46.82
C LEU G 84 -0.79 -5.69 46.82
N VAL G 85 -0.22 -4.53 46.56
CA VAL G 85 -0.94 -3.26 46.62
C VAL G 85 -0.73 -2.49 45.32
N MET G 86 -1.82 -1.98 44.77
CA MET G 86 -1.78 -1.08 43.63
C MET G 86 -2.33 0.28 44.07
N ARG G 87 -1.61 1.34 43.72
CA ARG G 87 -1.96 2.69 44.12
C ARG G 87 -1.97 3.60 42.89
N LYS G 88 -2.99 4.45 42.80
CA LYS G 88 -3.14 5.35 41.67
C LYS G 88 -2.15 6.50 41.75
N ALA G 89 -1.85 7.07 40.59
CA ALA G 89 -0.91 8.18 40.48
C ALA G 89 -1.64 9.51 40.59
N GLY G 90 -0.95 10.60 40.27
CA GLY G 90 -1.55 11.92 40.34
C GLY G 90 -1.64 12.44 41.77
N GLY G 91 -2.55 13.39 41.95
CA GLY G 91 -2.75 14.02 43.24
C GLY G 91 -3.63 13.26 44.21
N ASN G 92 -4.08 12.06 43.84
CA ASN G 92 -4.94 11.23 44.70
C ASN G 92 -4.31 9.85 44.80
N PRO G 93 -3.26 9.70 45.61
CA PRO G 93 -2.56 8.41 45.74
C PRO G 93 -3.33 7.42 46.61
N LEU G 94 -4.41 6.89 46.04
CA LEU G 94 -5.27 5.95 46.76
C LEU G 94 -4.85 4.51 46.44
N GLU G 95 -4.65 3.72 47.49
CA GLU G 95 -4.37 2.29 47.33
C GLU G 95 -5.70 1.58 47.13
N TYR G 96 -6.11 1.47 45.86
CA TYR G 96 -7.44 0.99 45.51
C TYR G 96 -7.54 -0.53 45.45
N LEU G 97 -6.42 -1.25 45.50
CA LEU G 97 -6.47 -2.71 45.47
C LEU G 97 -5.37 -3.27 46.36
N LYS G 98 -5.77 -4.07 47.34
CA LYS G 98 -4.84 -4.74 48.25
C LYS G 98 -5.13 -6.23 48.26
N LEU G 99 -4.17 -7.03 47.81
CA LEU G 99 -4.32 -8.47 47.74
C LEU G 99 -3.37 -9.11 48.76
N THR G 100 -3.93 -9.60 49.86
CA THR G 100 -3.16 -10.20 50.94
C THR G 100 -3.18 -11.72 50.80
N MET G 101 -2.00 -12.32 50.84
CA MET G 101 -1.83 -13.76 50.68
C MET G 101 -1.13 -14.32 51.91
N SER G 102 -1.68 -15.40 52.47
CA SER G 102 -1.15 -16.02 53.67
C SER G 102 -0.56 -17.39 53.32
N ASP G 103 0.51 -17.75 54.03
CA ASP G 103 1.24 -19.01 53.80
C ASP G 103 1.73 -19.09 52.36
N VAL G 104 2.60 -18.15 52.01
CA VAL G 104 3.06 -17.98 50.63
C VAL G 104 4.29 -18.83 50.39
N ILE G 105 4.32 -19.48 49.22
CA ILE G 105 5.44 -20.30 48.79
C ILE G 105 5.98 -19.72 47.48
N ILE G 106 7.30 -19.55 47.40
CA ILE G 106 7.95 -19.11 46.17
C ILE G 106 8.08 -20.33 45.27
N THR G 107 7.35 -20.34 44.16
CA THR G 107 7.28 -21.50 43.28
C THR G 107 8.06 -21.35 41.98
N ARG G 108 8.17 -20.15 41.44
CA ARG G 108 8.84 -19.95 40.16
C ARG G 108 9.63 -18.65 40.20
N VAL G 109 10.87 -18.72 39.71
CA VAL G 109 11.75 -17.56 39.59
C VAL G 109 12.41 -17.62 38.21
N ARG G 110 12.27 -16.55 37.44
CA ARG G 110 12.85 -16.47 36.09
C ARG G 110 13.61 -15.17 35.93
N PRO G 111 14.89 -15.15 36.28
CA PRO G 111 15.72 -13.98 35.97
C PRO G 111 16.14 -13.94 34.51
N SER G 112 16.39 -12.74 34.02
CA SER G 112 16.85 -12.55 32.65
C SER G 112 17.54 -11.19 32.54
N GLY G 113 18.38 -11.06 31.52
CA GLY G 113 19.10 -9.82 31.30
C GLY G 113 19.50 -9.68 29.85
N SER G 114 19.77 -8.43 29.46
CA SER G 114 20.16 -8.12 28.09
C SER G 114 21.13 -6.96 28.08
N ARG G 115 22.06 -6.98 27.12
CA ARG G 115 23.02 -5.89 26.98
C ARG G 115 22.34 -4.59 26.56
N ASP G 116 21.51 -4.65 25.51
CA ASP G 116 20.81 -3.48 25.01
C ASP G 116 19.49 -3.36 25.76
N ASP G 117 19.46 -2.53 26.80
CA ASP G 117 18.28 -2.39 27.64
C ASP G 117 18.16 -0.98 28.18
N SER G 121 17.05 -4.99 33.38
CA SER G 121 16.79 -6.42 33.46
C SER G 121 15.60 -6.70 34.39
N ARG G 122 14.84 -7.74 34.09
CA ARG G 122 13.61 -8.05 34.81
C ARG G 122 13.63 -9.50 35.25
N GLU G 123 12.77 -9.81 36.24
CA GLU G 123 12.65 -11.14 36.80
C GLU G 123 11.19 -11.46 37.06
N THR G 124 10.77 -12.66 36.66
CA THR G 124 9.39 -13.11 36.81
C THR G 124 9.31 -14.12 37.95
N VAL G 125 8.42 -13.86 38.91
CA VAL G 125 8.27 -14.68 40.10
C VAL G 125 6.80 -15.06 40.27
N SER G 126 6.56 -16.31 40.66
CA SER G 126 5.22 -16.81 40.93
C SER G 126 5.07 -17.17 42.40
N LEU G 127 3.87 -16.95 42.93
CA LEU G 127 3.60 -17.15 44.35
C LEU G 127 2.43 -18.11 44.53
N SER G 128 2.59 -19.09 45.42
CA SER G 128 1.52 -19.98 45.83
C SER G 128 1.21 -19.75 47.30
N PHE G 129 -0.08 -19.70 47.63
CA PHE G 129 -0.52 -19.34 48.96
C PHE G 129 -1.73 -20.18 49.36
N ALA G 130 -1.96 -20.28 50.67
CA ALA G 130 -3.05 -21.06 51.21
C ALA G 130 -4.30 -20.23 51.50
N LYS G 131 -4.15 -18.94 51.79
CA LYS G 131 -5.30 -18.07 52.02
C LYS G 131 -5.10 -16.78 51.24
N VAL G 132 -6.20 -16.17 50.81
CA VAL G 132 -6.17 -14.96 50.01
C VAL G 132 -7.25 -14.00 50.52
N LYS G 133 -6.92 -12.71 50.52
CA LYS G 133 -7.90 -11.66 50.84
C LYS G 133 -7.72 -10.53 49.84
N GLN G 134 -8.84 -10.05 49.29
CA GLN G 134 -8.83 -8.96 48.33
C GLN G 134 -9.65 -7.80 48.88
N GLU G 135 -9.07 -6.60 48.82
CA GLU G 135 -9.74 -5.38 49.26
C GLU G 135 -9.70 -4.37 48.13
N TYR G 136 -10.86 -3.88 47.71
CA TYR G 136 -10.96 -2.87 46.67
C TYR G 136 -11.63 -1.62 47.23
N VAL G 137 -11.14 -0.46 46.81
CA VAL G 137 -11.64 0.83 47.26
C VAL G 137 -12.15 1.58 46.05
N VAL G 138 -13.41 2.02 46.11
CA VAL G 138 -14.00 2.83 45.06
C VAL G 138 -13.58 4.28 45.25
N GLN G 139 -13.26 4.96 44.16
CA GLN G 139 -12.81 6.34 44.19
C GLN G 139 -13.87 7.24 43.58
N ASN G 140 -14.14 8.36 44.24
CA ASN G 140 -15.15 9.32 43.79
C ASN G 140 -14.60 10.19 42.66
N ALA G 141 -15.46 11.03 42.10
CA ALA G 141 -15.03 11.98 41.08
C ALA G 141 -14.05 13.01 41.65
N GLN G 142 -14.18 13.34 42.93
CA GLN G 142 -13.22 14.22 43.58
C GLN G 142 -11.88 13.55 43.82
N GLY G 143 -11.76 12.24 43.60
CA GLY G 143 -10.56 11.51 43.90
C GLY G 143 -10.47 10.95 45.29
N GLY G 144 -11.45 11.23 46.15
CA GLY G 144 -11.43 10.70 47.50
C GLY G 144 -11.91 9.27 47.58
N SER G 145 -11.60 8.63 48.70
CA SER G 145 -12.03 7.25 48.93
C SER G 145 -13.54 7.17 49.08
N GLY G 146 -14.12 6.14 48.47
CA GLY G 146 -15.55 5.91 48.57
C GLY G 146 -15.90 4.76 49.48
N GLY G 147 -16.23 3.61 48.89
CA GLY G 147 -16.58 2.41 49.62
C GLY G 147 -15.53 1.33 49.43
N ALA G 148 -15.41 0.45 50.42
CA ALA G 148 -14.47 -0.65 50.39
C ALA G 148 -15.19 -1.97 50.35
N VAL G 149 -14.73 -2.89 49.50
CA VAL G 149 -15.28 -4.23 49.37
C VAL G 149 -14.17 -5.22 49.66
N THR G 150 -14.45 -6.16 50.57
CA THR G 150 -13.46 -7.13 51.03
C THR G 150 -14.06 -8.53 51.03
N THR G 151 -13.31 -9.49 50.49
CA THR G 151 -13.69 -10.89 50.51
C THR G 151 -12.49 -11.74 50.91
N SER G 152 -12.76 -12.85 51.59
CA SER G 152 -11.72 -13.73 52.08
C SER G 152 -12.08 -15.17 51.75
N PHE G 153 -11.07 -16.02 51.65
CA PHE G 153 -11.28 -17.44 51.37
C PHE G 153 -10.08 -18.24 51.83
N ASP G 154 -10.33 -19.33 52.53
CA ASP G 154 -9.28 -20.27 52.95
C ASP G 154 -9.17 -21.34 51.88
N ILE G 155 -8.19 -21.20 50.99
CA ILE G 155 -8.07 -22.10 49.84
C ILE G 155 -7.72 -23.51 50.30
N LYS G 156 -6.71 -23.64 51.16
CA LYS G 156 -6.27 -24.96 51.61
C LYS G 156 -7.31 -25.61 52.51
N GLY G 157 -7.94 -24.83 53.38
CA GLY G 157 -9.00 -25.33 54.24
C GLY G 157 -10.35 -25.48 53.59
N ASN G 158 -10.48 -25.05 52.33
CA ASN G 158 -11.74 -25.13 51.59
C ASN G 158 -12.86 -24.39 52.31
N LYS G 159 -12.60 -23.13 52.63
CA LYS G 159 -13.57 -22.31 53.35
C LYS G 159 -13.53 -20.86 52.86
N ALA H 2 27.17 -6.69 4.92
CA ALA H 2 26.56 -7.99 4.66
C ALA H 2 27.62 -9.03 4.28
N GLN H 3 27.76 -10.06 5.11
CA GLN H 3 28.76 -11.09 4.90
C GLN H 3 28.31 -12.05 3.81
N ASP H 4 29.19 -12.99 3.48
CA ASP H 4 28.92 -14.02 2.49
C ASP H 4 29.03 -15.40 3.13
N ILE H 5 28.08 -16.27 2.81
CA ILE H 5 28.05 -17.63 3.33
C ILE H 5 28.04 -18.59 2.15
N PHE H 6 28.89 -19.60 2.20
CA PHE H 6 29.01 -20.59 1.14
C PHE H 6 28.90 -21.99 1.72
N LEU H 7 28.36 -22.91 0.91
CA LEU H 7 28.29 -24.32 1.26
C LEU H 7 28.79 -25.14 0.08
N LYS H 8 29.76 -26.01 0.33
CA LYS H 8 30.36 -26.85 -0.69
C LYS H 8 29.99 -28.30 -0.40
N ILE H 9 29.16 -28.88 -1.26
CA ILE H 9 28.70 -30.26 -1.13
C ILE H 9 29.25 -31.06 -2.30
N ASP H 10 29.88 -32.19 -2.00
CA ASP H 10 30.50 -33.00 -3.04
C ASP H 10 29.44 -33.60 -3.95
N GLY H 11 29.58 -33.35 -5.26
CA GLY H 11 28.67 -33.87 -6.24
C GLY H 11 27.42 -33.04 -6.47
N ILE H 12 27.20 -31.99 -5.68
CA ILE H 12 26.03 -31.12 -5.83
C ILE H 12 26.55 -29.70 -5.91
N ASN H 13 26.73 -29.20 -7.12
CA ASN H 13 27.27 -27.87 -7.34
C ASN H 13 26.16 -26.83 -7.39
N GLY H 14 26.48 -25.62 -6.94
CA GLY H 14 25.61 -24.48 -7.05
C GLY H 14 25.93 -23.63 -8.26
N GLU H 15 25.63 -22.35 -8.16
CA GLU H 15 25.91 -21.38 -9.23
C GLU H 15 26.52 -20.11 -8.66
N SER H 16 27.41 -20.26 -7.68
CA SER H 16 28.10 -19.11 -7.11
C SER H 16 29.16 -18.62 -8.09
N LEU H 17 29.20 -17.30 -8.30
CA LEU H 17 30.18 -16.68 -9.18
C LEU H 17 31.41 -16.17 -8.44
N ASP H 18 31.51 -16.41 -7.14
CA ASP H 18 32.67 -15.97 -6.39
C ASP H 18 33.92 -16.69 -6.87
N ASP H 19 35.03 -15.94 -6.97
CA ASP H 19 36.26 -16.50 -7.51
C ASP H 19 36.79 -17.62 -6.63
N SER H 20 36.79 -17.43 -5.31
CA SER H 20 37.33 -18.44 -4.41
C SER H 20 36.32 -19.53 -4.05
N HIS H 21 35.05 -19.34 -4.34
CA HIS H 21 33.98 -20.28 -4.00
C HIS H 21 33.04 -20.47 -5.19
N LYS H 22 33.62 -20.67 -6.36
CA LYS H 22 32.82 -20.84 -7.57
C LYS H 22 32.11 -22.19 -7.57
N ASP H 23 30.90 -22.21 -8.14
CA ASP H 23 30.08 -23.40 -8.28
C ASP H 23 29.66 -24.00 -6.94
N GLU H 24 29.69 -23.20 -5.88
CA GLU H 24 29.19 -23.60 -4.57
C GLU H 24 27.80 -23.04 -4.36
N ILE H 25 27.18 -23.45 -3.25
CA ILE H 25 25.85 -23.01 -2.89
C ILE H 25 25.96 -21.75 -2.03
N GLU H 26 25.33 -20.67 -2.47
CA GLU H 26 25.29 -19.44 -1.69
C GLU H 26 24.15 -19.53 -0.68
N VAL H 27 24.51 -19.51 0.60
CA VAL H 27 23.56 -19.75 1.69
C VAL H 27 23.08 -18.41 2.22
N LEU H 28 21.77 -18.20 2.20
CA LEU H 28 21.20 -16.98 2.76
C LEU H 28 21.24 -17.00 4.29
N ASN H 29 20.88 -18.14 4.88
CA ASN H 29 20.92 -18.28 6.33
C ASN H 29 20.97 -19.76 6.67
N TRP H 30 21.42 -20.05 7.89
CA TRP H 30 21.55 -21.43 8.34
C TRP H 30 21.46 -21.48 9.86
N ASN H 31 21.19 -22.67 10.38
CA ASN H 31 21.18 -22.89 11.82
C ASN H 31 21.51 -24.34 12.10
N TRP H 32 21.99 -24.58 13.32
CA TRP H 32 22.34 -25.92 13.78
C TRP H 32 22.09 -25.99 15.28
N GLU H 33 21.86 -27.20 15.78
CA GLU H 33 21.52 -27.36 17.19
C GLU H 33 22.10 -28.66 17.73
N ILE H 34 22.60 -28.60 18.96
CA ILE H 34 23.05 -29.76 19.71
C ILE H 34 22.38 -29.73 21.07
N GLN H 35 21.85 -30.87 21.50
CA GLN H 35 21.13 -30.96 22.76
C GLN H 35 21.68 -32.10 23.60
N GLN H 36 21.44 -32.02 24.91
CA GLN H 36 21.86 -33.04 25.86
C GLN H 36 23.37 -33.26 25.84
N LYS H 50 24.44 -40.36 23.92
CA LYS H 50 24.49 -39.44 25.05
C LYS H 50 24.08 -38.03 24.64
N ALA H 51 24.36 -37.67 23.38
CA ALA H 51 24.05 -36.35 22.86
C ALA H 51 23.22 -36.48 21.60
N SER H 52 22.22 -35.62 21.47
CA SER H 52 21.37 -35.58 20.28
C SER H 52 21.83 -34.43 19.39
N VAL H 53 22.32 -34.76 18.20
CA VAL H 53 22.76 -33.77 17.24
C VAL H 53 21.66 -33.57 16.21
N LYS H 54 21.18 -32.34 16.09
CA LYS H 54 20.11 -32.05 15.14
C LYS H 54 20.70 -31.83 13.74
N ASP H 55 19.85 -32.02 12.74
CA ASP H 55 20.27 -31.80 11.37
C ASP H 55 20.59 -30.32 11.13
N LEU H 56 21.62 -30.07 10.34
CA LEU H 56 21.98 -28.70 9.98
C LEU H 56 21.07 -28.22 8.87
N THR H 57 20.36 -27.13 9.12
CA THR H 57 19.39 -26.59 8.18
C THR H 57 19.93 -25.28 7.60
N PHE H 58 19.93 -25.19 6.27
CA PHE H 58 20.35 -23.98 5.57
C PHE H 58 19.32 -23.61 4.53
N GLU H 59 19.18 -22.31 4.29
CA GLU H 59 18.23 -21.78 3.31
C GLU H 59 19.00 -21.14 2.16
N HIS H 60 18.58 -21.42 0.94
CA HIS H 60 19.23 -20.90 -0.24
C HIS H 60 18.19 -20.71 -1.34
N ALA H 61 18.54 -19.86 -2.30
CA ALA H 61 17.68 -19.67 -3.46
C ALA H 61 17.66 -20.93 -4.31
N ILE H 62 16.51 -21.17 -4.95
CA ILE H 62 16.40 -22.30 -5.86
C ILE H 62 17.36 -22.08 -7.02
N ASP H 63 18.29 -23.02 -7.20
CA ASP H 63 19.39 -22.83 -8.13
C ASP H 63 19.76 -24.18 -8.73
N ARG H 64 20.97 -24.25 -9.30
CA ARG H 64 21.41 -25.46 -9.98
C ARG H 64 21.41 -26.67 -9.06
N ALA H 65 21.69 -26.46 -7.76
CA ALA H 65 21.77 -27.56 -6.83
C ALA H 65 20.40 -28.13 -6.44
N SER H 66 19.32 -27.38 -6.68
CA SER H 66 18.00 -27.82 -6.23
C SER H 66 17.55 -29.14 -6.82
N PRO H 67 17.63 -29.38 -8.14
CA PRO H 67 17.19 -30.70 -8.65
C PRO H 67 17.96 -31.87 -8.05
N ASN H 68 19.27 -31.71 -7.82
CA ASN H 68 20.05 -32.79 -7.23
C ASN H 68 19.77 -32.97 -5.75
N LEU H 69 19.47 -31.87 -5.05
CA LEU H 69 19.12 -31.97 -3.63
C LEU H 69 17.83 -32.77 -3.45
N MET H 70 16.85 -32.57 -4.31
CA MET H 70 15.61 -33.34 -4.23
C MET H 70 15.86 -34.82 -4.50
N LYS H 71 16.70 -35.13 -5.50
CA LYS H 71 16.98 -36.52 -5.81
C LYS H 71 17.70 -37.21 -4.67
N TYR H 72 18.70 -36.55 -4.09
CA TYR H 72 19.45 -37.14 -2.98
C TYR H 72 18.57 -37.32 -1.75
N ALA H 73 17.67 -36.37 -1.51
CA ALA H 73 16.75 -36.50 -0.39
C ALA H 73 15.84 -37.71 -0.57
N LEU H 74 15.34 -37.93 -1.79
CA LEU H 74 14.47 -39.08 -2.04
C LEU H 74 15.26 -40.39 -2.04
N THR H 75 16.42 -40.40 -2.69
CA THR H 75 17.21 -41.63 -2.74
C THR H 75 17.91 -41.93 -1.42
N GLY H 76 18.33 -40.89 -0.69
CA GLY H 76 19.04 -41.10 0.56
C GLY H 76 20.49 -41.46 0.41
N LYS H 77 21.08 -41.25 -0.77
CA LYS H 77 22.48 -41.57 -0.98
C LYS H 77 23.38 -40.64 -0.17
N HIS H 78 24.53 -41.17 0.23
CA HIS H 78 25.49 -40.42 1.03
C HIS H 78 26.45 -39.65 0.13
N VAL H 79 26.80 -38.44 0.55
CA VAL H 79 27.84 -37.66 -0.10
C VAL H 79 29.04 -37.59 0.85
N ASP H 80 30.22 -37.41 0.26
CA ASP H 80 31.46 -37.55 1.03
C ASP H 80 31.59 -36.44 2.07
N GLN H 81 31.42 -35.18 1.68
CA GLN H 81 31.64 -34.07 2.59
C GLN H 81 30.76 -32.90 2.23
N ALA H 82 30.49 -32.06 3.23
CA ALA H 82 29.83 -30.78 3.05
C ALA H 82 30.50 -29.77 3.97
N VAL H 83 30.99 -28.68 3.39
CA VAL H 83 31.75 -27.68 4.13
C VAL H 83 30.98 -26.36 4.08
N LEU H 84 30.68 -25.81 5.25
CA LEU H 84 29.99 -24.53 5.37
C LEU H 84 30.99 -23.47 5.80
N VAL H 85 31.03 -22.36 5.07
CA VAL H 85 32.01 -21.30 5.28
C VAL H 85 31.29 -19.97 5.38
N MET H 86 31.65 -19.17 6.37
CA MET H 86 31.20 -17.79 6.50
C MET H 86 32.41 -16.86 6.38
N ARG H 87 32.29 -15.84 5.54
CA ARG H 87 33.37 -14.90 5.29
C ARG H 87 32.88 -13.48 5.55
N LYS H 88 33.71 -12.69 6.22
CA LYS H 88 33.35 -11.31 6.52
C LYS H 88 33.45 -10.43 5.27
N ALA H 89 32.69 -9.35 5.29
CA ALA H 89 32.62 -8.43 4.15
C ALA H 89 33.69 -7.36 4.28
N GLY H 90 33.60 -6.32 3.46
CA GLY H 90 34.56 -5.24 3.50
C GLY H 90 35.87 -5.60 2.83
N GLY H 91 36.93 -4.91 3.24
CA GLY H 91 38.26 -5.10 2.72
C GLY H 91 39.06 -6.19 3.40
N ASN H 92 38.45 -6.95 4.31
CA ASN H 92 39.13 -8.01 5.04
C ASN H 92 38.32 -9.30 4.87
N PRO H 93 38.42 -9.95 3.71
CA PRO H 93 37.62 -11.17 3.44
C PRO H 93 38.16 -12.39 4.17
N LEU H 94 37.89 -12.45 5.47
CA LEU H 94 38.37 -13.52 6.33
C LEU H 94 37.29 -14.57 6.50
N GLU H 95 37.63 -15.83 6.18
CA GLU H 95 36.73 -16.96 6.41
C GLU H 95 36.85 -17.36 7.87
N TYR H 96 36.06 -16.69 8.71
CA TYR H 96 36.21 -16.82 10.15
C TYR H 96 35.52 -18.05 10.73
N LEU H 97 34.73 -18.77 9.93
CA LEU H 97 34.07 -19.97 10.42
C LEU H 97 34.01 -21.02 9.32
N LYS H 98 34.53 -22.21 9.60
CA LYS H 98 34.44 -23.36 8.71
C LYS H 98 33.82 -24.51 9.48
N LEU H 99 32.74 -25.06 8.95
CA LEU H 99 32.06 -26.21 9.54
C LEU H 99 32.11 -27.35 8.53
N THR H 100 32.97 -28.34 8.78
CA THR H 100 33.17 -29.47 7.89
C THR H 100 32.39 -30.67 8.40
N MET H 101 31.57 -31.25 7.53
CA MET H 101 30.71 -32.37 7.87
C MET H 101 31.05 -33.54 6.95
N SER H 102 31.24 -34.71 7.54
CA SER H 102 31.58 -35.92 6.80
C SER H 102 30.42 -36.91 6.84
N ASP H 103 30.26 -37.65 5.74
CA ASP H 103 29.17 -38.61 5.57
C ASP H 103 27.82 -37.91 5.72
N VAL H 104 27.58 -36.97 4.81
CA VAL H 104 26.41 -36.09 4.88
C VAL H 104 25.24 -36.73 4.16
N ILE H 105 24.05 -36.58 4.75
CA ILE H 105 22.81 -37.10 4.19
C ILE H 105 21.83 -35.94 4.02
N ILE H 106 21.24 -35.84 2.83
CA ILE H 106 20.18 -34.88 2.58
C ILE H 106 18.90 -35.40 3.22
N THR H 107 18.40 -34.69 4.23
CA THR H 107 17.26 -35.16 5.00
C THR H 107 15.98 -34.38 4.76
N ARG H 108 16.05 -33.17 4.23
CA ARG H 108 14.84 -32.37 4.03
C ARG H 108 15.09 -31.36 2.92
N VAL H 109 14.10 -31.21 2.04
CA VAL H 109 14.11 -30.20 0.99
C VAL H 109 12.73 -29.55 0.97
N ARG H 110 12.70 -28.22 1.11
CA ARG H 110 11.45 -27.47 1.21
C ARG H 110 11.47 -26.30 0.22
N PRO H 111 11.24 -26.56 -1.05
CA PRO H 111 11.17 -25.46 -2.02
C PRO H 111 9.86 -24.70 -1.93
N SER H 112 9.92 -23.42 -2.30
CA SER H 112 8.73 -22.58 -2.29
C SER H 112 8.91 -21.44 -3.28
N GLY H 113 7.80 -20.82 -3.67
CA GLY H 113 7.84 -19.71 -4.58
C GLY H 113 6.54 -18.93 -4.54
N SER H 114 6.59 -17.71 -5.05
CA SER H 114 5.42 -16.84 -5.10
C SER H 114 5.61 -15.82 -6.20
N ARG H 115 4.48 -15.27 -6.67
CA ARG H 115 4.52 -14.25 -7.72
C ARG H 115 5.00 -12.90 -7.21
N ASP H 116 4.87 -12.65 -5.91
CA ASP H 116 5.14 -11.33 -5.34
C ASP H 116 6.58 -11.27 -4.82
N ASP H 117 7.50 -11.01 -5.76
CA ASP H 117 8.92 -10.82 -5.46
C ASP H 117 9.50 -12.00 -4.69
N THR H 118 9.40 -13.19 -5.29
CA THR H 118 10.16 -14.34 -4.85
C THR H 118 11.35 -14.60 -5.77
N GLU H 119 11.91 -13.54 -6.33
CA GLU H 119 13.23 -13.62 -6.93
C GLU H 119 14.22 -14.11 -5.88
N ARG H 120 15.13 -14.98 -6.28
CA ARG H 120 15.90 -15.81 -5.35
C ARG H 120 14.95 -16.66 -4.51
N SER H 121 14.13 -17.43 -5.23
CA SER H 121 13.12 -18.27 -4.59
C SER H 121 13.79 -19.25 -3.64
N ARG H 122 13.35 -19.25 -2.38
CA ARG H 122 14.08 -19.91 -1.31
C ARG H 122 13.74 -21.40 -1.25
N GLU H 123 14.74 -22.18 -0.85
CA GLU H 123 14.57 -23.61 -0.60
C GLU H 123 15.31 -23.96 0.68
N THR H 124 14.60 -24.57 1.62
CA THR H 124 15.15 -24.94 2.92
C THR H 124 15.59 -26.40 2.88
N VAL H 125 16.86 -26.65 3.18
CA VAL H 125 17.46 -27.97 3.09
C VAL H 125 18.16 -28.31 4.40
N SER H 126 17.97 -29.55 4.86
CA SER H 126 18.57 -30.05 6.10
C SER H 126 19.62 -31.11 5.78
N LEU H 127 20.67 -31.13 6.60
CA LEU H 127 21.79 -32.04 6.40
C LEU H 127 22.02 -32.87 7.66
N SER H 128 22.20 -34.18 7.48
CA SER H 128 22.57 -35.09 8.55
C SER H 128 23.95 -35.66 8.25
N PHE H 129 24.83 -35.66 9.24
CA PHE H 129 26.21 -36.06 9.05
C PHE H 129 26.69 -36.86 10.25
N ALA H 130 27.74 -37.66 10.03
CA ALA H 130 28.29 -38.52 11.05
C ALA H 130 29.54 -37.97 11.73
N LYS H 131 30.23 -37.03 11.08
CA LYS H 131 31.40 -36.39 11.67
C LYS H 131 31.31 -34.89 11.46
N VAL H 132 31.75 -34.13 12.46
CA VAL H 132 31.65 -32.68 12.42
C VAL H 132 32.98 -32.07 12.88
N LYS H 133 33.39 -30.99 12.22
CA LYS H 133 34.61 -30.27 12.56
C LYS H 133 34.38 -28.79 12.36
N GLN H 134 34.65 -28.00 13.40
CA GLN H 134 34.47 -26.55 13.37
C GLN H 134 35.82 -25.85 13.51
N GLU H 135 36.05 -24.85 12.67
CA GLU H 135 37.25 -24.03 12.73
C GLU H 135 36.84 -22.57 12.77
N TYR H 136 37.28 -21.87 13.82
CA TYR H 136 36.99 -20.45 13.98
C TYR H 136 38.29 -19.66 14.00
N VAL H 137 38.29 -18.51 13.34
CA VAL H 137 39.45 -17.63 13.26
C VAL H 137 39.09 -16.30 13.91
N VAL H 138 39.87 -15.90 14.91
CA VAL H 138 39.69 -14.61 15.55
C VAL H 138 40.27 -13.53 14.64
N GLN H 139 39.52 -12.44 14.45
CA GLN H 139 39.98 -11.29 13.68
C GLN H 139 40.33 -10.17 14.65
N ASN H 140 41.58 -9.72 14.60
CA ASN H 140 42.00 -8.63 15.46
C ASN H 140 41.33 -7.33 15.07
N ALA H 141 41.36 -6.36 15.98
CA ALA H 141 40.67 -5.09 15.76
C ALA H 141 41.17 -4.35 14.53
N GLN H 142 42.41 -4.63 14.09
CA GLN H 142 42.92 -3.98 12.88
C GLN H 142 42.28 -4.57 11.63
N GLY H 143 41.86 -5.83 11.67
CA GLY H 143 41.19 -6.44 10.55
C GLY H 143 41.95 -7.61 9.95
N GLY H 144 42.86 -8.21 10.71
CA GLY H 144 43.66 -9.32 10.26
C GLY H 144 43.36 -10.58 11.04
N SER H 145 43.84 -11.71 10.52
CA SER H 145 43.65 -12.99 11.17
C SER H 145 44.42 -13.05 12.49
N GLY H 146 43.81 -13.66 13.49
CA GLY H 146 44.45 -13.82 14.78
C GLY H 146 44.77 -15.26 15.12
N GLY H 147 43.95 -15.86 15.99
CA GLY H 147 44.13 -17.24 16.40
C GLY H 147 43.02 -18.13 15.87
N ALA H 148 43.37 -19.36 15.54
CA ALA H 148 42.43 -20.33 15.00
C ALA H 148 42.16 -21.42 16.03
N VAL H 149 40.89 -21.70 16.28
CA VAL H 149 40.47 -22.73 17.23
C VAL H 149 39.71 -23.79 16.46
N THR H 150 40.11 -25.06 16.63
CA THR H 150 39.55 -26.18 15.89
C THR H 150 39.17 -27.30 16.85
N THR H 151 37.96 -27.82 16.70
CA THR H 151 37.50 -28.98 17.45
C THR H 151 36.84 -29.97 16.49
N SER H 152 36.98 -31.25 16.81
CA SER H 152 36.43 -32.32 15.98
C SER H 152 35.74 -33.36 16.86
N PHE H 153 34.79 -34.07 16.28
CA PHE H 153 34.07 -35.10 17.00
C PHE H 153 33.48 -36.10 16.01
N ASP H 154 33.54 -37.38 16.36
CA ASP H 154 32.94 -38.45 15.56
C ASP H 154 31.59 -38.79 16.18
N ILE H 155 30.52 -38.30 15.56
CA ILE H 155 29.19 -38.45 16.13
C ILE H 155 28.75 -39.92 16.09
N LYS H 156 28.87 -40.56 14.93
CA LYS H 156 28.44 -41.95 14.80
C LYS H 156 29.32 -42.88 15.63
N GLY H 157 30.63 -42.63 15.63
CA GLY H 157 31.55 -43.42 16.43
C GLY H 157 31.59 -43.06 17.90
N ASN H 158 30.83 -42.04 18.31
CA ASN H 158 30.78 -41.60 19.70
C ASN H 158 32.17 -41.24 20.23
N LYS H 159 32.94 -40.53 19.40
CA LYS H 159 34.28 -40.11 19.78
C LYS H 159 34.51 -38.66 19.33
N ALA I 2 17.17 -5.17 -21.89
CA ALA I 2 17.50 -3.80 -21.54
C ALA I 2 18.87 -3.42 -22.09
N GLN I 3 18.88 -2.44 -22.99
CA GLN I 3 20.12 -2.02 -23.64
C GLN I 3 20.96 -1.16 -22.69
N ASP I 4 22.15 -0.79 -23.17
CA ASP I 4 23.07 0.05 -22.41
C ASP I 4 23.35 1.32 -23.20
N ILE I 5 23.32 2.46 -22.52
CA ILE I 5 23.54 3.77 -23.12
C ILE I 5 24.70 4.43 -22.39
N PHE I 6 25.65 4.98 -23.15
CA PHE I 6 26.83 5.62 -22.59
C PHE I 6 27.01 7.01 -23.20
N LEU I 7 27.65 7.89 -22.44
CA LEU I 7 27.99 9.22 -22.92
C LEU I 7 29.42 9.53 -22.49
N LYS I 8 30.25 9.92 -23.45
CA LYS I 8 31.65 10.22 -23.20
C LYS I 8 31.87 11.72 -23.43
N ILE I 9 32.11 12.45 -22.33
CA ILE I 9 32.35 13.88 -22.37
C ILE I 9 33.80 14.13 -22.01
N ASP I 10 34.49 14.89 -22.84
CA ASP I 10 35.91 15.16 -22.61
C ASP I 10 36.08 16.02 -21.35
N GLY I 11 36.90 15.53 -20.43
CA GLY I 11 37.19 16.24 -19.19
C GLY I 11 36.17 16.04 -18.09
N ILE I 12 35.07 15.33 -18.35
CA ILE I 12 34.04 15.07 -17.36
C ILE I 12 33.79 13.56 -17.37
N ASN I 13 34.44 12.85 -16.47
CA ASN I 13 34.34 11.39 -16.42
C ASN I 13 33.22 10.96 -15.47
N GLY I 14 32.61 9.83 -15.80
CA GLY I 14 31.63 9.17 -14.96
C GLY I 14 32.26 8.07 -14.12
N GLU I 15 31.45 7.08 -13.77
CA GLU I 15 31.89 5.93 -13.01
C GLU I 15 31.33 4.64 -13.60
N SER I 16 31.34 4.54 -14.93
CA SER I 16 30.90 3.31 -15.58
C SER I 16 31.95 2.23 -15.42
N LEU I 17 31.50 1.02 -15.07
CA LEU I 17 32.40 -0.11 -14.88
C LEU I 17 32.54 -0.97 -16.12
N ASP I 18 31.88 -0.62 -17.22
CA ASP I 18 32.01 -1.38 -18.45
C ASP I 18 33.42 -1.26 -19.01
N ASP I 19 33.98 -2.39 -19.42
CA ASP I 19 35.36 -2.39 -19.92
C ASP I 19 35.51 -1.54 -21.17
N SER I 20 34.56 -1.65 -22.10
CA SER I 20 34.65 -0.88 -23.34
C SER I 20 34.33 0.60 -23.13
N HIS I 21 33.60 0.95 -22.08
CA HIS I 21 33.16 2.33 -21.84
C HIS I 21 33.40 2.72 -20.38
N LYS I 22 34.62 2.45 -19.90
CA LYS I 22 34.95 2.77 -18.52
C LYS I 22 35.09 4.27 -18.33
N ASP I 23 34.72 4.74 -17.13
CA ASP I 23 34.81 6.14 -16.72
C ASP I 23 33.94 7.05 -17.58
N GLU I 24 32.91 6.49 -18.21
CA GLU I 24 31.94 7.28 -18.95
C GLU I 24 30.64 7.39 -18.16
N ILE I 25 29.75 8.23 -18.64
CA ILE I 25 28.47 8.49 -17.98
C ILE I 25 27.45 7.49 -18.50
N GLU I 26 26.85 6.74 -17.59
CA GLU I 26 25.79 5.79 -17.95
C GLU I 26 24.48 6.55 -18.01
N VAL I 27 23.89 6.63 -19.20
CA VAL I 27 22.70 7.43 -19.44
C VAL I 27 21.47 6.53 -19.31
N LEU I 28 20.56 6.91 -18.40
CA LEU I 28 19.32 6.17 -18.26
C LEU I 28 18.38 6.42 -19.43
N ASN I 29 18.25 7.68 -19.84
CA ASN I 29 17.41 8.03 -20.98
C ASN I 29 17.88 9.37 -21.53
N TRP I 30 17.53 9.62 -22.79
CA TRP I 30 17.95 10.84 -23.47
C TRP I 30 16.94 11.18 -24.55
N ASN I 31 16.98 12.44 -24.99
CA ASN I 31 16.13 12.89 -26.08
C ASN I 31 16.79 14.07 -26.78
N TRP I 32 16.38 14.30 -28.02
CA TRP I 32 16.89 15.40 -28.83
C TRP I 32 15.79 15.82 -29.81
N GLU I 33 15.87 17.06 -30.27
CA GLU I 33 14.84 17.59 -31.16
C GLU I 33 15.44 18.61 -32.11
N ILE I 34 14.94 18.60 -33.35
CA ILE I 34 15.30 19.58 -34.37
C ILE I 34 14.00 20.10 -34.97
N GLN I 35 13.89 21.42 -35.09
CA GLN I 35 12.69 22.05 -35.63
C GLN I 35 13.07 23.12 -36.63
N GLN I 36 12.15 23.41 -37.55
CA GLN I 36 12.38 24.42 -38.57
C GLN I 36 11.84 25.78 -38.14
N LYS I 50 18.41 28.76 -40.41
CA LYS I 50 17.35 28.06 -41.10
C LYS I 50 16.48 27.27 -40.13
N ALA I 51 17.04 26.21 -39.56
CA ALA I 51 16.36 25.35 -38.62
C ALA I 51 16.89 25.59 -37.21
N SER I 52 16.08 25.21 -36.23
CA SER I 52 16.44 25.36 -34.82
C SER I 52 16.84 24.02 -34.24
N VAL I 53 18.02 23.96 -33.64
CA VAL I 53 18.55 22.74 -33.03
C VAL I 53 18.40 22.88 -31.53
N LYS I 54 17.54 22.04 -30.94
CA LYS I 54 17.35 22.06 -29.50
C LYS I 54 18.50 21.34 -28.80
N ASP I 55 18.70 21.68 -27.53
CA ASP I 55 19.75 21.07 -26.75
C ASP I 55 19.46 19.60 -26.51
N LEU I 56 20.50 18.77 -26.57
CA LEU I 56 20.37 17.35 -26.29
C LEU I 56 20.28 17.15 -24.78
N THR I 57 19.21 16.49 -24.33
CA THR I 57 18.95 16.28 -22.92
C THR I 57 19.07 14.80 -22.60
N PHE I 58 19.85 14.49 -21.56
CA PHE I 58 20.01 13.12 -21.09
C PHE I 58 19.85 13.07 -19.59
N GLU I 59 19.38 11.93 -19.09
CA GLU I 59 19.16 11.72 -17.66
C GLU I 59 20.10 10.64 -17.16
N HIS I 60 20.77 10.92 -16.04
CA HIS I 60 21.69 9.97 -15.44
C HIS I 60 21.60 10.10 -13.93
N ALA I 61 21.99 9.02 -13.24
CA ALA I 61 22.07 9.06 -11.79
C ALA I 61 23.19 9.98 -11.35
N ILE I 62 23.03 10.57 -10.17
CA ILE I 62 24.06 11.45 -9.63
C ILE I 62 25.32 10.63 -9.35
N ASP I 63 26.43 11.06 -9.93
CA ASP I 63 27.65 10.25 -9.95
C ASP I 63 28.85 11.18 -9.89
N ARG I 64 30.03 10.65 -10.23
CA ARG I 64 31.26 11.43 -10.18
C ARG I 64 31.21 12.65 -11.08
N ALA I 65 30.49 12.55 -12.21
CA ALA I 65 30.45 13.65 -13.16
C ALA I 65 29.57 14.82 -12.70
N SER I 66 28.71 14.61 -11.71
CA SER I 66 27.76 15.64 -11.31
C SER I 66 28.44 16.92 -10.82
N PRO I 67 29.44 16.89 -9.91
CA PRO I 67 30.07 18.15 -9.51
C PRO I 67 30.71 18.90 -10.65
N ASN I 68 31.31 18.19 -11.61
CA ASN I 68 31.92 18.85 -12.75
C ASN I 68 30.88 19.38 -13.73
N LEU I 69 29.73 18.70 -13.84
CA LEU I 69 28.66 19.20 -14.71
C LEU I 69 28.10 20.52 -14.20
N MET I 70 28.01 20.69 -12.88
CA MET I 70 27.54 21.95 -12.33
C MET I 70 28.50 23.09 -12.64
N LYS I 71 29.81 22.85 -12.50
CA LYS I 71 30.77 23.92 -12.72
C LYS I 71 30.79 24.37 -14.18
N TYR I 72 30.63 23.42 -15.11
CA TYR I 72 30.60 23.80 -16.53
C TYR I 72 29.30 24.51 -16.88
N ALA I 73 28.19 24.14 -16.26
CA ALA I 73 26.95 24.90 -16.45
C ALA I 73 27.07 26.31 -15.92
N LEU I 74 27.67 26.47 -14.74
CA LEU I 74 27.83 27.80 -14.16
C LEU I 74 28.86 28.64 -14.93
N THR I 75 30.02 28.04 -15.22
CA THR I 75 31.06 28.78 -15.93
C THR I 75 30.76 28.92 -17.42
N GLY I 76 30.08 27.96 -18.02
CA GLY I 76 29.81 28.00 -19.44
C GLY I 76 30.98 27.63 -20.31
N LYS I 77 32.00 26.97 -19.76
CA LYS I 77 33.18 26.61 -20.52
C LYS I 77 32.86 25.53 -21.55
N HIS I 78 33.53 25.62 -22.69
CA HIS I 78 33.33 24.65 -23.76
C HIS I 78 34.17 23.40 -23.52
N VAL I 79 33.63 22.24 -23.88
CA VAL I 79 34.38 21.00 -23.91
C VAL I 79 34.52 20.56 -25.36
N ASP I 80 35.58 19.81 -25.64
CA ASP I 80 35.93 19.51 -27.03
C ASP I 80 34.88 18.64 -27.71
N GLN I 81 34.47 17.55 -27.07
CA GLN I 81 33.58 16.61 -27.73
C GLN I 81 32.75 15.85 -26.70
N ALA I 82 31.54 15.49 -27.11
CA ALA I 82 30.67 14.60 -26.36
C ALA I 82 30.09 13.56 -27.31
N VAL I 83 30.23 12.29 -26.97
CA VAL I 83 29.82 11.19 -27.83
C VAL I 83 28.77 10.36 -27.10
N LEU I 84 27.60 10.22 -27.71
CA LEU I 84 26.51 9.41 -27.17
C LEU I 84 26.41 8.12 -27.96
N VAL I 85 26.44 6.99 -27.25
CA VAL I 85 26.48 5.67 -27.86
C VAL I 85 25.40 4.80 -27.23
N MET I 86 24.64 4.10 -28.07
CA MET I 86 23.67 3.10 -27.62
C MET I 86 24.10 1.74 -28.13
N ARG I 87 24.06 0.74 -27.24
CA ARG I 87 24.51 -0.61 -27.53
C ARG I 87 23.41 -1.60 -27.18
N LYS I 88 23.20 -2.57 -28.07
CA LYS I 88 22.18 -3.58 -27.84
C LYS I 88 22.63 -4.56 -26.75
N ALA I 89 21.64 -5.19 -26.12
CA ALA I 89 21.88 -6.16 -25.06
C ALA I 89 21.99 -7.57 -25.65
N GLY I 90 21.98 -8.58 -24.78
CA GLY I 90 22.06 -9.95 -25.24
C GLY I 90 23.47 -10.34 -25.64
N GLY I 91 23.54 -11.36 -26.49
CA GLY I 91 24.81 -11.89 -26.96
C GLY I 91 25.40 -11.17 -28.15
N ASN I 92 24.78 -10.08 -28.60
CA ASN I 92 25.26 -9.32 -29.76
C ASN I 92 25.40 -7.85 -29.35
N PRO I 93 26.48 -7.51 -28.63
CA PRO I 93 26.67 -6.13 -28.14
C PRO I 93 27.14 -5.18 -29.24
N LEU I 94 26.20 -4.78 -30.09
CA LEU I 94 26.48 -3.90 -31.21
C LEU I 94 26.13 -2.46 -30.85
N GLU I 95 27.08 -1.55 -31.05
CA GLU I 95 26.84 -0.12 -30.86
C GLU I 95 26.15 0.41 -32.11
N TYR I 96 24.82 0.28 -32.14
CA TYR I 96 24.05 0.59 -33.33
C TYR I 96 23.79 2.07 -33.53
N LEU I 97 24.04 2.91 -32.53
CA LEU I 97 23.85 4.35 -32.67
C LEU I 97 24.99 5.08 -31.99
N LYS I 98 25.54 6.07 -32.68
CA LYS I 98 26.67 6.84 -32.17
C LYS I 98 26.47 8.30 -32.56
N LEU I 99 26.25 9.16 -31.57
CA LEU I 99 25.96 10.57 -31.79
C LEU I 99 27.15 11.38 -31.27
N THR I 100 27.91 11.96 -32.20
CA THR I 100 29.10 12.73 -31.87
C THR I 100 28.79 14.22 -31.95
N MET I 101 29.10 14.95 -30.88
CA MET I 101 28.84 16.37 -30.78
C MET I 101 30.14 17.10 -30.51
N SER I 102 30.41 18.15 -31.30
CA SER I 102 31.64 18.92 -31.18
C SER I 102 31.33 20.32 -30.65
N ASP I 103 32.27 20.85 -29.88
CA ASP I 103 32.13 22.17 -29.24
C ASP I 103 30.88 22.20 -28.36
N VAL I 104 30.90 21.36 -27.34
CA VAL I 104 29.73 21.11 -26.50
C VAL I 104 29.70 22.09 -25.34
N ILE I 105 28.50 22.55 -25.00
CA ILE I 105 28.28 23.46 -23.88
C ILE I 105 27.25 22.83 -22.95
N ILE I 106 27.55 22.84 -21.65
CA ILE I 106 26.59 22.38 -20.65
C ILE I 106 25.65 23.54 -20.35
N THR I 107 24.36 23.34 -20.64
CA THR I 107 23.38 24.42 -20.55
C THR I 107 22.34 24.24 -19.46
N ARG I 108 22.20 23.04 -18.90
CA ARG I 108 21.18 22.80 -17.88
C ARG I 108 21.58 21.60 -17.03
N VAL I 109 21.50 21.77 -15.71
CA VAL I 109 21.74 20.70 -14.75
C VAL I 109 20.60 20.71 -13.74
N ARG I 110 19.92 19.56 -13.59
CA ARG I 110 18.75 19.45 -12.73
C ARG I 110 18.92 18.24 -11.82
N PRO I 111 19.66 18.39 -10.72
CA PRO I 111 19.77 17.29 -9.75
C PRO I 111 18.55 17.21 -8.85
N SER I 112 18.24 15.99 -8.43
CA SER I 112 17.13 15.74 -7.53
C SER I 112 17.37 14.45 -6.76
N GLY I 113 16.65 14.30 -5.65
CA GLY I 113 16.78 13.11 -4.84
C GLY I 113 15.57 12.93 -3.96
N SER I 114 15.35 11.69 -3.52
CA SER I 114 14.24 11.35 -2.66
C SER I 114 14.67 10.29 -1.65
N ARG I 115 14.03 10.31 -0.49
CA ARG I 115 14.32 9.31 0.54
C ARG I 115 13.91 7.91 0.08
N ASP I 116 12.77 7.81 -0.59
CA ASP I 116 12.25 6.53 -1.07
C ASP I 116 12.73 6.30 -2.49
N ASP I 117 13.79 5.51 -2.64
CA ASP I 117 14.32 5.19 -3.95
C ASP I 117 13.46 4.15 -4.67
N SER I 121 18.88 8.45 -6.83
CA SER I 121 18.75 9.85 -7.24
C SER I 121 19.23 10.03 -8.67
N ARG I 122 18.51 10.84 -9.44
CA ARG I 122 18.81 11.06 -10.85
C ARG I 122 19.14 12.53 -11.08
N GLU I 123 19.71 12.81 -12.25
CA GLU I 123 20.06 14.17 -12.63
C GLU I 123 19.85 14.33 -14.13
N THR I 124 19.25 15.46 -14.52
CA THR I 124 18.95 15.76 -15.90
C THR I 124 19.88 16.85 -16.39
N VAL I 125 20.57 16.60 -17.50
CA VAL I 125 21.57 17.51 -18.05
C VAL I 125 21.29 17.75 -19.53
N SER I 126 21.38 19.00 -19.96
CA SER I 126 21.18 19.38 -21.35
C SER I 126 22.49 19.87 -21.95
N LEU I 127 22.71 19.54 -23.23
CA LEU I 127 23.95 19.83 -23.91
C LEU I 127 23.70 20.62 -25.18
N SER I 128 24.50 21.67 -25.40
CA SER I 128 24.47 22.46 -26.62
C SER I 128 25.80 22.29 -27.36
N PHE I 129 25.73 22.08 -28.67
CA PHE I 129 26.91 21.78 -29.46
C PHE I 129 26.82 22.48 -30.81
N ALA I 130 27.99 22.68 -31.43
CA ALA I 130 28.10 23.39 -32.69
C ALA I 130 28.15 22.47 -33.90
N LYS I 131 28.61 21.23 -33.75
CA LYS I 131 28.61 20.26 -34.83
C LYS I 131 28.06 18.95 -34.32
N VAL I 132 27.41 18.21 -35.23
CA VAL I 132 26.71 16.97 -34.88
C VAL I 132 27.03 15.92 -35.93
N LYS I 133 27.22 14.68 -35.49
CA LYS I 133 27.48 13.55 -36.37
C LYS I 133 26.77 12.33 -35.83
N GLN I 134 25.95 11.70 -36.65
CA GLN I 134 25.20 10.51 -36.26
C GLN I 134 25.62 9.33 -37.13
N GLU I 135 25.87 8.18 -36.50
CA GLU I 135 26.16 6.95 -37.21
C GLU I 135 25.21 5.87 -36.72
N TYR I 136 24.55 5.20 -37.65
CA TYR I 136 23.65 4.10 -37.35
C TYR I 136 24.13 2.83 -38.03
N VAL I 137 24.02 1.71 -37.33
CA VAL I 137 24.45 0.41 -37.83
C VAL I 137 23.23 -0.51 -37.85
N VAL I 138 22.94 -1.09 -39.00
CA VAL I 138 21.85 -2.04 -39.13
C VAL I 138 22.31 -3.40 -38.61
N GLN I 139 21.43 -4.11 -37.91
CA GLN I 139 21.74 -5.42 -37.37
C GLN I 139 21.04 -6.48 -38.22
N ASN I 140 21.80 -7.47 -38.66
CA ASN I 140 21.27 -8.53 -39.51
C ASN I 140 20.62 -9.62 -38.65
N ALA I 141 20.26 -10.73 -39.28
CA ALA I 141 19.59 -11.81 -38.56
C ALA I 141 20.53 -12.49 -37.57
N GLN I 142 21.83 -12.52 -37.87
CA GLN I 142 22.80 -13.16 -36.99
C GLN I 142 23.18 -12.29 -35.79
N GLY I 143 22.72 -11.04 -35.75
CA GLY I 143 23.07 -10.13 -34.68
C GLY I 143 24.33 -9.32 -34.91
N GLY I 144 25.01 -9.54 -36.04
CA GLY I 144 26.22 -8.81 -36.34
C GLY I 144 25.96 -7.48 -37.03
N SER I 145 27.04 -6.82 -37.42
CA SER I 145 26.93 -5.54 -38.09
C SER I 145 26.48 -5.72 -39.53
N GLY I 146 25.62 -4.82 -39.98
CA GLY I 146 25.15 -4.84 -41.35
C GLY I 146 25.71 -3.68 -42.16
N GLY I 147 24.90 -2.64 -42.36
CA GLY I 147 25.31 -1.44 -43.08
C GLY I 147 25.38 -0.25 -42.13
N ALA I 148 26.32 0.64 -42.39
CA ALA I 148 26.53 1.83 -41.58
C ALA I 148 26.15 3.07 -42.40
N VAL I 149 25.31 3.92 -41.82
CA VAL I 149 24.87 5.16 -42.45
C VAL I 149 25.30 6.32 -41.57
N THR I 150 26.00 7.27 -42.17
CA THR I 150 26.60 8.38 -41.43
C THR I 150 26.25 9.70 -42.11
N THR I 151 25.81 10.67 -41.32
CA THR I 151 25.55 12.03 -41.79
C THR I 151 26.16 13.02 -40.81
N SER I 152 26.64 14.14 -41.35
CA SER I 152 27.28 15.18 -40.56
C SER I 152 26.75 16.54 -40.98
N PHE I 153 26.82 17.51 -40.06
CA PHE I 153 26.33 18.85 -40.33
C PHE I 153 27.02 19.82 -39.38
N ASP I 154 27.39 20.99 -39.91
CA ASP I 154 27.99 22.06 -39.13
C ASP I 154 26.87 23.04 -38.77
N ILE I 155 26.39 22.95 -37.53
CA ILE I 155 25.25 23.77 -37.12
C ILE I 155 25.65 25.24 -37.04
N LYS I 156 26.78 25.53 -36.39
CA LYS I 156 27.21 26.92 -36.25
C LYS I 156 27.60 27.52 -37.59
N GLY I 157 28.32 26.76 -38.42
CA GLY I 157 28.75 27.22 -39.72
C GLY I 157 27.71 27.12 -40.81
N ASN I 158 26.53 26.58 -40.50
CA ASN I 158 25.44 26.45 -41.47
C ASN I 158 25.88 25.63 -42.69
N LYS I 159 26.56 24.51 -42.43
CA LYS I 159 27.04 23.66 -43.50
C LYS I 159 26.53 22.23 -43.33
N ALA J 2 -3.24 -6.33 -35.39
CA ALA J 2 -2.19 -5.35 -35.55
C ALA J 2 -1.83 -5.17 -37.02
N GLN J 3 -2.20 -4.00 -37.57
CA GLN J 3 -1.96 -3.71 -38.98
C GLN J 3 -0.51 -3.30 -39.20
N ASP J 4 -0.16 -3.10 -40.47
CA ASP J 4 1.18 -2.68 -40.87
C ASP J 4 1.10 -1.33 -41.56
N ILE J 5 1.99 -0.42 -41.18
CA ILE J 5 2.05 0.92 -41.74
C ILE J 5 3.44 1.14 -42.32
N PHE J 6 3.50 1.64 -43.55
CA PHE J 6 4.76 1.88 -44.24
C PHE J 6 4.80 3.31 -44.76
N LEU J 7 6.02 3.83 -44.91
CA LEU J 7 6.25 5.15 -45.48
C LEU J 7 7.44 5.07 -46.42
N LYS J 8 7.23 5.44 -47.68
CA LYS J 8 8.25 5.40 -48.72
C LYS J 8 8.65 6.83 -49.07
N ILE J 9 9.86 7.23 -48.68
CA ILE J 9 10.39 8.55 -48.94
C ILE J 9 11.50 8.43 -49.96
N ASP J 10 11.44 9.26 -51.00
CA ASP J 10 12.43 9.20 -52.07
C ASP J 10 13.79 9.64 -51.56
N GLY J 11 14.79 8.75 -51.69
CA GLY J 11 16.13 9.04 -51.26
C GLY J 11 16.44 8.75 -49.81
N ILE J 12 15.43 8.37 -49.02
CA ILE J 12 15.61 8.08 -47.60
C ILE J 12 15.00 6.70 -47.36
N ASN J 13 15.83 5.67 -47.42
CA ASN J 13 15.37 4.29 -47.29
C ASN J 13 15.35 3.85 -45.84
N GLY J 14 14.44 2.95 -45.53
CA GLY J 14 14.35 2.30 -44.23
C GLY J 14 14.99 0.94 -44.24
N GLU J 15 14.53 0.07 -43.33
CA GLU J 15 15.01 -1.31 -43.26
C GLU J 15 13.85 -2.27 -43.09
N SER J 16 12.73 -2.01 -43.76
CA SER J 16 11.60 -2.92 -43.72
C SER J 16 11.91 -4.19 -44.50
N LEU J 17 11.62 -5.34 -43.88
CA LEU J 17 11.85 -6.62 -44.52
C LEU J 17 10.65 -7.16 -45.26
N ASP J 18 9.54 -6.40 -45.31
CA ASP J 18 8.36 -6.83 -46.05
C ASP J 18 8.67 -6.88 -47.54
N ASP J 19 8.20 -7.94 -48.21
CA ASP J 19 8.51 -8.13 -49.62
C ASP J 19 7.92 -7.01 -50.47
N SER J 20 6.67 -6.62 -50.19
CA SER J 20 6.02 -5.58 -50.96
C SER J 20 6.53 -4.18 -50.63
N HIS J 21 7.06 -3.97 -49.44
CA HIS J 21 7.49 -2.65 -48.97
C HIS J 21 8.91 -2.73 -48.41
N LYS J 22 9.81 -3.38 -49.15
CA LYS J 22 11.19 -3.50 -48.71
C LYS J 22 11.89 -2.14 -48.72
N ASP J 23 12.78 -1.95 -47.74
CA ASP J 23 13.59 -0.75 -47.59
C ASP J 23 12.75 0.50 -47.36
N GLU J 24 11.54 0.34 -46.82
CA GLU J 24 10.69 1.45 -46.46
C GLU J 24 10.70 1.65 -44.95
N ILE J 25 10.14 2.77 -44.51
CA ILE J 25 10.10 3.11 -43.10
C ILE J 25 8.83 2.49 -42.50
N GLU J 26 9.01 1.65 -41.48
CA GLU J 26 7.89 1.04 -40.78
C GLU J 26 7.38 2.03 -39.73
N VAL J 27 6.18 2.56 -39.95
CA VAL J 27 5.63 3.61 -39.10
C VAL J 27 4.83 2.97 -37.98
N LEU J 28 5.22 3.26 -36.74
CA LEU J 28 4.48 2.75 -35.59
C LEU J 28 3.13 3.45 -35.46
N ASN J 29 3.12 4.77 -35.58
CA ASN J 29 1.89 5.54 -35.51
C ASN J 29 2.12 6.88 -36.21
N TRP J 30 1.02 7.52 -36.60
CA TRP J 30 1.10 8.77 -37.34
C TRP J 30 -0.17 9.58 -37.10
N ASN J 31 -0.10 10.87 -37.40
CA ASN J 31 -1.24 11.75 -37.30
C ASN J 31 -1.08 12.90 -38.27
N TRP J 32 -2.20 13.53 -38.60
CA TRP J 32 -2.23 14.68 -39.51
C TRP J 32 -3.40 15.56 -39.13
N GLU J 33 -3.32 16.84 -39.49
CA GLU J 33 -4.37 17.78 -39.12
C GLU J 33 -4.50 18.87 -40.16
N ILE J 34 -5.74 19.28 -40.41
CA ILE J 34 -6.06 20.40 -41.30
C ILE J 34 -7.03 21.30 -40.56
N GLN J 35 -6.78 22.62 -40.62
CA GLN J 35 -7.62 23.58 -39.92
C GLN J 35 -7.90 24.77 -40.82
N GLN J 36 -9.01 25.45 -40.54
CA GLN J 36 -9.41 26.64 -41.27
C GLN J 36 -8.91 27.90 -40.57
N LYS J 50 -6.35 30.13 -47.50
CA LYS J 50 -7.65 29.70 -46.99
C LYS J 50 -7.48 28.86 -45.72
N ALA J 51 -7.29 27.55 -45.90
CA ALA J 51 -7.12 26.65 -44.78
C ALA J 51 -5.64 26.48 -44.45
N SER J 52 -5.39 26.00 -43.23
CA SER J 52 -4.04 25.78 -42.74
C SER J 52 -3.78 24.28 -42.68
N VAL J 53 -2.74 23.84 -43.39
CA VAL J 53 -2.35 22.43 -43.43
C VAL J 53 -1.17 22.23 -42.48
N LYS J 54 -1.36 21.39 -41.47
CA LYS J 54 -0.32 21.09 -40.51
C LYS J 54 0.60 19.99 -41.04
N ASP J 55 1.82 19.97 -40.49
CA ASP J 55 2.78 18.95 -40.90
C ASP J 55 2.32 17.57 -40.46
N LEU J 56 2.50 16.59 -41.34
CA LEU J 56 2.16 15.21 -41.00
C LEU J 56 3.25 14.63 -40.13
N THR J 57 2.86 14.14 -38.96
CA THR J 57 3.79 13.60 -37.96
C THR J 57 3.64 12.09 -37.89
N PHE J 58 4.77 11.38 -37.97
CA PHE J 58 4.78 9.93 -37.84
C PHE J 58 5.89 9.52 -36.88
N GLU J 59 5.68 8.38 -36.21
CA GLU J 59 6.61 7.86 -35.24
C GLU J 59 7.18 6.53 -35.73
N HIS J 60 8.49 6.37 -35.63
CA HIS J 60 9.16 5.14 -36.04
C HIS J 60 10.37 4.91 -35.15
N ALA J 61 10.80 3.66 -35.08
CA ALA J 61 12.01 3.34 -34.34
C ALA J 61 13.24 3.88 -35.07
N ILE J 62 14.28 4.17 -34.30
CA ILE J 62 15.53 4.65 -34.90
C ILE J 62 16.10 3.55 -35.78
N ASP J 63 16.31 3.87 -37.06
CA ASP J 63 16.63 2.86 -38.05
C ASP J 63 17.55 3.49 -39.09
N ARG J 64 17.66 2.83 -40.25
CA ARG J 64 18.58 3.27 -41.30
C ARG J 64 18.26 4.68 -41.78
N ALA J 65 16.98 5.06 -41.75
CA ALA J 65 16.58 6.37 -42.26
C ALA J 65 16.89 7.52 -41.31
N SER J 66 17.17 7.21 -40.04
CA SER J 66 17.36 8.28 -39.05
C SER J 66 18.52 9.22 -39.39
N PRO J 67 19.72 8.75 -39.75
CA PRO J 67 20.78 9.71 -40.10
C PRO J 67 20.42 10.63 -41.26
N ASN J 68 19.73 10.11 -42.28
CA ASN J 68 19.35 10.96 -43.41
C ASN J 68 18.23 11.92 -43.03
N LEU J 69 17.30 11.48 -42.18
CA LEU J 69 16.21 12.36 -41.76
C LEU J 69 16.74 13.57 -40.99
N MET J 70 17.75 13.36 -40.14
CA MET J 70 18.36 14.48 -39.44
C MET J 70 19.05 15.44 -40.40
N LYS J 71 19.77 14.91 -41.39
CA LYS J 71 20.46 15.77 -42.34
C LYS J 71 19.49 16.58 -43.18
N TYR J 72 18.40 15.95 -43.63
CA TYR J 72 17.42 16.65 -44.44
C TYR J 72 16.69 17.71 -43.63
N ALA J 73 16.44 17.44 -42.34
CA ALA J 73 15.83 18.44 -41.47
C ALA J 73 16.73 19.65 -41.31
N LEU J 74 18.03 19.43 -41.13
CA LEU J 74 18.95 20.55 -40.97
C LEU J 74 19.17 21.29 -42.29
N THR J 75 19.37 20.54 -43.38
CA THR J 75 19.61 21.17 -44.67
C THR J 75 18.33 21.75 -45.26
N GLY J 76 17.18 21.14 -44.98
CA GLY J 76 15.94 21.61 -45.54
C GLY J 76 15.73 21.27 -47.00
N LYS J 77 16.50 20.32 -47.53
CA LYS J 77 16.36 19.96 -48.93
C LYS J 77 15.03 19.23 -49.18
N HIS J 78 14.45 19.49 -50.35
CA HIS J 78 13.20 18.87 -50.73
C HIS J 78 13.43 17.46 -51.26
N VAL J 79 12.48 16.58 -50.99
CA VAL J 79 12.43 15.25 -51.61
C VAL J 79 11.22 15.23 -52.55
N ASP J 80 11.31 14.38 -53.57
CA ASP J 80 10.31 14.39 -54.62
C ASP J 80 8.94 13.96 -54.11
N GLN J 81 8.88 12.88 -53.33
CA GLN J 81 7.60 12.32 -52.93
C GLN J 81 7.75 11.49 -51.67
N ALA J 82 6.67 11.44 -50.89
CA ALA J 82 6.57 10.58 -49.72
C ALA J 82 5.18 9.97 -49.69
N VAL J 83 5.11 8.65 -49.62
CA VAL J 83 3.85 7.91 -49.71
C VAL J 83 3.64 7.15 -48.40
N LEU J 84 2.51 7.39 -47.76
CA LEU J 84 2.12 6.69 -46.54
C LEU J 84 1.06 5.65 -46.86
N VAL J 85 1.28 4.42 -46.41
CA VAL J 85 0.42 3.29 -46.74
C VAL J 85 0.07 2.53 -45.46
N MET J 86 -1.21 2.20 -45.31
CA MET J 86 -1.67 1.33 -44.23
C MET J 86 -2.29 0.08 -44.83
N ARG J 87 -1.91 -1.08 -44.31
CA ARG J 87 -2.38 -2.37 -44.79
C ARG J 87 -2.98 -3.16 -43.64
N LYS J 88 -4.14 -3.77 -43.88
CA LYS J 88 -4.79 -4.56 -42.86
C LYS J 88 -4.03 -5.87 -42.61
N ALA J 89 -4.26 -6.43 -41.42
CA ALA J 89 -3.62 -7.66 -41.02
C ALA J 89 -4.49 -8.85 -41.41
N GLY J 90 -4.16 -10.04 -40.90
CA GLY J 90 -4.92 -11.23 -41.20
C GLY J 90 -4.63 -11.77 -42.59
N GLY J 91 -5.59 -12.52 -43.11
CA GLY J 91 -5.50 -13.14 -44.41
C GLY J 91 -5.93 -12.27 -45.58
N ASN J 92 -6.23 -10.99 -45.34
CA ASN J 92 -6.66 -10.07 -46.37
C ASN J 92 -5.78 -8.83 -46.31
N PRO J 93 -4.55 -8.92 -46.83
CA PRO J 93 -3.61 -7.76 -46.77
C PRO J 93 -3.95 -6.68 -47.80
N LEU J 94 -4.98 -5.90 -47.49
CA LEU J 94 -5.43 -4.83 -48.36
C LEU J 94 -4.83 -3.51 -47.93
N GLU J 95 -4.22 -2.79 -48.86
CA GLU J 95 -3.70 -1.44 -48.61
C GLU J 95 -4.87 -0.47 -48.77
N TYR J 96 -5.59 -0.25 -47.67
CA TYR J 96 -6.85 0.48 -47.70
C TYR J 96 -6.66 1.99 -47.60
N LEU J 97 -5.45 2.49 -47.36
CA LEU J 97 -5.22 3.92 -47.29
C LEU J 97 -3.83 4.24 -47.83
N LYS J 98 -3.78 5.14 -48.80
CA LYS J 98 -2.53 5.57 -49.42
C LYS J 98 -2.52 7.09 -49.49
N LEU J 99 -1.64 7.72 -48.71
CA LEU J 99 -1.53 9.17 -48.65
C LEU J 99 -0.23 9.58 -49.32
N THR J 100 -0.33 10.16 -50.52
CA THR J 100 0.81 10.54 -51.32
C THR J 100 1.07 12.03 -51.17
N MET J 101 2.31 12.39 -50.83
CA MET J 101 2.71 13.77 -50.61
C MET J 101 3.81 14.14 -51.59
N SER J 102 3.65 15.28 -52.25
CA SER J 102 4.61 15.75 -53.24
C SER J 102 5.32 17.00 -52.71
N ASP J 103 6.60 17.14 -53.07
CA ASP J 103 7.44 18.24 -52.62
C ASP J 103 7.50 18.27 -51.10
N VAL J 104 8.04 17.20 -50.53
CA VAL J 104 8.04 16.99 -49.08
C VAL J 104 9.30 17.58 -48.48
N ILE J 105 9.13 18.22 -47.32
CA ILE J 105 10.22 18.83 -46.57
C ILE J 105 10.25 18.21 -45.17
N ILE J 106 11.43 17.81 -44.73
CA ILE J 106 11.62 17.34 -43.35
C ILE J 106 11.68 18.57 -42.44
N THR J 107 10.74 18.66 -41.50
CA THR J 107 10.62 19.84 -40.65
C THR J 107 10.93 19.58 -39.18
N ARG J 108 10.82 18.34 -38.72
CA ARG J 108 11.02 18.05 -37.30
C ARG J 108 11.50 16.62 -37.14
N VAL J 109 12.56 16.42 -36.37
CA VAL J 109 13.08 15.11 -36.02
C VAL J 109 13.33 15.08 -34.52
N ARG J 110 12.77 14.08 -33.84
CA ARG J 110 12.92 13.93 -32.40
C ARG J 110 13.37 12.51 -32.06
N PRO J 111 14.67 12.25 -32.07
CA PRO J 111 15.16 10.96 -31.58
C PRO J 111 15.14 10.90 -30.07
N SER J 112 14.99 9.67 -29.55
CA SER J 112 15.01 9.45 -28.12
C SER J 112 15.39 8.01 -27.84
N GLY J 113 15.79 7.75 -26.60
CA GLY J 113 16.18 6.41 -26.19
C GLY J 113 16.16 6.26 -24.70
N SER J 114 16.06 5.01 -24.24
CA SER J 114 16.04 4.71 -22.82
C SER J 114 16.72 3.36 -22.58
N ARG J 115 17.24 3.20 -21.37
CA ARG J 115 17.87 1.93 -21.01
C ARG J 115 16.85 0.80 -20.92
N ASP J 116 15.69 1.06 -20.35
CA ASP J 116 14.66 0.04 -20.21
C ASP J 116 13.80 -0.05 -21.46
N SER J 121 14.08 2.01 -28.91
CA SER J 121 14.10 3.45 -29.07
C SER J 121 13.21 3.89 -30.23
N ARG J 122 12.64 5.08 -30.13
CA ARG J 122 11.71 5.60 -31.12
C ARG J 122 12.16 7.00 -31.56
N GLU J 123 11.62 7.43 -32.69
CA GLU J 123 11.94 8.75 -33.24
C GLU J 123 10.70 9.30 -33.93
N THR J 124 10.41 10.57 -33.67
CA THR J 124 9.23 11.26 -34.21
C THR J 124 9.68 12.24 -35.28
N VAL J 125 9.06 12.15 -36.46
CA VAL J 125 9.42 12.98 -37.61
C VAL J 125 8.17 13.62 -38.17
N SER J 126 8.28 14.87 -38.62
CA SER J 126 7.18 15.62 -39.22
C SER J 126 7.52 15.97 -40.66
N LEU J 127 6.49 15.97 -41.52
CA LEU J 127 6.65 16.18 -42.95
C LEU J 127 5.81 17.36 -43.41
N SER J 128 6.41 18.23 -44.23
CA SER J 128 5.71 19.34 -44.86
C SER J 128 5.74 19.13 -46.37
N PHE J 129 4.57 19.24 -47.01
CA PHE J 129 4.44 18.93 -48.43
C PHE J 129 3.56 19.97 -49.10
N ALA J 130 3.76 20.11 -50.42
CA ALA J 130 3.01 21.07 -51.22
C ALA J 130 1.79 20.48 -51.91
N LYS J 131 1.77 19.17 -52.14
CA LYS J 131 0.64 18.50 -52.76
C LYS J 131 0.31 17.25 -51.96
N VAL J 132 -0.98 16.92 -51.90
CA VAL J 132 -1.47 15.79 -51.11
C VAL J 132 -2.51 15.03 -51.94
N LYS J 133 -2.48 13.70 -51.82
CA LYS J 133 -3.41 12.83 -52.52
C LYS J 133 -3.73 11.64 -51.62
N GLN J 134 -5.01 11.46 -51.31
CA GLN J 134 -5.47 10.39 -50.44
C GLN J 134 -6.30 9.40 -51.23
N GLU J 135 -5.99 8.11 -51.05
CA GLU J 135 -6.73 7.03 -51.68
C GLU J 135 -7.21 6.07 -50.61
N TYR J 136 -8.52 5.83 -50.57
CA TYR J 136 -9.12 4.91 -49.61
C TYR J 136 -9.82 3.79 -50.36
N VAL J 137 -9.64 2.56 -49.88
CA VAL J 137 -10.24 1.37 -50.48
C VAL J 137 -11.19 0.76 -49.46
N VAL J 138 -12.45 0.61 -49.84
CA VAL J 138 -13.44 -0.04 -48.98
C VAL J 138 -13.23 -1.55 -49.05
N GLN J 139 -13.19 -2.19 -47.89
CA GLN J 139 -13.08 -3.64 -47.80
C GLN J 139 -14.46 -4.22 -47.51
N ASN J 140 -14.90 -5.15 -48.37
CA ASN J 140 -16.21 -5.75 -48.21
C ASN J 140 -16.20 -6.72 -47.01
N ALA J 141 -17.37 -7.30 -46.73
CA ALA J 141 -17.50 -8.18 -45.57
C ALA J 141 -16.61 -9.40 -45.71
N GLN J 142 -16.50 -9.95 -46.92
CA GLN J 142 -15.62 -11.11 -47.12
C GLN J 142 -14.16 -10.75 -46.85
N GLY J 143 -13.74 -9.57 -47.30
CA GLY J 143 -12.38 -9.12 -47.05
C GLY J 143 -11.64 -8.71 -48.30
N GLY J 144 -12.38 -8.49 -49.40
CA GLY J 144 -11.79 -8.09 -50.66
C GLY J 144 -11.91 -6.59 -50.90
N SER J 145 -11.26 -6.15 -51.98
CA SER J 145 -11.33 -4.75 -52.36
C SER J 145 -12.72 -4.40 -52.86
N GLY J 146 -13.21 -3.23 -52.46
CA GLY J 146 -14.50 -2.77 -52.90
C GLY J 146 -14.41 -1.55 -53.81
N GLY J 147 -14.77 -0.38 -53.30
CA GLY J 147 -14.70 0.86 -54.05
C GLY J 147 -13.53 1.70 -53.57
N ALA J 148 -12.89 2.39 -54.51
CA ALA J 148 -11.75 3.26 -54.21
C ALA J 148 -12.17 4.71 -54.42
N VAL J 149 -11.91 5.55 -53.43
CA VAL J 149 -12.23 6.97 -53.47
C VAL J 149 -10.93 7.74 -53.35
N THR J 150 -10.68 8.65 -54.29
CA THR J 150 -9.43 9.39 -54.36
C THR J 150 -9.71 10.87 -54.51
N THR J 151 -9.00 11.69 -53.74
CA THR J 151 -9.07 13.14 -53.85
C THR J 151 -7.66 13.72 -53.86
N SER J 152 -7.49 14.84 -54.55
CA SER J 152 -6.20 15.49 -54.67
C SER J 152 -6.37 17.00 -54.52
N PHE J 153 -5.29 17.66 -54.11
CA PHE J 153 -5.32 19.10 -53.90
C PHE J 153 -3.91 19.65 -53.98
N ASP J 154 -3.78 20.84 -54.55
CA ASP J 154 -2.51 21.55 -54.63
C ASP J 154 -2.49 22.59 -53.50
N ILE J 155 -1.80 22.24 -52.41
CA ILE J 155 -1.79 23.12 -51.24
C ILE J 155 -1.02 24.41 -51.54
N LYS J 156 0.16 24.29 -52.14
CA LYS J 156 0.96 25.47 -52.45
C LYS J 156 0.28 26.33 -53.51
N GLY J 157 -0.28 25.70 -54.55
CA GLY J 157 -0.97 26.42 -55.58
C GLY J 157 -2.40 26.79 -55.27
N ASN J 158 -2.90 26.40 -54.09
CA ASN J 158 -4.27 26.69 -53.66
C ASN J 158 -5.28 26.12 -54.65
N LYS J 159 -5.02 24.93 -55.15
CA LYS J 159 -5.89 24.29 -56.13
C LYS J 159 -6.13 22.83 -55.77
N ALA K 2 -24.57 -0.90 -26.61
CA ALA K 2 -24.00 0.30 -27.22
C ALA K 2 -24.96 0.91 -28.23
N GLN K 3 -25.13 2.23 -28.14
CA GLN K 3 -26.02 2.93 -29.05
C GLN K 3 -25.33 3.19 -30.39
N ASP K 4 -26.12 3.60 -31.37
CA ASP K 4 -25.63 3.87 -32.72
C ASP K 4 -25.80 5.34 -33.03
N ILE K 5 -24.75 5.96 -33.57
CA ILE K 5 -24.75 7.36 -33.95
C ILE K 5 -24.42 7.45 -35.44
N PHE K 6 -25.22 8.20 -36.18
CA PHE K 6 -25.05 8.37 -37.61
C PHE K 6 -25.02 9.84 -37.98
N LEU K 7 -24.30 10.15 -39.05
CA LEU K 7 -24.20 11.51 -39.58
C LEU K 7 -24.39 11.45 -41.09
N LYS K 8 -25.40 12.16 -41.58
CA LYS K 8 -25.66 12.24 -43.02
C LYS K 8 -25.17 13.60 -43.53
N ILE K 9 -24.23 13.56 -44.47
CA ILE K 9 -23.69 14.77 -45.09
C ILE K 9 -23.96 14.68 -46.59
N ASP K 10 -24.54 15.73 -47.15
CA ASP K 10 -24.88 15.76 -48.57
C ASP K 10 -23.60 15.76 -49.40
N GLY K 11 -23.46 14.77 -50.29
CA GLY K 11 -22.30 14.67 -51.15
C GLY K 11 -21.11 13.96 -50.54
N ILE K 12 -21.18 13.59 -49.27
CA ILE K 12 -20.09 12.90 -48.58
C ILE K 12 -20.70 11.67 -47.94
N ASN K 13 -20.66 10.53 -48.65
CA ASN K 13 -21.25 9.30 -48.16
C ASN K 13 -20.25 8.51 -47.32
N GLY K 14 -20.77 7.79 -46.34
CA GLY K 14 -20.00 6.86 -45.53
C GLY K 14 -20.05 5.45 -46.06
N GLU K 15 -19.87 4.48 -45.16
CA GLU K 15 -19.99 3.08 -45.53
C GLU K 15 -20.80 2.30 -44.50
N SER K 16 -21.81 2.94 -43.90
CA SER K 16 -22.65 2.26 -42.94
C SER K 16 -23.52 1.21 -43.63
N LEU K 17 -23.62 0.03 -43.02
CA LEU K 17 -24.43 -1.05 -43.54
C LEU K 17 -25.80 -1.13 -42.88
N ASP K 18 -26.15 -0.16 -42.02
CA ASP K 18 -27.46 -0.13 -41.41
C ASP K 18 -28.54 0.05 -42.47
N ASP K 19 -29.65 -0.68 -42.31
CA ASP K 19 -30.69 -0.67 -43.34
C ASP K 19 -31.32 0.72 -43.48
N SER K 20 -31.68 1.34 -42.36
CA SER K 20 -32.30 2.66 -42.40
C SER K 20 -31.29 3.80 -42.50
N HIS K 21 -29.99 3.51 -42.33
CA HIS K 21 -28.96 4.54 -42.36
C HIS K 21 -27.78 4.08 -43.22
N LYS K 22 -28.08 3.56 -44.41
CA LYS K 22 -27.04 3.08 -45.30
C LYS K 22 -26.26 4.23 -45.90
N ASP K 23 -24.96 3.99 -46.14
CA ASP K 23 -24.06 4.96 -46.78
C ASP K 23 -23.92 6.25 -45.98
N GLU K 24 -24.15 6.19 -44.66
CA GLU K 24 -23.95 7.31 -43.77
C GLU K 24 -22.70 7.10 -42.93
N ILE K 25 -22.24 8.19 -42.31
CA ILE K 25 -21.04 8.14 -41.47
C ILE K 25 -21.42 7.63 -40.08
N GLU K 26 -20.81 6.52 -39.67
CA GLU K 26 -21.00 6.02 -38.32
C GLU K 26 -20.09 6.78 -37.37
N VAL K 27 -20.68 7.52 -36.44
CA VAL K 27 -19.95 8.42 -35.56
C VAL K 27 -19.68 7.69 -34.25
N LEU K 28 -18.40 7.57 -33.89
CA LEU K 28 -18.05 6.95 -32.62
C LEU K 28 -18.39 7.87 -31.44
N ASN K 29 -18.06 9.15 -31.56
CA ASN K 29 -18.38 10.13 -30.54
C ASN K 29 -18.41 11.51 -31.17
N TRP K 30 -19.11 12.43 -30.51
CA TRP K 30 -19.26 13.79 -31.02
C TRP K 30 -19.46 14.75 -29.86
N ASN K 31 -19.21 16.03 -30.12
CA ASN K 31 -19.42 17.06 -29.12
C ASN K 31 -19.71 18.39 -29.82
N TRP K 32 -20.34 19.29 -29.08
CA TRP K 32 -20.69 20.61 -29.58
C TRP K 32 -20.73 21.56 -28.40
N GLU K 33 -20.53 22.85 -28.68
CA GLU K 33 -20.47 23.84 -27.62
C GLU K 33 -21.01 25.18 -28.10
N ILE K 34 -21.70 25.88 -27.21
CA ILE K 34 -22.19 27.23 -27.45
C ILE K 34 -21.81 28.09 -26.25
N GLN K 35 -21.26 29.27 -26.51
CA GLN K 35 -20.83 30.17 -25.45
C GLN K 35 -21.28 31.58 -25.78
N GLN K 36 -21.41 32.39 -24.73
CA GLN K 36 -21.85 33.78 -24.88
C GLN K 36 -20.65 34.73 -24.99
N LYS K 50 -24.12 38.12 -30.71
CA LYS K 50 -24.52 37.84 -29.35
C LYS K 50 -23.71 36.69 -28.75
N ALA K 51 -24.04 35.47 -29.15
CA ALA K 51 -23.38 34.27 -28.66
C ALA K 51 -22.45 33.71 -29.73
N SER K 52 -21.40 33.02 -29.28
CA SER K 52 -20.44 32.38 -30.16
C SER K 52 -20.75 30.90 -30.26
N VAL K 53 -21.03 30.43 -31.47
CA VAL K 53 -21.35 29.03 -31.72
C VAL K 53 -20.09 28.33 -32.19
N LYS K 54 -19.67 27.31 -31.44
CA LYS K 54 -18.46 26.56 -31.79
C LYS K 54 -18.78 25.50 -32.82
N ASP K 55 -17.72 25.02 -33.48
CA ASP K 55 -17.86 23.97 -34.48
C ASP K 55 -18.25 22.65 -33.83
N LEU K 56 -19.08 21.88 -34.52
CA LEU K 56 -19.46 20.55 -34.04
C LEU K 56 -18.37 19.56 -34.44
N THR K 57 -17.80 18.89 -33.44
CA THR K 57 -16.71 17.95 -33.65
C THR K 57 -17.23 16.53 -33.46
N PHE K 58 -16.94 15.65 -34.41
CA PHE K 58 -17.29 14.25 -34.32
C PHE K 58 -16.09 13.39 -34.70
N GLU K 59 -16.03 12.19 -34.13
CA GLU K 59 -14.93 11.26 -34.36
C GLU K 59 -15.46 10.00 -35.02
N HIS K 60 -14.81 9.58 -36.09
CA HIS K 60 -15.20 8.39 -36.83
C HIS K 60 -13.96 7.69 -37.36
N ALA K 61 -14.09 6.40 -37.62
CA ALA K 61 -13.01 5.64 -38.24
C ALA K 61 -12.80 6.11 -39.67
N ILE K 62 -11.55 5.99 -40.13
CA ILE K 62 -11.24 6.37 -41.51
C ILE K 62 -12.01 5.45 -42.45
N ASP K 63 -12.79 6.06 -43.34
CA ASP K 63 -13.72 5.30 -44.17
C ASP K 63 -13.84 5.99 -45.52
N ARG K 64 -14.90 5.64 -46.27
CA ARG K 64 -15.09 6.17 -47.62
C ARG K 64 -15.20 7.70 -47.61
N ALA K 65 -15.74 8.28 -46.54
CA ALA K 65 -15.94 9.71 -46.48
C ALA K 65 -14.65 10.49 -46.22
N SER K 66 -13.60 9.81 -45.77
CA SER K 66 -12.37 10.52 -45.40
C SER K 66 -11.74 11.28 -46.55
N PRO K 67 -11.53 10.70 -47.74
CA PRO K 67 -10.93 11.50 -48.84
C PRO K 67 -11.76 12.72 -49.22
N ASN K 68 -13.09 12.60 -49.20
CA ASN K 68 -13.92 13.75 -49.55
C ASN K 68 -13.95 14.79 -48.44
N LEU K 69 -13.88 14.36 -47.18
CA LEU K 69 -13.84 15.31 -46.07
C LEU K 69 -12.58 16.16 -46.13
N MET K 70 -11.44 15.55 -46.48
CA MET K 70 -10.21 16.32 -46.62
C MET K 70 -10.31 17.32 -47.76
N LYS K 71 -10.87 16.90 -48.90
CA LYS K 71 -10.95 17.79 -50.06
C LYS K 71 -11.89 18.96 -49.78
N TYR K 72 -13.02 18.71 -49.13
CA TYR K 72 -13.94 19.79 -48.79
C TYR K 72 -13.34 20.73 -47.76
N ALA K 73 -12.57 20.19 -46.81
CA ALA K 73 -11.91 21.05 -45.82
C ALA K 73 -10.90 21.97 -46.50
N LEU K 74 -10.14 21.46 -47.47
CA LEU K 74 -9.16 22.27 -48.16
C LEU K 74 -9.84 23.30 -49.08
N THR K 75 -10.83 22.86 -49.84
CA THR K 75 -11.53 23.77 -50.75
C THR K 75 -12.48 24.71 -50.02
N GLY K 76 -13.08 24.26 -48.91
CA GLY K 76 -14.00 25.07 -48.16
C GLY K 76 -15.39 25.18 -48.78
N LYS K 77 -15.72 24.34 -49.75
CA LYS K 77 -17.02 24.40 -50.39
C LYS K 77 -18.12 24.00 -49.42
N HIS K 78 -19.24 24.72 -49.48
CA HIS K 78 -20.37 24.45 -48.59
C HIS K 78 -21.15 23.24 -49.07
N VAL K 79 -21.66 22.46 -48.12
CA VAL K 79 -22.61 21.40 -48.41
C VAL K 79 -23.97 21.84 -47.90
N ASP K 80 -25.02 21.26 -48.48
CA ASP K 80 -26.38 21.75 -48.22
C ASP K 80 -26.80 21.49 -46.78
N GLN K 81 -26.62 20.27 -46.30
CA GLN K 81 -27.18 19.91 -45.00
C GLN K 81 -26.41 18.74 -44.40
N ALA K 82 -26.28 18.77 -43.07
CA ALA K 82 -25.71 17.67 -42.31
C ALA K 82 -26.63 17.34 -41.15
N VAL K 83 -26.99 16.06 -41.01
CA VAL K 83 -27.94 15.61 -40.01
C VAL K 83 -27.25 14.62 -39.09
N LEU K 84 -27.25 14.90 -37.80
CA LEU K 84 -26.68 14.03 -36.77
C LEU K 84 -27.80 13.35 -36.02
N VAL K 85 -27.77 12.01 -35.97
CA VAL K 85 -28.84 11.21 -35.38
C VAL K 85 -28.24 10.24 -34.38
N MET K 86 -28.83 10.17 -33.19
CA MET K 86 -28.49 9.17 -32.19
C MET K 86 -29.70 8.28 -31.95
N ARG K 87 -29.48 6.97 -31.95
CA ARG K 87 -30.54 5.98 -31.79
C ARG K 87 -30.19 5.03 -30.65
N LYS K 88 -31.17 4.73 -29.82
CA LYS K 88 -30.96 3.81 -28.71
C LYS K 88 -30.79 2.38 -29.21
N ALA K 89 -30.19 1.54 -28.37
CA ALA K 89 -29.96 0.15 -28.70
C ALA K 89 -31.09 -0.71 -28.14
N GLY K 90 -30.91 -2.03 -28.19
CA GLY K 90 -31.91 -2.94 -27.67
C GLY K 90 -33.08 -3.13 -28.62
N GLY K 91 -34.21 -3.53 -28.04
CA GLY K 91 -35.42 -3.77 -28.79
C GLY K 91 -36.27 -2.57 -29.07
N ASN K 92 -35.80 -1.37 -28.70
CA ASN K 92 -36.53 -0.12 -28.93
C ASN K 92 -35.60 0.84 -29.65
N PRO K 93 -35.40 0.66 -30.96
CA PRO K 93 -34.46 1.52 -31.72
C PRO K 93 -35.08 2.87 -32.05
N LEU K 94 -35.16 3.73 -31.04
CA LEU K 94 -35.73 5.06 -31.19
C LEU K 94 -34.64 6.08 -31.44
N GLU K 95 -34.82 6.88 -32.50
CA GLU K 95 -33.91 7.99 -32.81
C GLU K 95 -34.33 9.17 -31.94
N TYR K 96 -33.76 9.23 -30.74
CA TYR K 96 -34.18 10.20 -29.73
C TYR K 96 -33.52 11.56 -29.87
N LEU K 97 -32.54 11.72 -30.76
CA LEU K 97 -31.89 13.00 -30.95
C LEU K 97 -31.53 13.18 -32.41
N LYS K 98 -32.01 14.26 -33.02
CA LYS K 98 -31.68 14.60 -34.40
C LYS K 98 -31.21 16.05 -34.43
N LEU K 99 -29.98 16.25 -34.88
CA LEU K 99 -29.36 17.58 -34.92
C LEU K 99 -29.13 17.92 -36.39
N THR K 100 -29.98 18.78 -36.94
CA THR K 100 -29.93 19.15 -38.35
C THR K 100 -29.17 20.47 -38.51
N MET K 101 -28.16 20.46 -39.37
CA MET K 101 -27.31 21.62 -39.62
C MET K 101 -27.37 21.98 -41.09
N SER K 102 -27.63 23.26 -41.37
CA SER K 102 -27.71 23.77 -42.73
C SER K 102 -26.53 24.68 -43.01
N ASP K 103 -26.11 24.72 -44.28
CA ASP K 103 -24.96 25.49 -44.72
C ASP K 103 -23.71 25.07 -43.94
N VAL K 104 -23.34 23.80 -44.13
CA VAL K 104 -22.29 23.15 -43.35
C VAL K 104 -20.96 23.31 -44.08
N ILE K 105 -19.93 23.71 -43.33
CA ILE K 105 -18.57 23.87 -43.86
C ILE K 105 -17.66 22.92 -43.11
N ILE K 106 -16.81 22.21 -43.84
CA ILE K 106 -15.81 21.35 -43.23
C ILE K 106 -14.63 22.22 -42.82
N THR K 107 -14.37 22.30 -41.52
CA THR K 107 -13.36 23.21 -40.99
C THR K 107 -12.13 22.53 -40.42
N ARG K 108 -12.23 21.26 -40.01
CA ARG K 108 -11.10 20.58 -39.40
C ARG K 108 -11.19 19.09 -39.69
N VAL K 109 -10.08 18.52 -40.13
CA VAL K 109 -9.96 17.07 -40.35
C VAL K 109 -8.64 16.62 -39.72
N ARG K 110 -8.71 15.62 -38.84
CA ARG K 110 -7.54 15.09 -38.16
C ARG K 110 -7.50 13.57 -38.29
N PRO K 111 -6.95 13.05 -39.37
CA PRO K 111 -6.74 11.60 -39.47
C PRO K 111 -5.61 11.13 -38.56
N SER K 112 -5.70 9.87 -38.15
CA SER K 112 -4.67 9.27 -37.31
C SER K 112 -4.68 7.77 -37.51
N GLY K 113 -3.54 7.14 -37.23
CA GLY K 113 -3.42 5.71 -37.38
C GLY K 113 -2.33 5.15 -36.48
N SER K 114 -2.49 3.87 -36.14
CA SER K 114 -1.56 3.18 -35.25
C SER K 114 -1.37 1.74 -35.70
N ARG K 115 -0.17 1.22 -35.45
CA ARG K 115 0.12 -0.17 -35.79
C ARG K 115 -0.44 -1.14 -34.78
N ASP K 116 -0.64 -0.71 -33.53
CA ASP K 116 -1.02 -1.61 -32.46
C ASP K 116 -2.54 -1.71 -32.29
N SER K 121 -8.22 2.59 -37.06
CA SER K 121 -7.76 3.97 -37.11
C SER K 121 -8.97 4.89 -37.13
N ARG K 122 -8.84 6.05 -36.50
CA ARG K 122 -9.92 7.00 -36.34
C ARG K 122 -9.57 8.35 -36.96
N GLU K 123 -10.59 9.19 -37.12
CA GLU K 123 -10.42 10.50 -37.72
C GLU K 123 -11.38 11.47 -37.04
N THR K 124 -10.88 12.65 -36.72
CA THR K 124 -11.67 13.69 -36.06
C THR K 124 -11.98 14.81 -37.05
N VAL K 125 -13.26 15.16 -37.16
CA VAL K 125 -13.74 16.16 -38.11
C VAL K 125 -14.63 17.16 -37.37
N SER K 126 -14.48 18.44 -37.70
CA SER K 126 -15.28 19.51 -37.15
C SER K 126 -16.13 20.15 -38.24
N LEU K 127 -17.34 20.57 -37.86
CA LEU K 127 -18.32 21.12 -38.79
C LEU K 127 -18.79 22.49 -38.33
N SER K 128 -18.84 23.44 -39.26
CA SER K 128 -19.39 24.76 -39.02
C SER K 128 -20.63 24.95 -39.88
N PHE K 129 -21.65 25.62 -39.34
CA PHE K 129 -22.94 25.72 -40.00
C PHE K 129 -23.59 27.05 -39.65
N ALA K 130 -24.54 27.45 -40.51
CA ALA K 130 -25.24 28.72 -40.34
C ALA K 130 -26.63 28.56 -39.74
N LYS K 131 -27.22 27.38 -39.81
CA LYS K 131 -28.53 27.12 -39.21
C LYS K 131 -28.50 25.78 -38.49
N VAL K 132 -29.15 25.72 -37.33
CA VAL K 132 -29.16 24.53 -36.50
C VAL K 132 -30.59 24.25 -36.04
N LYS K 133 -30.96 22.97 -36.02
CA LYS K 133 -32.25 22.54 -35.48
C LYS K 133 -32.03 21.27 -34.68
N GLN K 134 -32.59 21.21 -33.48
CA GLN K 134 -32.48 20.06 -32.60
C GLN K 134 -33.85 19.45 -32.36
N GLU K 135 -33.93 18.13 -32.46
CA GLU K 135 -35.16 17.40 -32.15
C GLU K 135 -34.84 16.33 -31.12
N TYR K 136 -35.57 16.33 -30.02
CA TYR K 136 -35.42 15.33 -28.97
C TYR K 136 -36.75 14.61 -28.77
N VAL K 137 -36.67 13.30 -28.56
CA VAL K 137 -37.84 12.46 -28.36
C VAL K 137 -37.74 11.79 -27.00
N VAL K 138 -38.76 11.97 -26.18
CA VAL K 138 -38.83 11.34 -24.87
C VAL K 138 -39.28 9.90 -25.04
N GLN K 139 -38.63 8.98 -24.32
CA GLN K 139 -38.99 7.57 -24.37
C GLN K 139 -39.77 7.21 -23.10
N ASN K 140 -40.88 6.49 -23.28
CA ASN K 140 -41.73 6.10 -22.17
C ASN K 140 -41.27 4.77 -21.59
N ALA K 141 -42.07 4.20 -20.69
CA ALA K 141 -41.70 2.95 -20.04
C ALA K 141 -41.73 1.76 -20.98
N GLN K 142 -42.49 1.83 -22.07
CA GLN K 142 -42.56 0.75 -23.04
C GLN K 142 -41.46 0.83 -24.08
N GLY K 143 -40.59 1.83 -24.01
CA GLY K 143 -39.57 2.03 -25.01
C GLY K 143 -40.02 2.73 -26.26
N GLY K 144 -41.28 3.18 -26.31
CA GLY K 144 -41.81 3.85 -27.48
C GLY K 144 -41.58 5.35 -27.44
N SER K 145 -42.18 6.03 -28.42
CA SER K 145 -42.03 7.47 -28.54
C SER K 145 -43.01 8.19 -27.63
N GLY K 146 -42.52 9.21 -26.92
CA GLY K 146 -43.37 10.01 -26.06
C GLY K 146 -43.69 11.36 -26.67
N GLY K 147 -43.01 12.40 -26.21
CA GLY K 147 -43.18 13.75 -26.71
C GLY K 147 -41.92 14.23 -27.41
N ALA K 148 -42.11 15.01 -28.47
CA ALA K 148 -41.01 15.54 -29.27
C ALA K 148 -40.87 17.03 -29.01
N VAL K 149 -39.65 17.46 -28.72
CA VAL K 149 -39.32 18.87 -28.50
C VAL K 149 -38.34 19.30 -29.56
N THR K 150 -38.68 20.36 -30.30
CA THR K 150 -37.88 20.83 -31.41
C THR K 150 -37.67 22.33 -31.29
N THR K 151 -36.42 22.76 -31.49
CA THR K 151 -36.07 24.18 -31.51
C THR K 151 -35.16 24.45 -32.70
N SER K 152 -35.27 25.66 -33.24
CA SER K 152 -34.50 26.07 -34.41
C SER K 152 -33.94 27.46 -34.20
N PHE K 153 -32.85 27.76 -34.91
CA PHE K 153 -32.21 29.06 -34.81
C PHE K 153 -31.40 29.32 -36.07
N ASP K 154 -31.42 30.56 -36.53
CA ASP K 154 -30.62 31.00 -37.68
C ASP K 154 -29.38 31.71 -37.13
N ILE K 155 -28.26 30.98 -37.11
CA ILE K 155 -27.05 31.52 -36.49
C ILE K 155 -26.50 32.69 -37.29
N LYS K 156 -26.37 32.53 -38.60
CA LYS K 156 -25.80 33.60 -39.42
C LYS K 156 -26.75 34.78 -39.53
N GLY K 157 -28.05 34.51 -39.67
CA GLY K 157 -29.05 35.56 -39.75
C GLY K 157 -29.47 36.17 -38.43
N ASN K 158 -28.94 35.65 -37.32
CA ASN K 158 -29.24 36.16 -35.98
C ASN K 158 -30.73 36.07 -35.68
N LYS K 159 -31.32 34.92 -35.95
CA LYS K 159 -32.74 34.69 -35.70
C LYS K 159 -32.95 33.30 -35.13
N ALA L 2 23.32 1.07 27.79
CA ALA L 2 23.62 -0.30 27.40
C ALA L 2 24.70 -0.90 28.31
N GLN L 3 24.29 -1.86 29.13
CA GLN L 3 25.18 -2.49 30.10
C GLN L 3 26.10 -3.49 29.41
N ASP L 4 27.02 -4.06 30.20
CA ASP L 4 27.94 -5.08 29.73
C ASP L 4 27.73 -6.35 30.55
N ILE L 5 27.65 -7.49 29.87
CA ILE L 5 27.44 -8.79 30.50
C ILE L 5 28.59 -9.69 30.09
N PHE L 6 29.20 -10.37 31.07
CA PHE L 6 30.33 -11.26 30.84
C PHE L 6 30.04 -12.62 31.44
N LEU L 7 30.69 -13.64 30.87
CA LEU L 7 30.60 -15.00 31.37
C LEU L 7 31.98 -15.63 31.33
N LYS L 8 32.49 -16.05 32.48
CA LYS L 8 33.81 -16.65 32.59
C LYS L 8 33.64 -18.15 32.83
N ILE L 9 34.02 -18.95 31.83
CA ILE L 9 33.95 -20.41 31.91
C ILE L 9 35.37 -20.94 31.97
N ASP L 10 35.63 -21.81 32.95
CA ASP L 10 36.96 -22.37 33.12
C ASP L 10 37.31 -23.27 31.94
N GLY L 11 38.42 -22.97 31.27
CA GLY L 11 38.90 -23.75 30.16
C GLY L 11 38.31 -23.39 28.81
N ILE L 12 37.33 -22.48 28.78
CA ILE L 12 36.69 -22.06 27.53
C ILE L 12 36.74 -20.53 27.51
N ASN L 13 37.78 -19.99 26.88
CA ASN L 13 37.98 -18.55 26.85
C ASN L 13 37.21 -17.90 25.70
N GLY L 14 36.82 -16.65 25.92
CA GLY L 14 36.22 -15.82 24.90
C GLY L 14 37.24 -14.92 24.24
N GLU L 15 36.75 -13.80 23.70
CA GLU L 15 37.62 -12.80 23.09
C GLU L 15 37.19 -11.39 23.51
N SER L 16 36.80 -11.23 24.77
CA SER L 16 36.43 -9.92 25.28
C SER L 16 37.67 -9.06 25.45
N LEU L 17 37.61 -7.82 24.95
CA LEU L 17 38.71 -6.89 25.08
C LEU L 17 38.61 -6.01 26.32
N ASP L 18 37.59 -6.20 27.14
CA ASP L 18 37.48 -5.45 28.39
C ASP L 18 38.66 -5.78 29.30
N ASP L 19 39.16 -4.76 30.00
CA ASP L 19 40.38 -4.93 30.79
C ASP L 19 40.15 -5.89 31.96
N SER L 20 39.08 -5.68 32.73
CA SER L 20 38.83 -6.52 33.90
C SER L 20 38.21 -7.87 33.55
N HIS L 21 37.71 -8.04 32.33
CA HIS L 21 37.07 -9.27 31.89
C HIS L 21 37.63 -9.72 30.55
N LYS L 22 38.95 -9.69 30.42
CA LYS L 22 39.59 -10.10 29.19
C LYS L 22 39.49 -11.61 29.00
N ASP L 23 39.35 -12.02 27.74
CA ASP L 23 39.27 -13.43 27.34
C ASP L 23 38.04 -14.13 27.92
N GLU L 24 37.02 -13.35 28.28
CA GLU L 24 35.74 -13.91 28.72
C GLU L 24 34.72 -13.80 27.60
N ILE L 25 33.60 -14.50 27.78
CA ILE L 25 32.53 -14.52 26.80
C ILE L 25 31.63 -13.32 27.04
N GLU L 26 31.45 -12.49 26.01
CA GLU L 26 30.53 -11.36 26.09
C GLU L 26 29.12 -11.85 25.76
N VAL L 27 28.23 -11.80 26.74
CA VAL L 27 26.88 -12.34 26.63
C VAL L 27 25.94 -11.22 26.21
N LEU L 28 25.25 -11.40 25.09
CA LEU L 28 24.29 -10.40 24.64
C LEU L 28 23.03 -10.43 25.49
N ASN L 29 22.53 -11.63 25.79
CA ASN L 29 21.37 -11.79 26.65
C ASN L 29 21.40 -13.17 27.27
N TRP L 30 20.70 -13.32 28.38
CA TRP L 30 20.66 -14.58 29.11
C TRP L 30 19.34 -14.71 29.85
N ASN L 31 19.02 -15.94 30.22
CA ASN L 31 17.80 -16.21 30.99
C ASN L 31 18.01 -17.47 31.83
N TRP L 32 17.22 -17.58 32.89
CA TRP L 32 17.28 -18.71 33.80
C TRP L 32 15.89 -18.91 34.39
N GLU L 33 15.61 -20.11 34.87
CA GLU L 33 14.30 -20.42 35.40
C GLU L 33 14.40 -21.52 36.45
N ILE L 34 13.60 -21.37 37.51
CA ILE L 34 13.46 -22.38 38.56
C ILE L 34 11.97 -22.61 38.79
N GLN L 35 11.56 -23.88 38.81
CA GLN L 35 10.16 -24.23 39.00
C GLN L 35 10.03 -25.33 40.04
N GLN L 36 8.86 -25.39 40.66
CA GLN L 36 8.60 -26.39 41.69
C GLN L 36 7.96 -27.64 41.10
N LYS L 50 12.77 -31.79 45.05
CA LYS L 50 11.82 -30.76 45.45
C LYS L 50 11.45 -29.86 44.27
N ALA L 51 12.36 -28.97 43.92
CA ALA L 51 12.16 -28.02 42.83
C ALA L 51 12.97 -28.44 41.60
N SER L 52 12.53 -27.93 40.45
CA SER L 52 13.19 -28.20 39.18
C SER L 52 14.00 -26.98 38.77
N VAL L 53 15.29 -27.18 38.52
CA VAL L 53 16.18 -26.11 38.12
C VAL L 53 16.45 -26.25 36.63
N LYS L 54 16.00 -25.28 35.84
CA LYS L 54 16.21 -25.32 34.41
C LYS L 54 17.64 -24.87 34.07
N ASP L 55 18.08 -25.24 32.88
CA ASP L 55 19.41 -24.85 32.43
C ASP L 55 19.47 -23.34 32.17
N LEU L 56 20.61 -22.74 32.50
CA LEU L 56 20.81 -21.32 32.23
C LEU L 56 21.20 -21.13 30.77
N THR L 57 20.40 -20.36 30.04
CA THR L 57 20.60 -20.12 28.62
C THR L 57 21.12 -18.70 28.41
N PHE L 58 22.20 -18.57 27.65
CA PHE L 58 22.76 -17.27 27.30
C PHE L 58 23.03 -17.23 25.81
N GLU L 59 23.00 -16.02 25.27
CA GLU L 59 23.20 -15.79 23.84
C GLU L 59 24.46 -14.95 23.63
N HIS L 60 25.31 -15.38 22.70
CA HIS L 60 26.53 -14.66 22.39
C HIS L 60 26.83 -14.83 20.91
N ALA L 61 27.60 -13.90 20.37
CA ALA L 61 28.06 -14.01 18.99
C ALA L 61 29.06 -15.15 18.87
N ILE L 62 29.12 -15.75 17.68
CA ILE L 62 30.07 -16.82 17.43
C ILE L 62 31.48 -16.27 17.57
N ASP L 63 32.27 -16.87 18.44
CA ASP L 63 33.56 -16.30 18.80
C ASP L 63 34.53 -17.46 19.08
N ARG L 64 35.64 -17.14 19.75
CA ARG L 64 36.68 -18.14 20.03
C ARG L 64 36.13 -19.31 20.84
N ALA L 65 35.17 -19.05 21.73
CA ALA L 65 34.65 -20.11 22.59
C ALA L 65 33.75 -21.10 21.85
N SER L 66 33.26 -20.73 20.66
CA SER L 66 32.27 -21.55 19.99
C SER L 66 32.77 -22.97 19.67
N PRO L 67 33.96 -23.17 19.09
CA PRO L 67 34.40 -24.55 18.83
C PRO L 67 34.51 -25.40 20.09
N ASN L 68 34.96 -24.81 21.20
CA ASN L 68 35.09 -25.57 22.43
C ASN L 68 33.73 -25.86 23.06
N LEU L 69 32.78 -24.94 22.93
CA LEU L 69 31.44 -25.16 23.47
C LEU L 69 30.77 -26.34 22.77
N MET L 70 30.95 -26.46 21.45
CA MET L 70 30.40 -27.61 20.74
C MET L 70 31.05 -28.90 21.21
N LYS L 71 32.37 -28.91 21.39
CA LYS L 71 33.06 -30.12 21.81
C LYS L 71 32.62 -30.55 23.20
N TYR L 72 32.49 -29.60 24.13
CA TYR L 72 32.04 -29.93 25.47
C TYR L 72 30.59 -30.41 25.47
N ALA L 73 29.76 -29.84 24.60
CA ALA L 73 28.38 -30.29 24.50
C ALA L 73 28.31 -31.74 24.03
N LEU L 74 29.12 -32.09 23.03
CA LEU L 74 29.10 -33.45 22.49
C LEU L 74 29.74 -34.43 23.48
N THR L 75 30.90 -34.07 24.05
CA THR L 75 31.57 -34.96 24.98
C THR L 75 30.87 -34.99 26.34
N GLY L 76 30.25 -33.89 26.75
CA GLY L 76 29.59 -33.83 28.04
C GLY L 76 30.52 -33.65 29.22
N LYS L 77 31.78 -33.28 28.99
CA LYS L 77 32.74 -33.13 30.08
C LYS L 77 32.39 -31.94 30.95
N HIS L 78 32.68 -32.08 32.25
CA HIS L 78 32.36 -31.04 33.21
C HIS L 78 33.46 -29.98 33.26
N VAL L 79 33.06 -28.74 33.46
CA VAL L 79 33.98 -27.64 33.73
C VAL L 79 33.81 -27.22 35.18
N ASP L 80 34.90 -26.74 35.78
CA ASP L 80 34.92 -26.50 37.22
C ASP L 80 33.91 -25.44 37.63
N GLN L 81 33.86 -24.32 36.91
CA GLN L 81 33.05 -23.20 37.36
C GLN L 81 32.75 -22.26 36.20
N ALA L 82 31.54 -21.71 36.20
CA ALA L 82 31.13 -20.67 35.27
C ALA L 82 30.51 -19.53 36.05
N VAL L 83 31.00 -18.32 35.81
CA VAL L 83 30.57 -17.14 36.56
C VAL L 83 29.97 -16.14 35.58
N LEU L 84 28.71 -15.76 35.83
CA LEU L 84 28.00 -14.79 35.01
C LEU L 84 27.97 -13.46 35.75
N VAL L 85 28.46 -12.41 35.11
CA VAL L 85 28.58 -11.09 35.74
C VAL L 85 27.91 -10.05 34.85
N MET L 86 27.13 -9.17 35.47
CA MET L 86 26.51 -8.04 34.78
C MET L 86 26.98 -6.75 35.43
N ARG L 87 27.43 -5.82 34.61
CA ARG L 87 28.02 -4.56 35.08
C ARG L 87 27.26 -3.38 34.50
N LYS L 88 27.00 -2.39 35.35
CA LYS L 88 26.27 -1.20 34.92
C LYS L 88 27.15 -0.32 34.04
N ALA L 89 26.51 0.38 33.10
CA ALA L 89 27.21 1.30 32.22
C ALA L 89 27.20 2.70 32.82
N GLY L 90 27.58 3.69 32.02
CA GLY L 90 27.56 5.07 32.47
C GLY L 90 28.85 5.46 33.18
N GLY L 91 28.71 6.05 34.36
CA GLY L 91 29.87 6.52 35.09
C GLY L 91 30.53 5.49 35.97
N ASN L 92 29.77 4.88 36.88
CA ASN L 92 30.35 3.94 37.84
C ASN L 92 30.08 2.52 37.38
N PRO L 93 31.10 1.75 37.00
CA PRO L 93 30.90 0.37 36.50
C PRO L 93 30.76 -0.66 37.64
N LEU L 94 29.58 -0.65 38.27
CA LEU L 94 29.30 -1.56 39.37
C LEU L 94 28.85 -2.91 38.84
N GLU L 95 29.48 -3.98 39.32
CA GLU L 95 29.08 -5.34 38.99
C GLU L 95 28.00 -5.75 40.00
N TYR L 96 26.75 -5.44 39.65
CA TYR L 96 25.64 -5.58 40.58
C TYR L 96 25.03 -6.97 40.59
N LEU L 97 25.46 -7.88 39.74
CA LEU L 97 24.93 -9.22 39.72
C LEU L 97 26.03 -10.20 39.34
N LYS L 98 26.29 -11.18 40.20
CA LYS L 98 27.30 -12.19 39.98
C LYS L 98 26.68 -13.55 40.24
N LEU L 99 26.46 -14.33 39.18
CA LEU L 99 25.83 -15.64 39.26
C LEU L 99 26.91 -16.69 39.06
N THR L 100 27.32 -17.33 40.16
CA THR L 100 28.38 -18.32 40.14
C THR L 100 27.78 -19.72 40.10
N MET L 101 28.26 -20.54 39.18
CA MET L 101 27.77 -21.89 38.97
C MET L 101 28.94 -22.87 39.07
N SER L 102 28.76 -23.93 39.86
CA SER L 102 29.80 -24.93 40.07
C SER L 102 29.39 -26.24 39.43
N ASP L 103 30.39 -26.98 38.94
CA ASP L 103 30.19 -28.26 38.25
C ASP L 103 29.24 -28.08 37.06
N VAL L 104 29.70 -27.28 36.11
CA VAL L 104 28.88 -26.84 34.98
C VAL L 104 29.01 -27.83 33.83
N ILE L 105 27.90 -28.08 33.15
CA ILE L 105 27.84 -28.98 31.99
C ILE L 105 27.26 -28.19 30.83
N ILE L 106 27.90 -28.30 29.66
CA ILE L 106 27.36 -27.72 28.43
C ILE L 106 26.30 -28.68 27.90
N THR L 107 25.05 -28.21 27.83
CA THR L 107 23.93 -29.07 27.44
C THR L 107 23.32 -28.73 26.09
N ARG L 108 23.49 -27.50 25.60
CA ARG L 108 22.85 -27.10 24.35
C ARG L 108 23.69 -26.02 23.68
N VAL L 109 23.95 -26.21 22.39
CA VAL L 109 24.64 -25.22 21.56
C VAL L 109 23.85 -25.06 20.27
N ARG L 110 23.48 -23.83 19.94
CA ARG L 110 22.68 -23.53 18.76
C ARG L 110 23.30 -22.39 17.97
N PRO L 111 24.31 -22.67 17.15
CA PRO L 111 24.86 -21.63 16.28
C PRO L 111 23.93 -21.31 15.13
N SER L 112 24.03 -20.07 14.63
CA SER L 112 23.26 -19.64 13.48
C SER L 112 23.98 -18.49 12.79
N GLY L 113 23.62 -18.27 11.53
CA GLY L 113 24.22 -17.21 10.75
C GLY L 113 23.34 -16.82 9.58
N SER L 114 23.54 -15.59 9.11
CA SER L 114 22.76 -15.06 8.00
C SER L 114 23.61 -14.08 7.20
N ARG L 115 23.28 -13.96 5.91
CA ARG L 115 23.96 -12.99 5.06
C ARG L 115 23.56 -11.56 5.42
N ASP L 116 22.32 -11.36 5.85
CA ASP L 116 21.84 -10.04 6.25
C ASP L 116 21.93 -9.86 7.76
N SER L 121 26.56 -12.94 13.32
CA SER L 121 26.11 -14.27 13.70
C SER L 121 26.08 -14.42 15.21
N ARG L 122 25.11 -15.18 15.73
CA ARG L 122 24.93 -15.37 17.16
C ARG L 122 24.78 -16.84 17.48
N GLU L 123 25.09 -17.19 18.72
CA GLU L 123 25.03 -18.57 19.19
C GLU L 123 24.35 -18.61 20.55
N THR L 124 23.49 -19.61 20.74
CA THR L 124 22.75 -19.79 21.99
C THR L 124 23.26 -21.05 22.70
N VAL L 125 23.63 -20.91 23.96
CA VAL L 125 24.21 -22.00 24.74
C VAL L 125 23.48 -22.11 26.07
N SER L 126 23.19 -23.34 26.48
CA SER L 126 22.53 -23.62 27.75
C SER L 126 23.51 -24.35 28.68
N LEU L 127 23.44 -24.02 29.97
CA LEU L 127 24.37 -24.52 30.97
C LEU L 127 23.64 -25.24 32.08
N SER L 128 24.16 -26.40 32.49
CA SER L 128 23.64 -27.16 33.62
C SER L 128 24.72 -27.25 34.69
N PHE L 129 24.35 -26.97 35.93
CA PHE L 129 25.30 -26.88 37.03
C PHE L 129 24.71 -27.53 38.28
N ALA L 130 25.60 -27.97 39.16
CA ALA L 130 25.21 -28.64 40.39
C ALA L 130 25.10 -27.71 41.59
N LYS L 131 25.81 -26.58 41.57
CA LYS L 131 25.75 -25.59 42.64
C LYS L 131 25.56 -24.21 42.04
N VAL L 132 24.89 -23.34 42.79
CA VAL L 132 24.56 -22.00 42.33
C VAL L 132 24.77 -21.01 43.46
N LYS L 133 25.27 -19.82 43.13
CA LYS L 133 25.46 -18.75 44.10
C LYS L 133 25.24 -17.42 43.41
N GLN L 134 24.34 -16.61 43.98
CA GLN L 134 23.97 -15.31 43.42
C GLN L 134 24.35 -14.20 44.39
N GLU L 135 24.96 -13.15 43.84
CA GLU L 135 25.35 -11.97 44.62
C GLU L 135 24.79 -10.74 43.94
N TYR L 136 23.97 -9.98 44.66
CA TYR L 136 23.41 -8.73 44.16
C TYR L 136 23.96 -7.56 44.97
N VAL L 137 24.28 -6.47 44.28
CA VAL L 137 24.81 -5.27 44.91
C VAL L 137 23.86 -4.12 44.60
N VAL L 138 23.39 -3.44 45.64
CA VAL L 138 22.53 -2.29 45.49
C VAL L 138 23.38 -1.07 45.14
N GLN L 139 22.87 -0.23 44.24
CA GLN L 139 23.55 0.99 43.84
C GLN L 139 22.83 2.19 44.48
N ASN L 140 23.61 3.07 45.11
CA ASN L 140 23.05 4.22 45.80
C ASN L 140 22.91 5.38 44.82
N ALA L 141 22.57 6.56 45.36
CA ALA L 141 22.38 7.73 44.50
C ALA L 141 23.68 8.14 43.82
N GLN L 142 24.80 8.09 44.56
CA GLN L 142 26.08 8.48 43.98
C GLN L 142 26.57 7.50 42.92
N GLY L 143 26.01 6.29 42.87
CA GLY L 143 26.39 5.30 41.90
C GLY L 143 27.36 4.25 42.39
N GLY L 144 27.78 4.31 43.64
CA GLY L 144 28.70 3.34 44.20
C GLY L 144 27.99 2.10 44.71
N SER L 145 28.74 1.29 45.44
CA SER L 145 28.20 0.07 46.03
C SER L 145 27.40 0.39 47.28
N GLY L 146 26.27 -0.29 47.44
CA GLY L 146 25.44 -0.13 48.63
C GLY L 146 25.53 -1.33 49.54
N GLY L 147 24.53 -2.19 49.49
CA GLY L 147 24.49 -3.42 50.27
C GLY L 147 24.55 -4.63 49.35
N ALA L 148 25.23 -5.67 49.81
CA ALA L 148 25.39 -6.90 49.05
C ALA L 148 24.61 -8.03 49.72
N VAL L 149 23.78 -8.71 48.92
CA VAL L 149 22.98 -9.84 49.39
C VAL L 149 23.42 -11.06 48.61
N THR L 150 23.81 -12.12 49.32
CA THR L 150 24.34 -13.32 48.71
C THR L 150 23.60 -14.54 49.25
N THR L 151 23.18 -15.43 48.34
CA THR L 151 22.56 -16.69 48.69
C THR L 151 23.19 -17.81 47.89
N SER L 152 23.27 -18.99 48.49
CA SER L 152 23.88 -20.14 47.86
C SER L 152 23.01 -21.37 48.11
N PHE L 153 23.15 -22.37 47.24
CA PHE L 153 22.36 -23.58 47.35
C PHE L 153 23.06 -24.70 46.59
N ASP L 154 23.06 -25.90 47.19
CA ASP L 154 23.61 -27.10 46.57
C ASP L 154 22.47 -27.83 45.89
N ILE L 155 22.36 -27.67 44.56
CA ILE L 155 21.25 -28.26 43.83
C ILE L 155 21.34 -29.78 43.82
N LYS L 156 22.52 -30.31 43.49
CA LYS L 156 22.68 -31.76 43.42
C LYS L 156 22.56 -32.39 44.81
N GLY L 157 23.16 -31.77 45.82
CA GLY L 157 23.09 -32.27 47.17
C GLY L 157 21.83 -31.93 47.92
N ASN L 158 20.93 -31.17 47.30
CA ASN L 158 19.66 -30.78 47.92
C ASN L 158 19.86 -30.04 49.24
#